data_5U16
#
_entry.id   5U16
#
_cell.length_a   216.440
_cell.length_b   69.850
_cell.length_c   143.120
_cell.angle_alpha   90.000
_cell.angle_beta   104.350
_cell.angle_gamma   90.000
#
_symmetry.space_group_name_H-M   'C 1 2 1'
#
loop_
_entity.id
_entity.type
_entity.pdbx_description
1 polymer 'Major histocompatibility complex class I-related gene protein'
2 polymer Beta-2-microglobulin
3 polymer 'MAIT T-cell receptor alpha chain'
4 polymer 'MAIT T-cell receptor beta chain'
5 non-polymer 2-hydroxynaphthalene-1-carbaldehyde
6 non-polymer GLYCEROL
7 non-polymer 'CHLORIDE ION'
8 non-polymer 'SODIUM ION'
9 water water
#
loop_
_entity_poly.entity_id
_entity_poly.type
_entity_poly.pdbx_seq_one_letter_code
_entity_poly.pdbx_strand_id
1 'polypeptide(L)'
;MRTHSLRYFRLGVSDPIHGVPEFISVGYVDSHPITTYDSVTRQKEPRAPWMAENLAPDHWERYTQLLRGWQQMFKVELKR
LQRHYNHSGSHTYQRMIGCELLEDGSTTGFLQYAYDGQDFLIFNKDTLSWLAVDNVAHTIKQAWEANQHELLYQKNWLEE
ECIAWLKRFLEYGKDTLQRTEPPLVRVNRKETFPGVTALFCKAHGFYPPEIYMTWMKNGEEIVQEIDYGDILPSGDGTYQ
AWASIELDPQSSNLYSCHVEHSGVHMVLQVP
;
A,C
2 'polypeptide(L)'
;IQRTPKIQVYSRHPAENGKSNFLNCYVSGFHPSDIEVDLLKNGERIEKVEHSDLSFSKDWSFYLLYYTEFTPTEKDEYAC
RVNHVTLSQPKIVKWDRDM
;
B,D
3 'polypeptide(L)'
;GQNIDQPTEMTATEGAIVQINCTYQTSGFNGLFWYQQHAGEAPTFLSYNVLDGLEEKGRFSSFLSRSKGYSYLLLKELQM
KDSASYLCAVKDSNYQLIWGAGTKLIIKPDIQNPDPAVYQLRDSKSSDKSVCLFTDFDSQTNVSQSKDSDVYITDKCVLD
MRSMDFKSNSAVAWSNKSDFACANAFNNSIIPEDTFFPSPESS
;
E,G
4 'polypeptide(L)'
;NAGVTQTPKFQVLKTGQSMTLQCAQDMNHNSMYWYRQDPGMGLRLIYYSASEGTTDKGEVPNGYNVSRLNKREFSLRLES
AAPSQTSVYFCASSVWTGEGSGELFFGEGSRLTVLEDLKNVFPPEVAVFEPSEAEISHTQKATLVCLATGFYPDHVELSW
WVNGKEVHSGVCTDPQPLKEQPALNDSRYALSSRLRVSATFWQNPRNHFRCQVQFYGLSENDEWTQDRAKPVTQIVSAEA
WGRAD
;
F,H
#
# COMPACT_ATOMS: atom_id res chain seq x y z
N MET A 1 6.48 -65.85 8.60
CA MET A 1 5.49 -65.05 9.31
C MET A 1 4.09 -65.61 9.07
N ARG A 2 3.24 -65.58 10.09
CA ARG A 2 1.86 -66.00 9.90
C ARG A 2 1.04 -64.78 9.46
N THR A 3 -0.26 -64.96 9.23
CA THR A 3 -1.13 -63.86 8.77
C THR A 3 -1.26 -62.73 9.79
N HIS A 4 -1.25 -61.48 9.32
CA HIS A 4 -1.43 -60.33 10.18
C HIS A 4 -2.36 -59.34 9.48
N SER A 5 -3.03 -58.50 10.25
CA SER A 5 -3.96 -57.53 9.67
C SER A 5 -3.80 -56.18 10.37
N LEU A 6 -4.12 -55.12 9.64
CA LEU A 6 -4.22 -53.75 10.15
C LEU A 6 -5.65 -53.27 9.85
N ARG A 7 -6.34 -52.74 10.86
CA ARG A 7 -7.75 -52.34 10.73
C ARG A 7 -7.93 -51.03 11.47
N TYR A 8 -8.56 -50.04 10.83
CA TYR A 8 -8.87 -48.78 11.48
CA TYR A 8 -8.87 -48.80 11.51
C TYR A 8 -10.37 -48.58 11.49
N PHE A 9 -10.91 -48.30 12.67
CA PHE A 9 -12.33 -48.11 12.85
C PHE A 9 -12.66 -46.67 13.23
N ARG A 10 -13.79 -46.19 12.75
CA ARG A 10 -14.39 -44.97 13.24
C ARG A 10 -15.80 -45.24 13.72
N LEU A 11 -16.19 -44.58 14.80
CA LEU A 11 -17.57 -44.57 15.27
C LEU A 11 -18.09 -43.14 15.44
N GLY A 12 -19.24 -42.83 14.85
CA GLY A 12 -19.93 -41.57 15.08
C GLY A 12 -21.31 -41.83 15.65
N VAL A 13 -21.72 -41.01 16.62
CA VAL A 13 -23.02 -41.15 17.28
C VAL A 13 -23.69 -39.77 17.19
N SER A 14 -24.95 -39.73 16.75
CA SER A 14 -25.56 -38.44 16.40
C SER A 14 -26.18 -37.69 17.56
N ASP A 15 -26.58 -38.38 18.61
CA ASP A 15 -27.17 -37.63 19.71
C ASP A 15 -26.75 -38.24 21.02
N PRO A 16 -25.42 -38.28 21.28
CA PRO A 16 -24.91 -39.11 22.39
C PRO A 16 -25.35 -38.62 23.74
N ILE A 17 -25.61 -39.55 24.67
CA ILE A 17 -25.91 -39.19 26.06
C ILE A 17 -24.72 -38.45 26.65
N HIS A 18 -24.96 -37.78 27.77
CA HIS A 18 -23.99 -36.91 28.43
C HIS A 18 -22.59 -37.50 28.60
N GLY A 19 -21.59 -36.72 28.18
CA GLY A 19 -20.19 -37.11 28.33
C GLY A 19 -19.64 -38.13 27.34
N VAL A 20 -20.53 -38.90 26.71
CA VAL A 20 -20.10 -39.98 25.80
C VAL A 20 -19.69 -39.33 24.46
N PRO A 21 -18.51 -39.71 23.92
CA PRO A 21 -17.99 -39.08 22.70
C PRO A 21 -18.90 -39.23 21.50
N GLU A 22 -19.01 -38.19 20.68
CA GLU A 22 -19.78 -38.31 19.45
C GLU A 22 -18.93 -39.02 18.40
N PHE A 23 -17.62 -39.03 18.62
CA PHE A 23 -16.70 -39.63 17.64
C PHE A 23 -15.54 -40.32 18.35
N ILE A 24 -15.24 -41.55 17.90
CA ILE A 24 -14.12 -42.36 18.40
C ILE A 24 -13.45 -43.06 17.23
N SER A 25 -12.13 -43.08 17.23
CA SER A 25 -11.39 -43.80 16.19
C SER A 25 -10.26 -44.60 16.83
N VAL A 26 -10.20 -45.89 16.49
CA VAL A 26 -9.20 -46.80 17.04
C VAL A 26 -8.61 -47.69 15.93
N GLY A 27 -7.28 -47.84 15.92
CA GLY A 27 -6.64 -48.78 15.02
C GLY A 27 -6.19 -50.06 15.76
N TYR A 28 -6.08 -51.17 15.03
CA TYR A 28 -5.64 -52.48 15.54
C TYR A 28 -4.58 -53.12 14.63
N VAL A 29 -3.58 -53.77 15.21
CA VAL A 29 -2.80 -54.73 14.46
C VAL A 29 -3.21 -56.09 15.05
N ASP A 30 -3.76 -56.99 14.24
CA ASP A 30 -4.36 -58.23 14.74
C ASP A 30 -5.36 -57.86 15.84
N SER A 31 -5.28 -58.49 17.01
CA SER A 31 -6.20 -58.12 18.09
C SER A 31 -5.71 -56.96 18.99
N HIS A 32 -4.57 -56.36 18.66
CA HIS A 32 -3.98 -55.34 19.53
C HIS A 32 -4.36 -53.91 19.16
N PRO A 33 -4.99 -53.17 20.08
CA PRO A 33 -5.19 -51.73 19.78
C PRO A 33 -3.84 -51.04 19.66
N ILE A 34 -3.67 -50.15 18.67
CA ILE A 34 -2.41 -49.45 18.51
C ILE A 34 -2.51 -47.93 18.59
N THR A 35 -3.67 -47.38 18.22
CA THR A 35 -3.89 -45.92 18.24
C THR A 35 -5.32 -45.60 18.66
N THR A 36 -5.50 -44.41 19.25
CA THR A 36 -6.84 -43.97 19.60
C THR A 36 -6.99 -42.44 19.47
N TYR A 37 -8.22 -42.04 19.22
CA TYR A 37 -8.62 -40.65 19.13
C TYR A 37 -10.09 -40.59 19.48
N ASP A 38 -10.52 -39.57 20.22
CA ASP A 38 -11.94 -39.30 20.27
C ASP A 38 -12.24 -37.80 20.40
N SER A 39 -13.52 -37.46 20.28
CA SER A 39 -13.95 -36.07 20.24
C SER A 39 -13.84 -35.36 21.60
N VAL A 40 -13.57 -36.12 22.65
CA VAL A 40 -13.43 -35.51 23.97
C VAL A 40 -11.98 -35.12 24.21
N THR A 41 -11.05 -36.04 23.99
CA THR A 41 -9.64 -35.70 24.15
C THR A 41 -9.15 -34.80 23.01
N ARG A 42 -9.68 -35.00 21.81
CA ARG A 42 -9.23 -34.34 20.58
C ARG A 42 -7.71 -34.52 20.34
N GLN A 43 -7.18 -35.66 20.82
CA GLN A 43 -5.76 -35.97 20.68
C GLN A 43 -5.55 -37.37 20.12
N LYS A 44 -4.59 -37.54 19.20
CA LYS A 44 -4.21 -38.88 18.77
C LYS A 44 -3.20 -39.44 19.74
N GLU A 45 -3.45 -40.65 20.23
CA GLU A 45 -2.58 -41.25 21.23
C GLU A 45 -2.28 -42.72 20.93
N PRO A 46 -1.08 -43.19 21.31
CA PRO A 46 -0.77 -44.62 21.16
C PRO A 46 -1.59 -45.45 22.12
N ARG A 47 -1.86 -46.71 21.75
CA ARG A 47 -2.52 -47.65 22.63
C ARG A 47 -1.65 -48.89 22.88
N ALA A 48 -0.42 -48.88 22.36
CA ALA A 48 0.53 -49.96 22.61
C ALA A 48 1.85 -49.29 22.87
N PRO A 49 2.60 -49.79 23.84
CA PRO A 49 3.89 -49.16 24.16
C PRO A 49 4.88 -49.19 23.00
N TRP A 50 4.83 -50.25 22.19
CA TRP A 50 5.74 -50.32 21.05
C TRP A 50 5.32 -49.33 19.92
N MET A 51 4.11 -48.80 19.97
CA MET A 51 3.74 -47.70 19.07
C MET A 51 4.31 -46.39 19.61
N ALA A 52 4.09 -46.14 20.90
CA ALA A 52 4.59 -44.94 21.55
C ALA A 52 6.10 -44.82 21.40
N GLU A 53 6.81 -45.92 21.58
CA GLU A 53 8.26 -45.91 21.55
C GLU A 53 8.89 -45.74 20.19
N ASN A 54 8.12 -45.95 19.12
CA ASN A 54 8.71 -45.93 17.78
C ASN A 54 8.22 -44.80 16.92
N LEU A 55 7.24 -44.05 17.41
CA LEU A 55 6.69 -42.93 16.67
C LEU A 55 6.88 -41.64 17.46
N ALA A 56 7.60 -40.70 16.86
CA ALA A 56 7.98 -39.42 17.48
C ALA A 56 6.78 -38.47 17.69
N PRO A 57 6.95 -37.43 18.54
CA PRO A 57 5.81 -36.54 18.79
C PRO A 57 5.22 -35.88 17.53
N ASP A 58 6.00 -35.66 16.48
CA ASP A 58 5.45 -34.99 15.30
C ASP A 58 4.48 -35.91 14.56
N HIS A 59 4.62 -37.22 14.74
CA HIS A 59 3.65 -38.14 14.18
C HIS A 59 2.32 -37.93 14.85
N TRP A 60 2.31 -37.96 16.18
CA TRP A 60 1.06 -37.80 16.93
C TRP A 60 0.42 -36.42 16.70
N GLU A 61 1.26 -35.40 16.51
CA GLU A 61 0.75 -34.05 16.32
C GLU A 61 0.00 -33.97 14.99
N ARG A 62 0.60 -34.57 13.98
CA ARG A 62 0.04 -34.55 12.63
C ARG A 62 -1.28 -35.35 12.56
N TYR A 63 -1.31 -36.55 13.12
CA TYR A 63 -2.54 -37.36 13.09
C TYR A 63 -3.60 -36.78 14.02
N THR A 64 -3.19 -36.04 15.03
CA THR A 64 -4.15 -35.27 15.82
C THR A 64 -4.93 -34.27 14.92
N GLN A 65 -4.21 -33.54 14.07
CA GLN A 65 -4.85 -32.59 13.17
C GLN A 65 -5.72 -33.33 12.13
N LEU A 66 -5.20 -34.45 11.61
CA LEU A 66 -5.93 -35.22 10.60
C LEU A 66 -7.23 -35.74 11.19
N LEU A 67 -7.16 -36.27 12.42
CA LEU A 67 -8.35 -36.88 13.04
C LEU A 67 -9.37 -35.82 13.44
N ARG A 68 -8.91 -34.63 13.85
CA ARG A 68 -9.86 -33.54 14.11
C ARG A 68 -10.67 -33.22 12.84
N GLY A 69 -10.02 -33.23 11.69
CA GLY A 69 -10.70 -33.04 10.41
C GLY A 69 -11.63 -34.21 10.07
N TRP A 70 -11.16 -35.43 10.29
CA TRP A 70 -11.94 -36.61 9.97
C TRP A 70 -13.16 -36.69 10.87
N GLN A 71 -13.01 -36.22 12.11
CA GLN A 71 -14.15 -36.16 13.02
C GLN A 71 -15.27 -35.27 12.44
N GLN A 72 -14.90 -34.10 11.92
CA GLN A 72 -15.91 -33.17 11.40
C GLN A 72 -16.59 -33.77 10.17
N MET A 73 -15.79 -34.39 9.31
CA MET A 73 -16.31 -35.01 8.11
C MET A 73 -17.27 -36.17 8.42
N PHE A 74 -16.95 -36.93 9.48
CA PHE A 74 -17.83 -38.02 9.88
C PHE A 74 -19.18 -37.48 10.37
N LYS A 75 -19.12 -36.40 11.13
CA LYS A 75 -20.32 -35.73 11.61
C LYS A 75 -21.22 -35.28 10.44
N VAL A 76 -20.60 -34.64 9.45
CA VAL A 76 -21.32 -34.17 8.25
C VAL A 76 -21.94 -35.35 7.48
N GLU A 77 -21.20 -36.45 7.36
CA GLU A 77 -21.71 -37.64 6.68
C GLU A 77 -22.89 -38.27 7.41
N LEU A 78 -22.80 -38.37 8.73
CA LEU A 78 -23.86 -38.97 9.52
C LEU A 78 -25.13 -38.11 9.48
N LYS A 79 -24.91 -36.81 9.59
CA LYS A 79 -26.00 -35.83 9.50
C LYS A 79 -26.77 -36.03 8.17
N ARG A 80 -26.02 -36.22 7.08
CA ARG A 80 -26.61 -36.45 5.76
C ARG A 80 -27.39 -37.79 5.72
N LEU A 81 -26.81 -38.86 6.25
CA LEU A 81 -27.54 -40.13 6.26
C LEU A 81 -28.83 -40.08 7.08
N GLN A 82 -28.76 -39.50 8.27
CA GLN A 82 -29.92 -39.51 9.17
C GLN A 82 -31.04 -38.65 8.55
N ARG A 83 -30.65 -37.60 7.85
CA ARG A 83 -31.60 -36.79 7.11
C ARG A 83 -32.30 -37.58 6.01
N HIS A 84 -31.54 -38.38 5.27
CA HIS A 84 -32.10 -39.12 4.14
C HIS A 84 -32.95 -40.32 4.58
N TYR A 85 -32.61 -40.89 5.74
CA TYR A 85 -33.43 -41.94 6.32
C TYR A 85 -34.67 -41.39 7.01
N ASN A 86 -34.70 -40.07 7.21
CA ASN A 86 -35.78 -39.40 7.94
C ASN A 86 -35.91 -40.01 9.34
N HIS A 87 -34.77 -40.16 10.02
CA HIS A 87 -34.68 -40.80 11.34
C HIS A 87 -34.50 -39.79 12.46
N SER A 88 -35.24 -39.96 13.55
CA SER A 88 -35.01 -39.10 14.71
C SER A 88 -34.18 -39.85 15.74
N GLY A 89 -33.78 -39.14 16.79
CA GLY A 89 -33.05 -39.72 17.91
C GLY A 89 -31.60 -40.00 17.55
N SER A 90 -30.97 -40.86 18.33
CA SER A 90 -29.54 -41.13 18.17
C SER A 90 -29.29 -42.34 17.28
N HIS A 91 -28.40 -42.14 16.31
CA HIS A 91 -28.03 -43.20 15.38
C HIS A 91 -26.52 -43.24 15.22
N THR A 92 -26.00 -44.35 14.72
CA THR A 92 -24.56 -44.56 14.65
C THR A 92 -24.12 -44.78 13.23
N TYR A 93 -22.87 -44.37 12.99
CA TYR A 93 -22.25 -44.46 11.71
C TYR A 93 -20.89 -45.06 11.95
N GLN A 94 -20.50 -46.04 11.15
CA GLN A 94 -19.18 -46.65 11.35
C GLN A 94 -18.46 -46.85 10.07
N ARG A 95 -17.14 -46.84 10.18
CA ARG A 95 -16.24 -47.12 9.09
C ARG A 95 -15.19 -48.12 9.51
N MET A 96 -14.81 -48.98 8.59
CA MET A 96 -13.69 -49.84 8.87
C MET A 96 -12.84 -49.99 7.63
N ILE A 97 -11.54 -49.74 7.78
CA ILE A 97 -10.65 -49.91 6.64
C ILE A 97 -9.48 -50.75 7.06
N GLY A 98 -8.88 -51.49 6.13
CA GLY A 98 -7.69 -52.22 6.49
C GLY A 98 -7.20 -53.21 5.48
N CYS A 99 -6.26 -54.06 5.87
CA CYS A 99 -5.58 -54.93 4.92
C CYS A 99 -5.06 -56.13 5.68
N GLU A 100 -4.82 -57.22 4.98
CA GLU A 100 -4.17 -58.37 5.59
C GLU A 100 -2.98 -58.75 4.75
N LEU A 101 -1.91 -59.16 5.44
CA LEU A 101 -0.76 -59.74 4.81
C LEU A 101 -0.74 -61.23 5.15
N LEU A 102 -1.05 -62.09 4.18
CA LEU A 102 -1.18 -63.52 4.47
C LEU A 102 0.17 -64.21 4.54
N GLU A 103 0.15 -65.38 5.16
CA GLU A 103 1.36 -66.18 5.31
C GLU A 103 2.05 -66.44 3.97
N ASP A 104 1.25 -66.75 2.94
CA ASP A 104 1.78 -67.09 1.62
C ASP A 104 2.25 -65.87 0.82
N GLY A 105 2.10 -64.67 1.38
CA GLY A 105 2.64 -63.47 0.76
C GLY A 105 1.61 -62.63 0.02
N SER A 106 0.43 -63.20 -0.18
CA SER A 106 -0.69 -62.49 -0.81
C SER A 106 -1.32 -61.44 0.12
N THR A 107 -2.12 -60.54 -0.44
CA THR A 107 -2.71 -59.49 0.37
C THR A 107 -4.20 -59.36 0.11
N THR A 108 -4.92 -58.82 1.08
CA THR A 108 -6.30 -58.42 0.90
C THR A 108 -6.44 -56.99 1.43
N GLY A 109 -7.49 -56.29 1.00
CA GLY A 109 -7.76 -54.95 1.45
C GLY A 109 -9.25 -54.69 1.42
N PHE A 110 -9.75 -53.91 2.35
CA PHE A 110 -11.19 -53.76 2.48
C PHE A 110 -11.52 -52.38 3.06
N LEU A 111 -12.70 -51.87 2.73
CA LEU A 111 -13.18 -50.56 3.19
C LEU A 111 -14.70 -50.64 3.16
N GLN A 112 -15.33 -50.40 4.30
CA GLN A 112 -16.77 -50.52 4.34
C GLN A 112 -17.32 -49.61 5.42
N TYR A 113 -18.62 -49.33 5.31
CA TYR A 113 -19.34 -48.46 6.23
C TYR A 113 -20.58 -49.16 6.75
N ALA A 114 -21.03 -48.71 7.91
CA ALA A 114 -22.24 -49.20 8.51
C ALA A 114 -23.09 -48.09 9.09
N TYR A 115 -24.40 -48.29 9.05
CA TYR A 115 -25.32 -47.37 9.72
C TYR A 115 -26.18 -48.18 10.70
N ASP A 116 -26.23 -47.72 11.95
CA ASP A 116 -26.88 -48.45 13.04
C ASP A 116 -26.40 -49.91 13.14
N GLY A 117 -25.12 -50.11 12.87
CA GLY A 117 -24.48 -51.41 13.07
C GLY A 117 -24.69 -52.41 11.95
N GLN A 118 -25.25 -51.98 10.82
CA GLN A 118 -25.48 -52.88 9.68
C GLN A 118 -24.75 -52.37 8.45
N ASP A 119 -24.23 -53.28 7.63
CA ASP A 119 -23.56 -52.89 6.37
C ASP A 119 -24.37 -51.80 5.68
N PHE A 120 -23.67 -50.80 5.19
CA PHE A 120 -24.29 -49.67 4.50
C PHE A 120 -23.66 -49.54 3.11
N LEU A 121 -22.34 -49.43 3.07
CA LEU A 121 -21.58 -49.39 1.82
C LEU A 121 -20.31 -50.22 1.90
N ILE A 122 -20.02 -50.95 0.83
CA ILE A 122 -18.85 -51.81 0.80
C ILE A 122 -18.03 -51.62 -0.47
N PHE A 123 -16.75 -51.29 -0.32
CA PHE A 123 -15.89 -50.98 -1.47
C PHE A 123 -15.35 -52.26 -2.10
N ASN A 124 -15.41 -52.31 -3.42
CA ASN A 124 -14.75 -53.35 -4.19
C ASN A 124 -13.57 -52.71 -4.95
N LYS A 125 -12.35 -52.93 -4.48
CA LYS A 125 -11.19 -52.31 -5.10
C LYS A 125 -10.76 -52.99 -6.40
N ASP A 126 -11.41 -54.08 -6.77
CA ASP A 126 -11.05 -54.74 -8.02
C ASP A 126 -11.94 -54.28 -9.16
N THR A 127 -13.20 -54.00 -8.84
CA THR A 127 -14.09 -53.49 -9.85
C THR A 127 -14.20 -51.98 -9.71
N LEU A 128 -13.55 -51.43 -8.67
CA LEU A 128 -13.59 -50.00 -8.41
C LEU A 128 -15.02 -49.50 -8.33
N SER A 129 -15.80 -50.11 -7.45
CA SER A 129 -17.18 -49.70 -7.26
C SER A 129 -17.65 -49.88 -5.81
N TRP A 130 -18.74 -49.22 -5.47
CA TRP A 130 -19.34 -49.37 -4.15
C TRP A 130 -20.63 -50.19 -4.21
N LEU A 131 -20.77 -51.16 -3.30
CA LEU A 131 -22.01 -51.90 -3.16
C LEU A 131 -22.92 -51.19 -2.15
N ALA A 132 -24.13 -50.83 -2.58
CA ALA A 132 -25.09 -50.13 -1.73
C ALA A 132 -26.21 -51.06 -1.28
N VAL A 133 -26.53 -51.04 0.01
CA VAL A 133 -27.52 -51.96 0.54
C VAL A 133 -28.96 -51.46 0.42
N ASP A 134 -29.14 -50.14 0.22
CA ASP A 134 -30.47 -49.57 0.14
C ASP A 134 -30.38 -48.25 -0.62
N ASN A 135 -31.46 -47.51 -0.74
CA ASN A 135 -31.45 -46.32 -1.62
C ASN A 135 -30.75 -45.11 -1.05
N VAL A 136 -30.64 -45.05 0.27
CA VAL A 136 -29.85 -43.98 0.89
C VAL A 136 -28.38 -44.25 0.52
N ALA A 137 -27.92 -45.48 0.71
CA ALA A 137 -26.56 -45.84 0.31
C ALA A 137 -26.36 -45.66 -1.21
N HIS A 138 -27.42 -45.89 -1.97
CA HIS A 138 -27.33 -45.79 -3.41
C HIS A 138 -27.01 -44.33 -3.86
N THR A 139 -27.64 -43.37 -3.20
CA THR A 139 -27.36 -41.96 -3.48
C THR A 139 -25.89 -41.66 -3.18
N ILE A 140 -25.39 -42.16 -2.06
CA ILE A 140 -24.00 -41.92 -1.69
C ILE A 140 -23.04 -42.62 -2.68
N LYS A 141 -23.36 -43.86 -3.04
CA LYS A 141 -22.61 -44.58 -4.07
C LYS A 141 -22.46 -43.72 -5.34
N GLN A 142 -23.58 -43.18 -5.83
CA GLN A 142 -23.55 -42.36 -7.04
C GLN A 142 -22.58 -41.18 -6.88
N ALA A 143 -22.63 -40.52 -5.71
CA ALA A 143 -21.75 -39.38 -5.46
C ALA A 143 -20.28 -39.80 -5.36
N TRP A 144 -20.01 -40.88 -4.63
CA TRP A 144 -18.63 -41.32 -4.44
C TRP A 144 -18.02 -41.84 -5.74
N GLU A 145 -18.86 -42.43 -6.59
CA GLU A 145 -18.37 -43.03 -7.81
C GLU A 145 -18.20 -41.98 -8.92
N ALA A 146 -18.74 -40.79 -8.71
CA ALA A 146 -18.66 -39.76 -9.74
C ALA A 146 -17.22 -39.29 -9.97
N ASN A 147 -16.39 -39.35 -8.93
CA ASN A 147 -14.98 -38.99 -9.08
C ASN A 147 -14.13 -40.22 -9.11
N GLN A 148 -13.80 -40.68 -10.31
CA GLN A 148 -13.02 -41.88 -10.51
C GLN A 148 -11.73 -41.82 -9.69
N HIS A 149 -11.13 -40.64 -9.56
CA HIS A 149 -9.86 -40.48 -8.86
C HIS A 149 -9.92 -40.97 -7.42
N GLU A 150 -11.05 -40.76 -6.78
CA GLU A 150 -11.23 -41.12 -5.39
C GLU A 150 -11.24 -42.65 -5.21
N LEU A 151 -11.76 -43.35 -6.22
CA LEU A 151 -11.77 -44.80 -6.20
C LEU A 151 -10.35 -45.32 -6.39
N LEU A 152 -9.63 -44.73 -7.35
CA LEU A 152 -8.24 -45.11 -7.63
C LEU A 152 -7.36 -44.90 -6.38
N TYR A 153 -7.57 -43.77 -5.72
CA TYR A 153 -6.85 -43.44 -4.49
C TYR A 153 -7.04 -44.51 -3.41
N GLN A 154 -8.28 -44.97 -3.23
CA GLN A 154 -8.55 -45.98 -2.21
C GLN A 154 -7.93 -47.33 -2.59
N LYS A 155 -7.96 -47.68 -3.88
CA LYS A 155 -7.29 -48.90 -4.31
C LYS A 155 -5.82 -48.83 -3.97
N ASN A 156 -5.15 -47.76 -4.39
CA ASN A 156 -3.74 -47.57 -4.01
C ASN A 156 -3.51 -47.64 -2.51
N TRP A 157 -4.37 -46.98 -1.74
CA TRP A 157 -4.12 -46.91 -0.30
C TRP A 157 -4.25 -48.30 0.31
N LEU A 158 -5.26 -49.05 -0.11
CA LEU A 158 -5.51 -50.39 0.46
C LEU A 158 -4.41 -51.36 0.03
N GLU A 159 -4.00 -51.28 -1.23
CA GLU A 159 -3.04 -52.25 -1.73
C GLU A 159 -1.59 -51.87 -1.42
N GLU A 160 -1.25 -50.57 -1.36
CA GLU A 160 0.16 -50.23 -1.15
C GLU A 160 0.41 -49.61 0.24
N GLU A 161 -0.28 -48.53 0.56
CA GLU A 161 -0.04 -47.81 1.82
C GLU A 161 -0.36 -48.66 3.07
N CYS A 162 -1.52 -49.29 3.06
CA CYS A 162 -1.99 -50.06 4.21
C CYS A 162 -1.01 -51.17 4.51
N ILE A 163 -0.57 -51.89 3.48
CA ILE A 163 0.35 -53.00 3.65
C ILE A 163 1.70 -52.48 4.17
N ALA A 164 2.13 -51.31 3.70
CA ALA A 164 3.39 -50.74 4.18
C ALA A 164 3.32 -50.31 5.65
N TRP A 165 2.19 -49.73 6.06
CA TRP A 165 1.98 -49.40 7.46
C TRP A 165 2.04 -50.67 8.32
N LEU A 166 1.31 -51.69 7.88
CA LEU A 166 1.21 -52.97 8.59
C LEU A 166 2.60 -53.54 8.81
N LYS A 167 3.41 -53.58 7.75
CA LYS A 167 4.75 -54.12 7.87
C LYS A 167 5.58 -53.29 8.81
N ARG A 168 5.40 -51.97 8.77
CA ARG A 168 6.12 -51.06 9.66
C ARG A 168 5.78 -51.38 11.12
N PHE A 169 4.49 -51.51 11.41
CA PHE A 169 4.06 -51.76 12.79
C PHE A 169 4.41 -53.18 13.28
N LEU A 170 4.42 -54.15 12.36
CA LEU A 170 4.77 -55.52 12.68
C LEU A 170 6.21 -55.57 13.18
N GLU A 171 7.07 -54.76 12.59
CA GLU A 171 8.46 -54.72 13.03
C GLU A 171 8.56 -54.00 14.38
N TYR A 172 7.89 -52.86 14.54
CA TYR A 172 7.85 -52.14 15.83
C TYR A 172 7.41 -53.10 16.94
N GLY A 173 6.33 -53.84 16.69
CA GLY A 173 5.79 -54.73 17.73
C GLY A 173 6.23 -56.18 17.68
N LYS A 174 7.36 -56.44 17.04
CA LYS A 174 7.88 -57.79 16.81
C LYS A 174 7.83 -58.76 18.03
N ASP A 175 8.31 -58.27 19.17
CA ASP A 175 8.42 -59.10 20.36
C ASP A 175 7.07 -59.51 20.89
N THR A 176 6.04 -58.73 20.57
CA THR A 176 4.69 -59.07 20.98
C THR A 176 3.99 -59.90 19.92
N LEU A 177 3.96 -59.35 18.71
CA LEU A 177 3.09 -59.87 17.63
C LEU A 177 3.61 -61.14 17.00
N GLN A 178 4.91 -61.40 17.06
CA GLN A 178 5.43 -62.55 16.31
C GLN A 178 5.84 -63.66 17.26
N ARG A 179 5.55 -63.50 18.54
CA ARG A 179 5.89 -64.55 19.54
C ARG A 179 4.89 -65.70 19.52
N THR A 180 5.24 -66.79 20.19
CA THR A 180 4.33 -67.92 20.34
C THR A 180 4.32 -68.40 21.79
N GLU A 181 3.15 -68.46 22.39
CA GLU A 181 3.02 -69.14 23.69
C GLU A 181 2.08 -70.33 23.47
N PRO A 182 2.60 -71.55 23.54
CA PRO A 182 1.73 -72.71 23.27
C PRO A 182 0.60 -72.85 24.32
N PRO A 183 -0.52 -73.44 23.93
CA PRO A 183 -1.61 -73.68 24.89
C PRO A 183 -1.33 -74.78 25.94
N LEU A 184 -1.82 -74.61 27.16
CA LEU A 184 -1.98 -75.70 28.13
C LEU A 184 -3.38 -76.25 27.94
N VAL A 185 -3.49 -77.55 27.68
CA VAL A 185 -4.75 -78.16 27.30
C VAL A 185 -5.07 -79.34 28.23
N ARG A 186 -6.31 -79.39 28.71
CA ARG A 186 -6.77 -80.46 29.62
C ARG A 186 -8.18 -80.88 29.21
N VAL A 187 -8.61 -82.05 29.67
CA VAL A 187 -9.98 -82.48 29.47
C VAL A 187 -10.67 -82.70 30.83
N ASN A 188 -11.81 -82.04 30.99
CA ASN A 188 -12.69 -82.13 32.16
C ASN A 188 -13.98 -82.84 31.78
N ARG A 189 -14.61 -83.44 32.79
CA ARG A 189 -15.85 -84.17 32.61
C ARG A 189 -16.87 -83.48 33.52
N LYS A 190 -18.09 -83.29 33.03
CA LYS A 190 -19.12 -82.57 33.81
C LYS A 190 -20.53 -83.02 33.44
N VAL A 196 -27.06 -86.29 31.82
CA VAL A 196 -26.29 -86.00 30.61
C VAL A 196 -24.93 -85.36 30.94
N THR A 197 -23.86 -86.11 30.71
CA THR A 197 -22.49 -85.66 30.98
C THR A 197 -21.72 -85.26 29.71
N ALA A 198 -21.05 -84.11 29.80
CA ALA A 198 -20.27 -83.57 28.70
C ALA A 198 -18.76 -83.64 28.96
N LEU A 199 -17.96 -83.86 27.91
CA LEU A 199 -16.50 -83.76 28.03
C LEU A 199 -16.09 -82.37 27.58
N PHE A 200 -15.34 -81.68 28.44
CA PHE A 200 -14.84 -80.35 28.11
C PHE A 200 -13.35 -80.41 27.82
N CYS A 201 -12.98 -79.89 26.66
CA CYS A 201 -11.58 -79.70 26.33
C CYS A 201 -11.23 -78.23 26.50
N LYS A 202 -10.30 -77.95 27.41
CA LYS A 202 -10.01 -76.56 27.75
C LYS A 202 -8.57 -76.19 27.46
N ALA A 203 -8.38 -75.05 26.81
CA ALA A 203 -7.03 -74.54 26.54
C ALA A 203 -6.87 -73.17 27.17
N HIS A 204 -5.69 -72.91 27.71
CA HIS A 204 -5.40 -71.56 28.17
C HIS A 204 -3.92 -71.25 28.02
N GLY A 205 -3.58 -69.99 28.23
CA GLY A 205 -2.21 -69.53 28.23
C GLY A 205 -1.60 -69.29 26.85
N PHE A 206 -2.40 -69.26 25.79
CA PHE A 206 -1.80 -69.27 24.48
C PHE A 206 -1.79 -67.90 23.76
N TYR A 207 -0.83 -67.75 22.87
CA TYR A 207 -0.72 -66.59 21.96
C TYR A 207 -0.01 -67.09 20.71
N PRO A 208 -0.47 -66.69 19.50
CA PRO A 208 -1.58 -65.79 19.17
C PRO A 208 -2.97 -66.34 19.52
N PRO A 209 -4.02 -65.50 19.43
CA PRO A 209 -5.36 -65.99 19.79
C PRO A 209 -5.95 -67.03 18.82
N GLU A 210 -5.49 -67.06 17.56
CA GLU A 210 -6.01 -68.03 16.59
C GLU A 210 -5.67 -69.48 16.99
N ILE A 211 -6.71 -70.27 17.23
CA ILE A 211 -6.55 -71.68 17.68
C ILE A 211 -7.73 -72.48 17.14
N TYR A 212 -7.50 -73.75 16.84
CA TYR A 212 -8.58 -74.62 16.38
C TYR A 212 -8.69 -75.77 17.36
N MET A 213 -9.89 -75.94 17.93
CA MET A 213 -10.18 -76.99 18.88
C MET A 213 -11.42 -77.73 18.42
N THR A 214 -11.36 -79.05 18.40
CA THR A 214 -12.53 -79.83 18.05
C THR A 214 -12.44 -81.21 18.67
N TRP A 215 -13.58 -81.90 18.65
CA TRP A 215 -13.70 -83.24 19.18
C TRP A 215 -13.89 -84.23 18.05
N MET A 216 -13.20 -85.34 18.17
CA MET A 216 -13.33 -86.43 17.23
C MET A 216 -13.89 -87.61 18.00
N LYS A 217 -14.75 -88.38 17.34
CA LYS A 217 -15.33 -89.60 17.89
C LYS A 217 -14.95 -90.77 17.01
N ASN A 218 -14.20 -91.71 17.55
CA ASN A 218 -13.69 -92.85 16.78
C ASN A 218 -12.94 -92.38 15.54
N GLY A 219 -12.22 -91.26 15.67
CA GLY A 219 -11.46 -90.73 14.56
C GLY A 219 -12.25 -89.95 13.50
N GLU A 220 -13.54 -89.78 13.73
CA GLU A 220 -14.35 -88.99 12.81
C GLU A 220 -14.89 -87.73 13.50
N GLU A 221 -14.96 -86.62 12.78
CA GLU A 221 -15.43 -85.36 13.35
C GLU A 221 -16.96 -85.36 13.45
N ILE A 222 -17.49 -84.71 14.49
CA ILE A 222 -18.94 -84.65 14.70
C ILE A 222 -19.40 -83.18 14.91
N VAL A 223 -19.06 -82.33 13.95
CA VAL A 223 -19.30 -80.88 14.03
C VAL A 223 -20.69 -80.43 14.53
N GLN A 224 -21.75 -81.15 14.17
CA GLN A 224 -23.10 -80.78 14.59
C GLN A 224 -23.29 -80.97 16.10
N GLU A 225 -22.70 -82.02 16.66
CA GLU A 225 -22.82 -82.29 18.09
C GLU A 225 -21.77 -81.59 18.97
N ILE A 226 -20.88 -80.80 18.36
CA ILE A 226 -19.87 -80.09 19.16
C ILE A 226 -20.29 -78.68 19.52
N ASP A 227 -20.04 -78.30 20.76
CA ASP A 227 -20.26 -76.94 21.20
C ASP A 227 -18.92 -76.22 21.27
N TYR A 228 -18.84 -75.06 20.63
CA TYR A 228 -17.59 -74.33 20.61
C TYR A 228 -17.68 -73.09 21.48
N GLY A 229 -16.70 -72.96 22.37
CA GLY A 229 -16.54 -71.76 23.15
C GLY A 229 -15.76 -70.70 22.40
N ASP A 230 -15.99 -69.45 22.77
CA ASP A 230 -15.26 -68.32 22.21
C ASP A 230 -13.78 -68.31 22.59
N ILE A 231 -12.95 -67.72 21.74
CA ILE A 231 -11.57 -67.48 22.13
C ILE A 231 -11.57 -66.21 22.99
N LEU A 232 -11.22 -66.33 24.27
CA LEU A 232 -11.38 -65.21 25.20
C LEU A 232 -10.07 -64.68 25.75
N PRO A 233 -9.97 -63.36 25.92
CA PRO A 233 -8.76 -62.78 26.50
C PRO A 233 -8.67 -63.11 27.98
N SER A 234 -7.50 -63.57 28.45
CA SER A 234 -7.37 -63.89 29.87
C SER A 234 -6.95 -62.68 30.67
N GLY A 235 -6.52 -61.63 29.97
CA GLY A 235 -6.17 -60.39 30.63
C GLY A 235 -4.68 -60.15 30.81
N ASP A 236 -3.86 -61.17 30.51
CA ASP A 236 -2.41 -61.02 30.66
C ASP A 236 -1.70 -61.03 29.30
N GLY A 237 -2.47 -60.85 28.23
CA GLY A 237 -1.96 -60.92 26.88
C GLY A 237 -2.16 -62.28 26.21
N THR A 238 -2.62 -63.27 26.98
CA THR A 238 -2.85 -64.58 26.41
C THR A 238 -4.33 -64.90 26.38
N TYR A 239 -4.68 -66.01 25.76
CA TYR A 239 -6.08 -66.31 25.50
C TYR A 239 -6.45 -67.69 26.03
N GLN A 240 -7.75 -67.95 26.13
CA GLN A 240 -8.27 -69.23 26.55
C GLN A 240 -9.52 -69.56 25.74
N ALA A 241 -9.79 -70.85 25.62
CA ALA A 241 -10.89 -71.34 24.81
C ALA A 241 -11.27 -72.76 25.23
N TRP A 242 -12.42 -73.24 24.76
CA TRP A 242 -12.84 -74.60 25.09
C TRP A 242 -13.78 -75.14 24.00
N ALA A 243 -14.00 -76.45 24.02
CA ALA A 243 -14.99 -77.13 23.15
C ALA A 243 -15.59 -78.31 23.92
N SER A 244 -16.87 -78.61 23.71
CA SER A 244 -17.47 -79.73 24.44
C SER A 244 -18.32 -80.65 23.56
N ILE A 245 -18.50 -81.88 24.03
CA ILE A 245 -19.39 -82.85 23.39
C ILE A 245 -20.13 -83.62 24.47
N GLU A 246 -21.25 -84.21 24.09
CA GLU A 246 -22.05 -84.99 25.02
C GLU A 246 -21.77 -86.47 24.85
N LEU A 247 -21.57 -87.15 25.98
CA LEU A 247 -21.21 -88.56 25.97
C LEU A 247 -22.43 -89.46 25.75
N ASP A 248 -22.24 -90.50 24.94
CA ASP A 248 -23.27 -91.50 24.74
C ASP A 248 -23.25 -92.42 25.95
N PRO A 249 -24.30 -92.39 26.77
CA PRO A 249 -24.40 -93.22 27.98
C PRO A 249 -24.65 -94.69 27.66
N GLN A 250 -25.02 -94.99 26.42
CA GLN A 250 -25.46 -96.34 26.06
C GLN A 250 -24.39 -97.13 25.29
N SER A 251 -23.38 -96.42 24.78
CA SER A 251 -22.35 -97.04 23.97
C SER A 251 -21.00 -96.35 24.17
N SER A 252 -19.93 -97.13 24.34
CA SER A 252 -18.59 -96.54 24.48
C SER A 252 -18.08 -96.00 23.14
N ASN A 253 -17.25 -94.98 23.20
CA ASN A 253 -16.62 -94.44 22.01
C ASN A 253 -15.26 -93.89 22.34
N LEU A 254 -14.33 -93.97 21.40
CA LEU A 254 -13.05 -93.32 21.61
C LEU A 254 -13.18 -91.84 21.26
N TYR A 255 -13.17 -90.98 22.28
CA TYR A 255 -13.22 -89.55 22.01
C TYR A 255 -11.84 -88.97 22.17
N SER A 256 -11.53 -87.97 21.35
CA SER A 256 -10.28 -87.28 21.48
C SER A 256 -10.44 -85.81 21.14
N CYS A 257 -9.77 -84.98 21.92
CA CYS A 257 -9.70 -83.56 21.66
C CYS A 257 -8.48 -83.25 20.81
N HIS A 258 -8.69 -82.47 19.76
CA HIS A 258 -7.66 -82.06 18.81
C HIS A 258 -7.51 -80.55 18.86
N VAL A 259 -6.26 -80.09 19.03
CA VAL A 259 -5.99 -78.66 19.12
C VAL A 259 -4.91 -78.35 18.12
N GLU A 260 -5.12 -77.32 17.32
CA GLU A 260 -4.08 -76.84 16.44
C GLU A 260 -3.80 -75.39 16.76
N HIS A 261 -2.53 -75.09 16.95
CA HIS A 261 -2.07 -73.78 17.30
C HIS A 261 -0.67 -73.55 16.76
N SER A 262 -0.56 -72.48 15.98
CA SER A 262 0.70 -72.03 15.42
C SER A 262 1.61 -73.13 14.81
N GLY A 263 1.05 -73.96 13.93
CA GLY A 263 1.84 -74.94 13.21
C GLY A 263 2.10 -76.20 14.04
N VAL A 264 1.47 -76.34 15.20
CA VAL A 264 1.63 -77.57 16.02
C VAL A 264 0.27 -78.18 16.35
N HIS A 265 0.15 -79.49 16.21
CA HIS A 265 -1.10 -80.17 16.46
C HIS A 265 -0.96 -81.03 17.70
N MET A 266 -1.99 -81.07 18.53
CA MET A 266 -1.97 -81.96 19.69
C MET A 266 -3.27 -82.71 19.82
N VAL A 267 -3.17 -83.93 20.34
CA VAL A 267 -4.31 -84.83 20.55
C VAL A 267 -4.35 -85.30 22.00
N LEU A 268 -5.51 -85.16 22.62
CA LEU A 268 -5.73 -85.68 23.96
C LEU A 268 -6.80 -86.75 23.88
N GLN A 269 -6.37 -88.01 23.96
CA GLN A 269 -7.25 -89.17 23.87
C GLN A 269 -7.88 -89.37 25.24
N VAL A 270 -9.19 -89.49 25.29
CA VAL A 270 -9.89 -89.68 26.56
C VAL A 270 -10.10 -91.16 26.91
N ILE B 1 -31.90 -52.43 14.24
CA ILE B 1 -31.51 -53.67 14.89
C ILE B 1 -30.52 -53.38 16.01
N GLN B 2 -30.93 -53.69 17.24
CA GLN B 2 -30.04 -53.59 18.39
C GLN B 2 -29.64 -55.00 18.84
N ARG B 3 -28.39 -55.16 19.27
CA ARG B 3 -27.91 -56.46 19.65
C ARG B 3 -27.55 -56.51 21.11
N THR B 4 -28.08 -57.52 21.78
CA THR B 4 -27.91 -57.66 23.20
C THR B 4 -26.52 -58.24 23.48
N PRO B 5 -25.91 -57.81 24.59
CA PRO B 5 -24.54 -58.27 24.86
C PRO B 5 -24.49 -59.76 25.26
N LYS B 6 -23.50 -60.46 24.72
CA LYS B 6 -23.07 -61.74 25.27
C LYS B 6 -22.17 -61.47 26.47
N ILE B 7 -22.37 -62.25 27.53
CA ILE B 7 -21.71 -62.04 28.82
C ILE B 7 -21.04 -63.30 29.31
N GLN B 8 -19.72 -63.30 29.40
CA GLN B 8 -18.98 -64.49 29.83
C GLN B 8 -18.07 -64.18 31.01
N VAL B 9 -18.18 -64.99 32.05
CA VAL B 9 -17.46 -64.81 33.31
C VAL B 9 -16.53 -65.99 33.58
N TYR B 10 -15.28 -65.68 33.89
CA TYR B 10 -14.26 -66.69 33.94
C TYR B 10 -13.05 -66.12 34.64
N SER B 11 -12.23 -66.99 35.20
CA SER B 11 -11.00 -66.57 35.85
C SER B 11 -9.86 -66.56 34.83
N ARG B 12 -8.84 -65.74 35.07
CA ARG B 12 -7.68 -65.69 34.18
C ARG B 12 -6.96 -67.04 34.12
N HIS B 13 -6.73 -67.64 35.30
CA HIS B 13 -6.09 -68.96 35.40
C HIS B 13 -7.11 -69.97 35.93
N PRO B 14 -6.85 -71.28 35.72
CA PRO B 14 -7.67 -72.28 36.40
C PRO B 14 -7.73 -71.99 37.89
N ALA B 15 -8.93 -71.83 38.41
CA ALA B 15 -9.10 -71.35 39.76
C ALA B 15 -8.76 -72.47 40.73
N GLU B 16 -8.10 -72.08 41.80
CA GLU B 16 -7.84 -72.96 42.92
C GLU B 16 -7.99 -72.12 44.17
N ASN B 17 -8.78 -72.62 45.13
CA ASN B 17 -9.04 -71.92 46.38
C ASN B 17 -7.75 -71.50 47.07
N GLY B 18 -7.70 -70.22 47.47
CA GLY B 18 -6.56 -69.73 48.22
C GLY B 18 -5.47 -69.13 47.35
N LYS B 19 -5.64 -69.24 46.03
CA LYS B 19 -4.62 -68.72 45.14
C LYS B 19 -5.11 -67.47 44.42
N SER B 20 -4.30 -66.42 44.49
CA SER B 20 -4.62 -65.14 43.88
C SER B 20 -4.88 -65.33 42.38
N ASN B 21 -5.82 -64.55 41.83
CA ASN B 21 -6.30 -64.76 40.48
C ASN B 21 -6.93 -63.46 39.97
N PHE B 22 -7.45 -63.47 38.76
CA PHE B 22 -8.24 -62.37 38.23
C PHE B 22 -9.58 -62.88 37.77
N LEU B 23 -10.65 -62.17 38.13
CA LEU B 23 -11.99 -62.53 37.67
C LEU B 23 -12.32 -61.68 36.47
N ASN B 24 -12.65 -62.32 35.35
CA ASN B 24 -12.96 -61.60 34.12
C ASN B 24 -14.45 -61.60 33.78
N CYS B 25 -14.92 -60.49 33.20
CA CYS B 25 -16.23 -60.46 32.58
C CYS B 25 -16.08 -59.86 31.19
N TYR B 26 -16.25 -60.71 30.19
CA TYR B 26 -16.06 -60.32 28.81
C TYR B 26 -17.43 -60.11 28.22
N VAL B 27 -17.68 -58.86 27.81
CA VAL B 27 -18.98 -58.46 27.31
C VAL B 27 -18.82 -58.11 25.84
N SER B 28 -19.55 -58.78 24.97
CA SER B 28 -19.28 -58.69 23.53
C SER B 28 -20.54 -58.80 22.65
N GLY B 29 -20.36 -58.44 21.39
CA GLY B 29 -21.38 -58.59 20.36
C GLY B 29 -22.53 -57.62 20.50
N PHE B 30 -22.39 -56.56 21.31
CA PHE B 30 -23.53 -55.69 21.54
C PHE B 30 -23.50 -54.46 20.61
N HIS B 31 -24.69 -53.90 20.40
CA HIS B 31 -24.82 -52.67 19.62
C HIS B 31 -26.15 -52.02 20.04
N PRO B 32 -26.17 -50.69 20.28
CA PRO B 32 -25.09 -49.69 20.18
C PRO B 32 -24.11 -49.73 21.36
N SER B 33 -23.24 -48.73 21.48
CA SER B 33 -22.06 -48.89 22.33
C SER B 33 -22.21 -48.65 23.85
N ASP B 34 -23.21 -47.85 24.27
CA ASP B 34 -23.42 -47.53 25.67
C ASP B 34 -23.69 -48.80 26.46
N ILE B 35 -22.94 -49.01 27.53
CA ILE B 35 -23.15 -50.20 28.34
C ILE B 35 -22.66 -49.95 29.74
N GLU B 36 -23.18 -50.73 30.69
CA GLU B 36 -22.83 -50.58 32.08
C GLU B 36 -22.49 -51.96 32.65
N VAL B 37 -21.33 -52.09 33.27
CA VAL B 37 -20.86 -53.38 33.77
C VAL B 37 -20.34 -53.28 35.19
N ASP B 38 -20.83 -54.15 36.07
CA ASP B 38 -20.31 -54.26 37.44
C ASP B 38 -19.89 -55.70 37.72
N LEU B 39 -18.85 -55.86 38.51
CA LEU B 39 -18.54 -57.18 39.06
C LEU B 39 -19.10 -57.25 40.47
N LEU B 40 -19.68 -58.39 40.83
CA LEU B 40 -20.28 -58.52 42.15
C LEU B 40 -19.59 -59.60 42.98
N LYS B 41 -19.38 -59.29 44.26
CA LYS B 41 -18.92 -60.26 45.24
C LYS B 41 -20.04 -60.45 46.25
N ASN B 42 -20.57 -61.67 46.32
CA ASN B 42 -21.69 -61.98 47.19
C ASN B 42 -22.85 -61.01 46.98
N GLY B 43 -23.08 -60.64 45.72
CA GLY B 43 -24.22 -59.80 45.37
C GLY B 43 -23.95 -58.32 45.42
N GLU B 44 -22.83 -57.92 46.00
CA GLU B 44 -22.51 -56.51 46.18
C GLU B 44 -21.43 -56.05 45.19
N ARG B 45 -21.53 -54.81 44.74
CA ARG B 45 -20.61 -54.26 43.74
C ARG B 45 -19.16 -54.13 44.22
N ILE B 46 -18.22 -54.64 43.42
CA ILE B 46 -16.80 -54.52 43.73
C ILE B 46 -16.26 -53.17 43.26
N GLU B 47 -15.54 -52.47 44.13
CA GLU B 47 -15.13 -51.09 43.86
C GLU B 47 -13.92 -50.98 42.95
N LYS B 48 -12.87 -51.75 43.24
CA LYS B 48 -11.66 -51.71 42.44
C LYS B 48 -11.80 -52.67 41.24
N VAL B 49 -12.46 -52.18 40.20
CA VAL B 49 -12.67 -52.97 38.99
C VAL B 49 -12.13 -52.21 37.80
N GLU B 50 -11.32 -52.87 36.99
CA GLU B 50 -10.74 -52.25 35.79
C GLU B 50 -11.45 -52.69 34.51
N HIS B 51 -11.22 -51.96 33.43
CA HIS B 51 -11.75 -52.42 32.15
C HIS B 51 -10.92 -51.91 31.00
N SER B 52 -10.90 -52.69 29.91
CA SER B 52 -10.25 -52.25 28.69
C SER B 52 -11.06 -51.11 28.05
N ASP B 53 -10.43 -50.37 27.13
CA ASP B 53 -11.17 -49.37 26.34
C ASP B 53 -12.17 -50.10 25.45
N LEU B 54 -13.27 -49.43 25.08
CA LEU B 54 -14.24 -49.96 24.13
C LEU B 54 -13.53 -50.52 22.90
N SER B 55 -13.94 -51.69 22.44
CA SER B 55 -13.27 -52.31 21.30
C SER B 55 -14.27 -52.56 20.19
N PHE B 56 -13.75 -52.61 18.95
CA PHE B 56 -14.59 -52.71 17.76
C PHE B 56 -14.42 -54.03 17.05
N SER B 57 -15.53 -54.73 16.74
CA SER B 57 -15.45 -55.95 15.94
C SER B 57 -15.76 -55.70 14.47
N LYS B 58 -15.26 -56.58 13.61
CA LYS B 58 -15.50 -56.49 12.19
C LYS B 58 -16.97 -56.49 11.82
N ASP B 59 -17.81 -57.13 12.65
CA ASP B 59 -19.23 -57.22 12.31
C ASP B 59 -20.01 -56.01 12.81
N TRP B 60 -19.25 -55.00 13.24
CA TRP B 60 -19.71 -53.68 13.70
C TRP B 60 -20.17 -53.67 15.14
N SER B 61 -20.19 -54.82 15.81
CA SER B 61 -20.56 -54.83 17.22
C SER B 61 -19.34 -54.45 18.07
N PHE B 62 -19.57 -54.30 19.36
CA PHE B 62 -18.56 -53.83 20.31
C PHE B 62 -18.24 -54.87 21.37
N TYR B 63 -17.09 -54.74 22.02
CA TYR B 63 -16.75 -55.61 23.15
C TYR B 63 -15.82 -54.91 24.12
N LEU B 64 -15.82 -55.39 25.36
CA LEU B 64 -15.10 -54.84 26.51
C LEU B 64 -14.68 -55.98 27.46
N LEU B 65 -13.58 -55.80 28.17
CA LEU B 65 -13.21 -56.75 29.22
C LEU B 65 -13.18 -56.03 30.56
N TYR B 66 -13.99 -56.49 31.51
CA TYR B 66 -13.96 -55.97 32.88
C TYR B 66 -13.29 -57.03 33.76
N TYR B 67 -12.42 -56.62 34.67
CA TYR B 67 -11.72 -57.55 35.54
C TYR B 67 -11.36 -56.99 36.92
N THR B 68 -11.10 -57.89 37.86
CA THR B 68 -10.62 -57.47 39.15
C THR B 68 -9.75 -58.59 39.73
N GLU B 69 -8.77 -58.19 40.53
CA GLU B 69 -7.93 -59.15 41.22
C GLU B 69 -8.72 -59.70 42.39
N PHE B 70 -8.62 -61.01 42.59
CA PHE B 70 -9.32 -61.66 43.69
C PHE B 70 -8.67 -62.98 44.08
N THR B 71 -9.02 -63.44 45.27
CA THR B 71 -8.63 -64.77 45.73
C THR B 71 -9.90 -65.57 45.96
N PRO B 72 -10.16 -66.55 45.10
CA PRO B 72 -11.39 -67.33 45.25
C PRO B 72 -11.37 -68.08 46.58
N THR B 73 -12.52 -68.14 47.26
CA THR B 73 -12.68 -68.98 48.45
C THR B 73 -13.86 -69.87 48.17
N GLU B 74 -14.06 -70.89 49.00
CA GLU B 74 -15.13 -71.84 48.75
C GLU B 74 -16.50 -71.19 48.90
N LYS B 75 -16.61 -70.21 49.78
CA LYS B 75 -17.92 -69.63 50.11
C LYS B 75 -18.34 -68.49 49.20
N ASP B 76 -17.39 -67.73 48.68
CA ASP B 76 -17.72 -66.49 47.95
C ASP B 76 -18.22 -66.76 46.53
N GLU B 77 -19.41 -66.25 46.24
CA GLU B 77 -19.96 -66.34 44.90
C GLU B 77 -19.76 -65.02 44.15
N TYR B 78 -19.25 -65.12 42.94
CA TYR B 78 -18.98 -63.91 42.14
C TYR B 78 -19.89 -63.83 40.92
N ALA B 79 -20.16 -62.60 40.48
CA ALA B 79 -21.05 -62.42 39.35
C ALA B 79 -20.69 -61.19 38.52
N CYS B 80 -21.24 -61.12 37.33
CA CYS B 80 -21.12 -59.93 36.49
C CYS B 80 -22.51 -59.40 36.14
N ARG B 81 -22.74 -58.12 36.40
CA ARG B 81 -24.04 -57.50 36.14
C ARG B 81 -23.93 -56.45 35.03
N VAL B 82 -24.76 -56.60 34.01
CA VAL B 82 -24.65 -55.79 32.79
C VAL B 82 -25.97 -55.11 32.43
N ASN B 83 -25.92 -53.82 32.12
CA ASN B 83 -27.11 -53.16 31.61
C ASN B 83 -26.83 -52.51 30.26
N HIS B 84 -27.86 -52.50 29.41
CA HIS B 84 -27.74 -52.13 28.01
C HIS B 84 -29.14 -51.80 27.53
N VAL B 85 -29.26 -51.04 26.45
CA VAL B 85 -30.58 -50.60 25.97
C VAL B 85 -31.43 -51.81 25.55
N THR B 86 -30.78 -52.92 25.20
CA THR B 86 -31.52 -54.13 24.83
C THR B 86 -32.06 -54.91 26.03
N LEU B 87 -31.70 -54.50 27.24
CA LEU B 87 -32.12 -55.22 28.44
C LEU B 87 -33.11 -54.39 29.25
N SER B 88 -34.25 -55.00 29.56
CA SER B 88 -35.31 -54.30 30.29
C SER B 88 -34.99 -54.21 31.78
N GLN B 89 -34.08 -55.06 32.23
CA GLN B 89 -33.54 -54.96 33.57
C GLN B 89 -32.14 -55.52 33.56
N PRO B 90 -31.27 -55.12 34.51
CA PRO B 90 -29.90 -55.64 34.51
C PRO B 90 -29.85 -57.17 34.47
N LYS B 91 -28.93 -57.71 33.68
CA LYS B 91 -28.76 -59.15 33.60
C LYS B 91 -27.56 -59.59 34.44
N ILE B 92 -27.80 -60.48 35.39
CA ILE B 92 -26.74 -60.97 36.25
C ILE B 92 -26.29 -62.38 35.87
N VAL B 93 -24.99 -62.50 35.60
CA VAL B 93 -24.36 -63.77 35.20
C VAL B 93 -23.35 -64.22 36.25
N LYS B 94 -23.61 -65.38 36.88
CA LYS B 94 -22.77 -65.89 37.96
C LYS B 94 -21.48 -66.54 37.43
N TRP B 95 -20.38 -66.42 38.18
CA TRP B 95 -19.14 -67.15 37.88
C TRP B 95 -19.30 -68.64 38.18
N ASP B 96 -18.85 -69.49 37.25
CA ASP B 96 -18.99 -70.94 37.26
C ASP B 96 -20.46 -71.33 37.15
N ARG C 2 -16.12 12.44 -18.32
CA ARG C 2 -15.06 12.39 -19.32
C ARG C 2 -13.79 13.02 -18.78
N THR C 3 -12.74 12.98 -19.58
CA THR C 3 -11.48 13.62 -19.24
C THR C 3 -11.60 15.15 -19.31
N HIS C 4 -11.01 15.87 -18.37
CA HIS C 4 -10.98 17.32 -18.38
C HIS C 4 -9.57 17.81 -18.03
N SER C 5 -9.22 19.01 -18.48
CA SER C 5 -7.90 19.57 -18.24
C SER C 5 -7.97 21.06 -17.84
N LEU C 6 -6.98 21.48 -17.05
CA LEU C 6 -6.79 22.89 -16.74
C LEU C 6 -5.39 23.28 -17.20
N ARG C 7 -5.26 24.37 -17.97
CA ARG C 7 -3.97 24.74 -18.53
C ARG C 7 -3.85 26.25 -18.44
N TYR C 8 -2.71 26.74 -17.92
CA TYR C 8 -2.41 28.19 -17.92
C TYR C 8 -1.18 28.45 -18.76
N PHE C 9 -1.28 29.42 -19.66
CA PHE C 9 -0.20 29.81 -20.53
C PHE C 9 0.31 31.20 -20.21
N ARG C 10 1.62 31.38 -20.37
CA ARG C 10 2.21 32.71 -20.37
C ARG C 10 2.98 32.93 -21.66
N LEU C 11 2.86 34.14 -22.20
CA LEU C 11 3.66 34.53 -23.33
C LEU C 11 4.33 35.86 -23.04
N GLY C 12 5.65 35.90 -23.19
CA GLY C 12 6.41 37.12 -23.09
C GLY C 12 7.08 37.42 -24.41
N VAL C 13 7.07 38.69 -24.82
CA VAL C 13 7.70 39.11 -26.07
C VAL C 13 8.63 40.29 -25.77
N SER C 14 9.89 40.21 -26.20
CA SER C 14 10.81 41.28 -25.93
C SER C 14 10.72 42.28 -27.09
N ASP C 15 10.87 43.55 -26.76
CA ASP C 15 10.84 44.62 -27.77
C ASP C 15 9.67 44.46 -28.74
N PRO C 16 8.43 44.40 -28.22
CA PRO C 16 7.30 44.09 -29.10
C PRO C 16 6.97 45.24 -30.05
N ILE C 17 6.50 44.92 -31.26
CA ILE C 17 5.97 45.85 -32.24
C ILE C 17 4.80 46.63 -31.63
N HIS C 18 4.45 47.77 -32.23
CA HIS C 18 3.48 48.74 -31.71
C HIS C 18 2.17 48.17 -31.13
N GLY C 19 1.66 47.08 -31.70
CA GLY C 19 0.42 46.50 -31.21
C GLY C 19 0.48 45.32 -30.24
N VAL C 20 1.61 44.62 -30.20
CA VAL C 20 1.74 43.41 -29.38
C VAL C 20 2.05 43.69 -27.89
N PRO C 21 1.25 43.11 -26.96
CA PRO C 21 1.56 43.25 -25.54
C PRO C 21 2.89 42.58 -25.22
N GLU C 22 3.62 43.13 -24.25
CA GLU C 22 4.87 42.52 -23.84
C GLU C 22 4.62 41.19 -23.05
N PHE C 23 3.44 41.07 -22.46
CA PHE C 23 3.09 39.89 -21.64
C PHE C 23 1.61 39.60 -21.72
N ILE C 24 1.28 38.33 -21.89
CA ILE C 24 -0.09 37.86 -21.94
C ILE C 24 -0.17 36.57 -21.14
N SER C 25 -1.24 36.41 -20.36
CA SER C 25 -1.46 35.13 -19.66
C SER C 25 -2.92 34.70 -19.74
N VAL C 26 -3.16 33.45 -20.16
CA VAL C 26 -4.53 33.00 -20.36
C VAL C 26 -4.68 31.62 -19.76
N GLY C 27 -5.78 31.41 -19.04
CA GLY C 27 -6.10 30.09 -18.53
C GLY C 27 -7.25 29.47 -19.32
N TYR C 28 -7.27 28.13 -19.36
CA TYR C 28 -8.29 27.34 -20.07
C TYR C 28 -8.78 26.18 -19.20
N VAL C 29 -10.07 25.86 -19.29
CA VAL C 29 -10.57 24.53 -18.87
C VAL C 29 -11.02 23.86 -20.14
N ASP C 30 -10.41 22.72 -20.46
CA ASP C 30 -10.60 22.10 -21.76
C ASP C 30 -10.32 23.17 -22.86
N SER C 31 -11.22 23.30 -23.82
CA SER C 31 -10.99 24.29 -24.89
C SER C 31 -11.50 25.71 -24.58
N HIS C 32 -12.02 25.93 -23.38
CA HIS C 32 -12.67 27.20 -23.02
C HIS C 32 -11.74 28.16 -22.29
N PRO C 33 -11.53 29.36 -22.86
CA PRO C 33 -10.74 30.33 -22.08
C PRO C 33 -11.48 30.68 -20.80
N ILE C 34 -10.79 30.79 -19.67
CA ILE C 34 -11.49 31.10 -18.43
C ILE C 34 -11.01 32.40 -17.77
N THR C 35 -9.73 32.73 -17.95
CA THR C 35 -9.13 33.93 -17.36
C THR C 35 -8.10 34.56 -18.29
N THR C 36 -7.89 35.86 -18.14
CA THR C 36 -6.91 36.56 -18.97
C THR C 36 -6.23 37.68 -18.19
N TYR C 37 -5.03 38.01 -18.65
CA TYR C 37 -4.26 39.10 -18.10
C TYR C 37 -3.32 39.54 -19.20
N ASP C 38 -3.09 40.84 -19.35
CA ASP C 38 -1.95 41.25 -20.14
C ASP C 38 -1.32 42.55 -19.64
N SER C 39 -0.15 42.87 -20.19
CA SER C 39 0.67 43.98 -19.75
C SER C 39 0.07 45.33 -20.14
N VAL C 40 -0.98 45.33 -20.96
CA VAL C 40 -1.64 46.60 -21.32
C VAL C 40 -2.77 46.93 -20.33
N THR C 41 -3.66 45.97 -20.10
CA THR C 41 -4.74 46.18 -19.14
C THR C 41 -4.22 46.18 -17.71
N ARG C 42 -3.21 45.35 -17.47
CA ARG C 42 -2.67 45.09 -16.14
C ARG C 42 -3.73 44.65 -15.14
N GLN C 43 -4.80 44.05 -15.66
CA GLN C 43 -5.92 43.56 -14.84
C GLN C 43 -6.22 42.09 -15.12
N LYS C 44 -6.45 41.33 -14.06
CA LYS C 44 -6.93 39.95 -14.23
C LYS C 44 -8.43 39.99 -14.48
N GLU C 45 -8.88 39.31 -15.54
CA GLU C 45 -10.30 39.28 -15.94
C GLU C 45 -10.82 37.88 -16.25
N PRO C 46 -12.12 37.62 -15.99
CA PRO C 46 -12.75 36.37 -16.40
C PRO C 46 -12.95 36.33 -17.91
N ARG C 47 -12.95 35.13 -18.49
CA ARG C 47 -13.21 34.99 -19.92
C ARG C 47 -14.41 34.07 -20.15
N ALA C 48 -15.07 33.71 -19.05
CA ALA C 48 -16.29 32.92 -19.12
C ALA C 48 -17.28 33.47 -18.11
N PRO C 49 -18.55 33.54 -18.50
CA PRO C 49 -19.56 34.08 -17.58
C PRO C 49 -19.69 33.24 -16.30
N TRP C 50 -19.49 31.94 -16.40
CA TRP C 50 -19.58 31.11 -15.18
C TRP C 50 -18.36 31.28 -14.27
N MET C 51 -17.29 31.89 -14.78
CA MET C 51 -16.16 32.31 -13.94
C MET C 51 -16.49 33.64 -13.22
N ALA C 52 -16.97 34.63 -13.97
CA ALA C 52 -17.35 35.94 -13.41
C ALA C 52 -18.39 35.80 -12.30
N GLU C 53 -19.35 34.92 -12.51
CA GLU C 53 -20.45 34.74 -11.58
C GLU C 53 -20.05 34.01 -10.29
N ASN C 54 -18.94 33.29 -10.30
CA ASN C 54 -18.61 32.48 -9.12
C ASN C 54 -17.36 32.92 -8.38
N LEU C 55 -16.67 33.92 -8.89
CA LEU C 55 -15.48 34.41 -8.22
C LEU C 55 -15.67 35.88 -7.86
N ALA C 56 -15.62 36.18 -6.57
CA ALA C 56 -15.87 37.53 -6.07
C ALA C 56 -14.77 38.49 -6.53
N PRO C 57 -15.01 39.81 -6.43
CA PRO C 57 -14.00 40.79 -6.88
C PRO C 57 -12.64 40.68 -6.18
N ASP C 58 -12.60 40.21 -4.94
CA ASP C 58 -11.32 40.13 -4.27
C ASP C 58 -10.43 39.02 -4.87
N HIS C 59 -11.04 38.05 -5.55
CA HIS C 59 -10.26 37.06 -6.31
C HIS C 59 -9.50 37.76 -7.45
N TRP C 60 -10.23 38.53 -8.24
CA TRP C 60 -9.61 39.23 -9.37
C TRP C 60 -8.56 40.22 -8.87
N GLU C 61 -8.82 40.82 -7.71
CA GLU C 61 -7.89 41.80 -7.16
C GLU C 61 -6.57 41.13 -6.77
N ARG C 62 -6.67 39.96 -6.13
CA ARG C 62 -5.48 39.26 -5.69
C ARG C 62 -4.68 38.76 -6.91
N TYR C 63 -5.35 38.15 -7.87
CA TYR C 63 -4.62 37.65 -9.03
C TYR C 63 -4.14 38.76 -9.97
N THR C 64 -4.78 39.92 -9.92
CA THR C 64 -4.21 41.09 -10.59
C THR C 64 -2.81 41.40 -10.02
N GLN C 65 -2.67 41.41 -8.69
CA GLN C 65 -1.37 41.67 -8.09
C GLN C 65 -0.39 40.54 -8.41
N LEU C 66 -0.84 39.29 -8.36
CA LEU C 66 0.04 38.16 -8.65
C LEU C 66 0.58 38.20 -10.08
N LEU C 67 -0.30 38.50 -11.03
CA LEU C 67 0.09 38.46 -12.44
C LEU C 67 1.04 39.63 -12.79
N ARG C 68 0.85 40.79 -12.14
CA ARG C 68 1.79 41.90 -12.29
C ARG C 68 3.22 41.48 -11.88
N GLY C 69 3.32 40.74 -10.78
CA GLY C 69 4.61 40.22 -10.36
C GLY C 69 5.14 39.16 -11.32
N TRP C 70 4.27 38.28 -11.80
CA TRP C 70 4.73 37.23 -12.71
C TRP C 70 5.14 37.82 -14.05
N GLN C 71 4.48 38.90 -14.43
CA GLN C 71 4.89 39.63 -15.63
C GLN C 71 6.34 40.12 -15.48
N GLN C 72 6.65 40.72 -14.35
CA GLN C 72 7.97 41.28 -14.16
C GLN C 72 9.03 40.19 -14.20
N MET C 73 8.71 39.05 -13.59
CA MET C 73 9.60 37.89 -13.56
C MET C 73 9.84 37.32 -14.96
N PHE C 74 8.77 37.23 -15.75
CA PHE C 74 8.91 36.78 -17.12
C PHE C 74 9.82 37.72 -17.94
N LYS C 75 9.68 39.03 -17.72
CA LYS C 75 10.51 40.02 -18.42
C LYS C 75 11.98 39.80 -18.15
N VAL C 76 12.32 39.64 -16.88
CA VAL C 76 13.70 39.42 -16.49
C VAL C 76 14.27 38.05 -16.98
N GLU C 77 13.46 36.97 -16.89
CA GLU C 77 13.94 35.66 -17.34
C GLU C 77 14.25 35.67 -18.85
N LEU C 78 13.40 36.33 -19.63
CA LEU C 78 13.62 36.39 -21.07
C LEU C 78 14.89 37.22 -21.35
N LYS C 79 15.10 38.30 -20.60
CA LYS C 79 16.34 39.06 -20.73
C LYS C 79 17.57 38.17 -20.51
N ARG C 80 17.54 37.34 -19.47
CA ARG C 80 18.65 36.44 -19.17
C ARG C 80 18.82 35.36 -20.26
N LEU C 81 17.70 34.85 -20.77
CA LEU C 81 17.77 33.84 -21.81
C LEU C 81 18.44 34.44 -23.05
N GLN C 82 18.03 35.67 -23.42
CA GLN C 82 18.59 36.28 -24.62
C GLN C 82 20.08 36.53 -24.45
N ARG C 83 20.48 36.91 -23.24
CA ARG C 83 21.89 37.14 -22.99
C ARG C 83 22.69 35.84 -23.12
N HIS C 84 22.12 34.73 -22.63
CA HIS C 84 22.81 33.44 -22.69
C HIS C 84 23.00 33.02 -24.14
N TYR C 85 22.00 33.31 -24.96
CA TYR C 85 22.06 33.00 -26.39
C TYR C 85 22.80 34.04 -27.22
N ASN C 86 23.11 35.18 -26.61
CA ASN C 86 23.67 36.32 -27.36
C ASN C 86 22.73 36.75 -28.47
N HIS C 87 21.45 36.92 -28.11
CA HIS C 87 20.40 37.27 -29.07
C HIS C 87 19.95 38.72 -28.97
N SER C 88 19.82 39.37 -30.10
CA SER C 88 19.26 40.71 -30.16
C SER C 88 17.84 40.68 -30.70
N GLY C 89 17.17 41.82 -30.68
CA GLY C 89 15.86 41.93 -31.30
C GLY C 89 14.80 41.23 -30.50
N SER C 90 13.70 40.90 -31.17
CA SER C 90 12.51 40.41 -30.50
C SER C 90 12.50 38.88 -30.43
N HIS C 91 12.29 38.36 -29.23
CA HIS C 91 12.22 36.92 -29.01
C HIS C 91 11.05 36.65 -28.09
N THR C 92 10.65 35.38 -28.01
CA THR C 92 9.48 35.02 -27.23
C THR C 92 9.84 33.97 -26.21
N TYR C 93 9.12 33.98 -25.11
CA TYR C 93 9.30 33.06 -23.99
C TYR C 93 7.90 32.61 -23.65
N GLN C 94 7.70 31.30 -23.44
CA GLN C 94 6.37 30.80 -23.11
C GLN C 94 6.45 29.80 -21.98
N ARG C 95 5.36 29.71 -21.24
CA ARG C 95 5.19 28.73 -20.19
C ARG C 95 3.82 28.09 -20.34
N MET C 96 3.72 26.81 -20.02
CA MET C 96 2.45 26.13 -19.97
C MET C 96 2.47 25.25 -18.74
N ILE C 97 1.47 25.41 -17.88
CA ILE C 97 1.34 24.56 -16.72
C ILE C 97 -0.09 24.02 -16.67
N GLY C 98 -0.26 22.81 -16.14
CA GLY C 98 -1.61 22.29 -15.98
C GLY C 98 -1.67 20.83 -15.60
N CYS C 99 -2.89 20.32 -15.63
CA CYS C 99 -3.20 19.00 -15.10
C CYS C 99 -4.42 18.49 -15.83
N GLU C 100 -4.57 17.18 -15.84
CA GLU C 100 -5.74 16.54 -16.40
C GLU C 100 -6.36 15.63 -15.35
N LEU C 101 -7.68 15.55 -15.35
CA LEU C 101 -8.41 14.58 -14.53
C LEU C 101 -8.97 13.58 -15.51
N LEU C 102 -8.44 12.35 -15.47
CA LEU C 102 -8.78 11.35 -16.46
C LEU C 102 -10.09 10.67 -16.12
N GLU C 103 -10.64 10.00 -17.13
CA GLU C 103 -11.90 9.29 -16.99
C GLU C 103 -11.88 8.29 -15.84
N ASP C 104 -10.79 7.53 -15.72
CA ASP C 104 -10.69 6.50 -14.67
C ASP C 104 -10.35 7.09 -13.30
N GLY C 105 -10.17 8.41 -13.23
CA GLY C 105 -9.98 9.07 -11.95
C GLY C 105 -8.53 9.40 -11.65
N SER C 106 -7.62 8.85 -12.46
CA SER C 106 -6.21 9.14 -12.34
C SER C 106 -5.90 10.55 -12.87
N THR C 107 -4.71 11.07 -12.57
CA THR C 107 -4.33 12.44 -12.94
C THR C 107 -2.98 12.51 -13.65
N THR C 108 -2.81 13.59 -14.40
CA THR C 108 -1.52 13.97 -14.97
C THR C 108 -1.27 15.42 -14.67
N GLY C 109 -0.02 15.83 -14.75
CA GLY C 109 0.33 17.23 -14.56
C GLY C 109 1.59 17.52 -15.37
N PHE C 110 1.73 18.75 -15.87
CA PHE C 110 2.83 19.09 -16.74
C PHE C 110 3.17 20.55 -16.52
N LEU C 111 4.43 20.88 -16.75
CA LEU C 111 4.97 22.21 -16.64
C LEU C 111 6.13 22.28 -17.61
N GLN C 112 6.06 23.21 -18.57
CA GLN C 112 7.05 23.28 -19.63
C GLN C 112 7.27 24.75 -20.01
N TYR C 113 8.43 25.04 -20.60
CA TYR C 113 8.80 26.36 -21.11
C TYR C 113 9.29 26.21 -22.55
N ALA C 114 9.12 27.28 -23.33
CA ALA C 114 9.61 27.30 -24.68
C ALA C 114 10.28 28.66 -24.92
N TYR C 115 11.30 28.67 -25.76
CA TYR C 115 11.99 29.89 -26.17
C TYR C 115 11.90 29.94 -27.68
N ASP C 116 11.41 31.08 -28.20
CA ASP C 116 11.13 31.24 -29.62
C ASP C 116 10.27 30.09 -30.20
N GLY C 117 9.27 29.65 -29.45
CA GLY C 117 8.30 28.70 -29.96
C GLY C 117 8.77 27.26 -29.97
N GLN C 118 9.92 27.00 -29.37
CA GLN C 118 10.50 25.66 -29.30
C GLN C 118 10.68 25.18 -27.86
N ASP C 119 10.47 23.89 -27.61
CA ASP C 119 10.73 23.31 -26.29
C ASP C 119 12.05 23.79 -25.70
N PHE C 120 12.03 24.15 -24.43
CA PHE C 120 13.24 24.65 -23.79
C PHE C 120 13.52 23.84 -22.54
N LEU C 121 12.54 23.82 -21.61
CA LEU C 121 12.61 23.04 -20.36
C LEU C 121 11.31 22.31 -20.06
N ILE C 122 11.43 21.06 -19.60
CA ILE C 122 10.27 20.25 -19.29
C ILE C 122 10.47 19.58 -17.92
N PHE C 123 9.52 19.83 -17.02
CA PHE C 123 9.60 19.40 -15.64
C PHE C 123 9.19 17.95 -15.55
N ASN C 124 9.98 17.19 -14.82
CA ASN C 124 9.63 15.82 -14.49
C ASN C 124 9.26 15.75 -13.00
N LYS C 125 7.96 15.71 -12.70
CA LYS C 125 7.53 15.79 -11.32
C LYS C 125 7.69 14.44 -10.58
N ASP C 126 8.13 13.40 -11.29
CA ASP C 126 8.27 12.07 -10.67
C ASP C 126 9.68 11.90 -10.15
N THR C 127 10.63 12.53 -10.82
CA THR C 127 12.00 12.54 -10.35
C THR C 127 12.39 13.91 -9.81
N LEU C 128 11.47 14.88 -9.94
CA LEU C 128 11.75 16.26 -9.54
C LEU C 128 12.98 16.77 -10.24
N SER C 129 12.99 16.71 -11.57
CA SER C 129 14.12 17.25 -12.30
C SER C 129 13.63 17.95 -13.56
N TRP C 130 14.49 18.77 -14.12
CA TRP C 130 14.15 19.46 -15.35
C TRP C 130 14.90 18.86 -16.53
N LEU C 131 14.16 18.60 -17.60
CA LEU C 131 14.80 18.15 -18.84
C LEU C 131 15.12 19.36 -19.73
N ALA C 132 16.41 19.52 -20.07
CA ALA C 132 16.92 20.66 -20.85
C ALA C 132 17.28 20.25 -22.26
N VAL C 133 16.89 21.06 -23.24
CA VAL C 133 17.15 20.73 -24.65
C VAL C 133 18.54 21.13 -25.15
N ASP C 134 19.23 22.02 -24.43
CA ASP C 134 20.53 22.49 -24.88
C ASP C 134 21.33 23.00 -23.68
N ASN C 135 22.50 23.58 -23.93
CA ASN C 135 23.38 23.96 -22.84
C ASN C 135 22.88 25.20 -22.08
N VAL C 136 22.15 26.06 -22.78
CA VAL C 136 21.53 27.22 -22.13
C VAL C 136 20.44 26.75 -21.17
N ALA C 137 19.57 25.87 -21.65
CA ALA C 137 18.52 25.32 -20.81
C ALA C 137 19.16 24.54 -19.66
N HIS C 138 20.31 23.91 -19.94
CA HIS C 138 21.02 23.14 -18.90
C HIS C 138 21.48 24.05 -17.77
N THR C 139 21.96 25.24 -18.14
CA THR C 139 22.39 26.24 -17.15
C THR C 139 21.24 26.63 -16.20
N ILE C 140 20.06 26.87 -16.77
CA ILE C 140 18.86 27.19 -15.99
C ILE C 140 18.41 25.99 -15.14
N LYS C 141 18.42 24.81 -15.76
CA LYS C 141 18.13 23.56 -15.06
C LYS C 141 18.90 23.45 -13.73
N GLN C 142 20.22 23.66 -13.78
CA GLN C 142 21.04 23.56 -12.58
C GLN C 142 20.61 24.55 -11.50
N ALA C 143 20.23 25.76 -11.89
CA ALA C 143 19.77 26.72 -10.88
C ALA C 143 18.45 26.25 -10.28
N TRP C 144 17.50 25.86 -11.12
CA TRP C 144 16.18 25.48 -10.63
C TRP C 144 16.26 24.21 -9.79
N GLU C 145 17.19 23.31 -10.13
CA GLU C 145 17.30 22.04 -9.41
C GLU C 145 18.02 22.22 -8.08
N ALA C 146 18.72 23.33 -7.91
CA ALA C 146 19.44 23.60 -6.67
C ALA C 146 18.44 23.83 -5.51
N ASN C 147 17.22 24.24 -5.83
CA ASN C 147 16.21 24.51 -4.81
C ASN C 147 15.22 23.36 -4.61
N GLN C 148 15.57 22.44 -3.71
CA GLN C 148 14.78 21.23 -3.48
C GLN C 148 13.35 21.53 -3.06
N HIS C 149 13.17 22.52 -2.17
CA HIS C 149 11.85 22.87 -1.68
C HIS C 149 10.95 23.38 -2.78
N GLU C 150 11.51 24.12 -3.73
CA GLU C 150 10.68 24.67 -4.80
C GLU C 150 10.24 23.56 -5.75
N LEU C 151 11.07 22.52 -5.90
CA LEU C 151 10.66 21.38 -6.72
C LEU C 151 9.50 20.61 -6.06
N LEU C 152 9.60 20.42 -4.75
CA LEU C 152 8.52 19.79 -3.99
C LEU C 152 7.23 20.61 -4.10
N TYR C 153 7.37 21.94 -3.97
CA TYR C 153 6.23 22.85 -4.13
C TYR C 153 5.51 22.67 -5.47
N GLN C 154 6.29 22.53 -6.53
CA GLN C 154 5.72 22.40 -7.88
C GLN C 154 4.99 21.09 -8.05
N LYS C 155 5.57 20.03 -7.50
CA LYS C 155 4.92 18.71 -7.55
C LYS C 155 3.58 18.80 -6.84
N ASN C 156 3.60 19.34 -5.62
CA ASN C 156 2.36 19.54 -4.89
C ASN C 156 1.36 20.37 -5.69
N TRP C 157 1.82 21.43 -6.34
CA TRP C 157 0.88 22.32 -7.02
C TRP C 157 0.18 21.58 -8.17
N LEU C 158 0.96 20.82 -8.94
CA LEU C 158 0.46 20.06 -10.07
C LEU C 158 -0.45 18.91 -9.65
N GLU C 159 -0.08 18.21 -8.57
CA GLU C 159 -0.84 17.01 -8.16
C GLU C 159 -2.07 17.33 -7.31
N GLU C 160 -2.01 18.41 -6.52
CA GLU C 160 -3.13 18.71 -5.62
C GLU C 160 -3.86 20.01 -5.97
N GLU C 161 -3.14 21.11 -5.98
CA GLU C 161 -3.76 22.42 -6.18
C GLU C 161 -4.42 22.51 -7.54
N CYS C 162 -3.70 22.10 -8.56
CA CYS C 162 -4.18 22.21 -9.93
C CYS C 162 -5.45 21.38 -10.06
N ILE C 163 -5.43 20.16 -9.54
CA ILE C 163 -6.62 19.32 -9.66
C ILE C 163 -7.80 19.93 -8.88
N ALA C 164 -7.55 20.51 -7.70
CA ALA C 164 -8.65 21.13 -6.95
C ALA C 164 -9.23 22.37 -7.67
N TRP C 165 -8.36 23.15 -8.31
CA TRP C 165 -8.86 24.25 -9.12
C TRP C 165 -9.74 23.72 -10.23
N LEU C 166 -9.24 22.68 -10.91
CA LEU C 166 -9.98 22.11 -12.01
C LEU C 166 -11.38 21.65 -11.60
N LYS C 167 -11.48 20.91 -10.49
CA LYS C 167 -12.78 20.42 -10.03
C LYS C 167 -13.68 21.59 -9.65
N ARG C 168 -13.09 22.63 -9.08
CA ARG C 168 -13.83 23.79 -8.69
C ARG C 168 -14.42 24.45 -9.93
N PHE C 169 -13.60 24.67 -10.95
CA PHE C 169 -14.08 25.35 -12.17
C PHE C 169 -15.04 24.50 -12.98
N LEU C 170 -14.83 23.19 -12.96
CA LEU C 170 -15.69 22.23 -13.64
C LEU C 170 -17.11 22.28 -13.12
N GLU C 171 -17.24 22.48 -11.81
CA GLU C 171 -18.54 22.62 -11.20
C GLU C 171 -19.14 24.01 -11.57
N TYR C 172 -18.35 25.08 -11.51
CA TYR C 172 -18.85 26.40 -11.93
C TYR C 172 -19.43 26.33 -13.34
N GLY C 173 -18.68 25.76 -14.28
CA GLY C 173 -19.09 25.70 -15.67
C GLY C 173 -19.80 24.45 -16.13
N LYS C 174 -20.37 23.72 -15.16
CA LYS C 174 -21.04 22.45 -15.38
C LYS C 174 -22.00 22.39 -16.58
N ASP C 175 -22.87 23.38 -16.69
CA ASP C 175 -23.90 23.36 -17.73
C ASP C 175 -23.27 23.49 -19.14
N THR C 176 -22.07 24.03 -19.19
CA THR C 176 -21.33 24.14 -20.46
C THR C 176 -20.43 22.92 -20.67
N LEU C 177 -19.59 22.65 -19.68
CA LEU C 177 -18.48 21.71 -19.83
C LEU C 177 -18.87 20.24 -19.80
N GLN C 178 -20.00 19.93 -19.18
CA GLN C 178 -20.39 18.53 -19.01
C GLN C 178 -21.58 18.16 -19.87
N ARG C 179 -21.97 19.08 -20.75
CA ARG C 179 -23.07 18.81 -21.65
C ARG C 179 -22.64 17.95 -22.83
N THR C 180 -23.62 17.46 -23.56
CA THR C 180 -23.36 16.68 -24.77
C THR C 180 -24.26 17.17 -25.89
N GLU C 181 -23.66 17.54 -27.03
CA GLU C 181 -24.47 17.77 -28.23
C GLU C 181 -24.00 16.79 -29.27
N PRO C 182 -24.85 15.81 -29.59
CA PRO C 182 -24.45 14.71 -30.48
C PRO C 182 -24.17 15.25 -31.89
N PRO C 183 -23.31 14.58 -32.65
CA PRO C 183 -23.00 15.01 -34.02
C PRO C 183 -24.13 14.73 -35.01
N LEU C 184 -24.25 15.65 -35.97
CA LEU C 184 -25.01 15.45 -37.19
C LEU C 184 -24.03 14.89 -38.20
N VAL C 185 -24.30 13.71 -38.75
CA VAL C 185 -23.30 13.09 -39.61
C VAL C 185 -23.90 12.69 -40.92
N ARG C 186 -23.23 12.99 -42.02
CA ARG C 186 -23.73 12.62 -43.34
C ARG C 186 -22.55 12.10 -44.15
N VAL C 187 -22.86 11.31 -45.18
CA VAL C 187 -21.87 10.81 -46.11
C VAL C 187 -22.21 11.31 -47.50
N ASN C 188 -21.22 11.92 -48.15
CA ASN C 188 -21.39 12.41 -49.51
C ASN C 188 -20.55 11.60 -50.48
N ARG C 189 -21.08 11.39 -51.67
CA ARG C 189 -20.43 10.61 -52.70
C ARG C 189 -20.34 11.42 -54.00
N LYS C 190 -19.18 11.39 -54.63
CA LYS C 190 -19.02 12.15 -55.86
C LYS C 190 -17.91 11.58 -56.72
N GLU C 191 -18.16 11.44 -58.02
CA GLU C 191 -17.06 11.10 -58.92
C GLU C 191 -16.24 12.36 -59.18
N THR C 192 -14.92 12.27 -59.01
CA THR C 192 -14.08 13.45 -59.16
C THR C 192 -13.30 13.33 -60.47
N PHE C 193 -11.97 13.24 -60.43
CA PHE C 193 -11.20 12.82 -61.59
C PHE C 193 -11.87 11.57 -62.18
N PRO C 194 -12.00 11.50 -63.51
CA PRO C 194 -12.61 10.33 -64.16
C PRO C 194 -12.14 8.99 -63.55
N GLY C 195 -13.08 8.10 -63.22
CA GLY C 195 -12.74 6.84 -62.59
C GLY C 195 -12.54 6.90 -61.07
N VAL C 196 -12.47 8.10 -60.51
CA VAL C 196 -12.15 8.27 -59.10
C VAL C 196 -13.31 8.83 -58.27
N THR C 197 -13.84 8.01 -57.38
CA THR C 197 -14.97 8.42 -56.55
C THR C 197 -14.51 8.81 -55.15
N ALA C 198 -14.94 9.98 -54.68
CA ALA C 198 -14.55 10.39 -53.35
C ALA C 198 -15.72 10.23 -52.41
N LEU C 199 -15.44 9.64 -51.24
CA LEU C 199 -16.40 9.54 -50.15
C LEU C 199 -16.02 10.46 -48.99
N PHE C 200 -16.92 11.35 -48.62
CA PHE C 200 -16.72 12.21 -47.45
C PHE C 200 -17.67 11.86 -46.33
N CYS C 201 -17.14 11.63 -45.13
CA CYS C 201 -17.99 11.48 -43.95
C CYS C 201 -17.87 12.79 -43.17
N LYS C 202 -18.97 13.54 -43.06
CA LYS C 202 -18.87 14.88 -42.49
C LYS C 202 -19.73 15.02 -41.25
N ALA C 203 -19.14 15.53 -40.18
CA ALA C 203 -19.87 15.74 -38.94
C ALA C 203 -19.84 17.18 -38.48
N HIS C 204 -20.96 17.65 -37.94
CA HIS C 204 -20.98 18.95 -37.32
C HIS C 204 -22.01 19.02 -36.20
N GLY C 205 -21.95 20.13 -35.46
CA GLY C 205 -22.92 20.41 -34.42
C GLY C 205 -22.62 19.70 -33.12
N PHE C 206 -21.42 19.15 -32.97
CA PHE C 206 -21.17 18.33 -31.79
C PHE C 206 -20.37 19.05 -30.69
N TYR C 207 -20.58 18.60 -29.45
CA TYR C 207 -19.81 19.03 -28.29
C TYR C 207 -19.84 17.87 -27.29
N PRO C 208 -18.72 17.55 -26.65
CA PRO C 208 -17.38 18.16 -26.72
C PRO C 208 -16.69 17.92 -28.08
N PRO C 209 -15.54 18.59 -28.32
CA PRO C 209 -14.88 18.47 -29.62
C PRO C 209 -14.28 17.07 -29.89
N GLU C 210 -13.99 16.31 -28.84
CA GLU C 210 -13.42 14.98 -29.01
C GLU C 210 -14.40 14.03 -29.72
N ILE C 211 -13.99 13.54 -30.87
CA ILE C 211 -14.80 12.68 -31.70
C ILE C 211 -13.88 11.72 -32.42
N TYR C 212 -14.37 10.50 -32.72
CA TYR C 212 -13.59 9.51 -33.47
C TYR C 212 -14.31 9.23 -34.78
N MET C 213 -13.60 9.35 -35.90
CA MET C 213 -14.19 9.10 -37.22
C MET C 213 -13.27 8.22 -38.05
N THR C 214 -13.82 7.18 -38.66
CA THR C 214 -12.96 6.38 -39.53
C THR C 214 -13.78 5.71 -40.60
N TRP C 215 -13.09 5.20 -41.61
CA TRP C 215 -13.72 4.48 -42.70
C TRP C 215 -13.37 3.03 -42.63
N MET C 216 -14.38 2.19 -42.82
CA MET C 216 -14.18 0.74 -42.82
C MET C 216 -14.59 0.14 -44.16
N LYS C 217 -13.92 -0.94 -44.55
CA LYS C 217 -14.23 -1.71 -45.76
C LYS C 217 -14.69 -3.11 -45.33
N ASN C 218 -15.92 -3.48 -45.68
CA ASN C 218 -16.47 -4.78 -45.30
C ASN C 218 -16.43 -5.07 -43.79
N GLY C 219 -16.58 -4.04 -42.97
CA GLY C 219 -16.54 -4.22 -41.52
C GLY C 219 -15.14 -4.42 -40.94
N GLU C 220 -14.13 -4.37 -41.80
CA GLU C 220 -12.72 -4.48 -41.42
C GLU C 220 -12.02 -3.16 -41.72
N GLU C 221 -10.96 -2.84 -40.97
CA GLU C 221 -10.34 -1.52 -41.13
C GLU C 221 -9.70 -1.38 -42.50
N ILE C 222 -9.72 -0.15 -43.00
CA ILE C 222 -9.23 0.16 -44.32
C ILE C 222 -7.70 0.11 -44.30
N VAL C 223 -7.08 0.23 -45.47
CA VAL C 223 -5.63 0.19 -45.62
C VAL C 223 -5.24 1.37 -46.52
N GLN C 224 -6.18 1.77 -47.36
CA GLN C 224 -6.00 2.91 -48.27
C GLN C 224 -5.79 4.18 -47.46
N GLU C 225 -5.48 5.29 -48.12
CA GLU C 225 -5.21 6.51 -47.36
C GLU C 225 -6.51 7.20 -46.97
N ILE C 226 -6.67 7.48 -45.68
CA ILE C 226 -7.80 8.27 -45.22
C ILE C 226 -7.32 9.70 -45.06
N ASP C 227 -8.12 10.64 -45.51
CA ASP C 227 -7.78 12.04 -45.31
C ASP C 227 -8.63 12.55 -44.15
N TYR C 228 -8.03 13.25 -43.21
CA TYR C 228 -8.77 13.77 -42.07
C TYR C 228 -8.91 15.29 -42.05
N GLY C 229 -10.11 15.81 -41.81
CA GLY C 229 -10.24 17.23 -41.55
C GLY C 229 -9.99 17.53 -40.09
N ASP C 230 -9.51 18.74 -39.81
CA ASP C 230 -9.32 19.21 -38.45
C ASP C 230 -10.65 19.32 -37.73
N ILE C 231 -10.63 19.19 -36.40
CA ILE C 231 -11.80 19.49 -35.61
C ILE C 231 -11.83 21.01 -35.43
N LEU C 232 -12.81 21.66 -36.02
CA LEU C 232 -12.85 23.12 -36.14
C LEU C 232 -14.02 23.71 -35.37
N PRO C 233 -13.80 24.86 -34.72
CA PRO C 233 -14.90 25.53 -34.02
C PRO C 233 -15.86 26.17 -35.02
N SER C 234 -17.16 25.96 -34.84
CA SER C 234 -18.19 26.51 -35.73
C SER C 234 -18.65 27.89 -35.28
N GLY C 235 -18.25 28.31 -34.09
CA GLY C 235 -18.49 29.66 -33.62
C GLY C 235 -19.68 29.78 -32.69
N ASP C 236 -20.47 28.71 -32.58
CA ASP C 236 -21.65 28.72 -31.71
C ASP C 236 -21.47 27.80 -30.48
N GLY C 237 -20.23 27.42 -30.19
CA GLY C 237 -19.96 26.48 -29.11
C GLY C 237 -19.84 25.02 -29.53
N THR C 238 -20.16 24.71 -30.79
CA THR C 238 -20.04 23.34 -31.28
C THR C 238 -18.89 23.20 -32.30
N TYR C 239 -18.64 21.97 -32.74
CA TYR C 239 -17.48 21.69 -33.57
C TYR C 239 -17.87 20.91 -34.82
N GLN C 240 -16.94 20.85 -35.78
CA GLN C 240 -17.17 20.13 -37.02
C GLN C 240 -15.87 19.47 -37.48
N ALA C 241 -16.01 18.38 -38.22
CA ALA C 241 -14.86 17.57 -38.64
C ALA C 241 -15.27 16.67 -39.78
N TRP C 242 -14.31 16.04 -40.46
CA TRP C 242 -14.64 15.10 -41.53
C TRP C 242 -13.54 14.10 -41.77
N ALA C 243 -13.87 13.04 -42.51
CA ALA C 243 -12.87 12.10 -42.96
C ALA C 243 -13.27 11.62 -44.34
N SER C 244 -12.30 11.44 -45.23
CA SER C 244 -12.62 11.04 -46.58
C SER C 244 -11.68 9.95 -47.10
N ILE C 245 -12.17 9.23 -48.10
CA ILE C 245 -11.40 8.19 -48.78
C ILE C 245 -11.76 8.19 -50.26
N GLU C 246 -10.93 7.51 -51.05
CA GLU C 246 -11.17 7.28 -52.46
C GLU C 246 -11.66 5.84 -52.61
N LEU C 247 -12.78 5.67 -53.29
CA LEU C 247 -13.43 4.36 -53.41
C LEU C 247 -12.74 3.50 -54.48
N ASP C 248 -12.61 2.21 -54.19
CA ASP C 248 -12.03 1.24 -55.14
C ASP C 248 -13.02 0.79 -56.21
N PRO C 249 -12.75 1.13 -57.47
CA PRO C 249 -13.63 0.72 -58.57
C PRO C 249 -13.53 -0.78 -58.88
N LEU C 254 -18.07 -2.63 -50.14
CA LEU C 254 -18.92 -2.04 -49.12
C LEU C 254 -18.14 -1.16 -48.15
N TYR C 255 -18.37 0.16 -48.23
CA TYR C 255 -17.72 1.08 -47.32
C TYR C 255 -18.66 1.60 -46.28
N SER C 256 -18.15 1.89 -45.07
CA SER C 256 -18.99 2.51 -44.07
C SER C 256 -18.18 3.49 -43.23
N CYS C 257 -18.81 4.59 -42.87
CA CYS C 257 -18.22 5.56 -41.96
C CYS C 257 -18.63 5.27 -40.53
N HIS C 258 -17.66 5.25 -39.62
CA HIS C 258 -17.87 4.96 -38.19
C HIS C 258 -17.52 6.16 -37.36
N VAL C 259 -18.46 6.55 -36.50
CA VAL C 259 -18.29 7.73 -35.65
C VAL C 259 -18.54 7.35 -34.21
N GLU C 260 -17.66 7.76 -33.31
CA GLU C 260 -17.96 7.58 -31.90
C GLU C 260 -17.88 8.94 -31.23
N HIS C 261 -18.90 9.28 -30.45
CA HIS C 261 -18.94 10.56 -29.75
C HIS C 261 -19.63 10.35 -28.43
N SER C 262 -18.94 10.72 -27.37
CA SER C 262 -19.45 10.63 -26.00
C SER C 262 -20.22 9.33 -25.68
N GLY C 263 -19.64 8.18 -25.99
CA GLY C 263 -20.24 6.91 -25.59
C GLY C 263 -21.33 6.42 -26.54
N VAL C 264 -21.46 7.07 -27.69
CA VAL C 264 -22.43 6.61 -28.67
C VAL C 264 -21.73 6.30 -29.97
N HIS C 265 -22.04 5.15 -30.55
CA HIS C 265 -21.38 4.75 -31.79
C HIS C 265 -22.40 4.91 -32.92
N MET C 266 -21.94 5.33 -34.10
CA MET C 266 -22.81 5.52 -35.24
C MET C 266 -22.17 4.93 -36.48
N VAL C 267 -22.97 4.31 -37.33
CA VAL C 267 -22.44 3.70 -38.55
C VAL C 267 -23.23 4.22 -39.73
N LEU C 268 -22.52 4.68 -40.75
CA LEU C 268 -23.18 5.12 -41.96
C LEU C 268 -22.67 4.27 -43.14
N GLN C 269 -23.52 3.39 -43.60
CA GLN C 269 -23.24 2.46 -44.70
C GLN C 269 -23.42 3.16 -46.04
N VAL C 270 -22.45 3.02 -46.93
CA VAL C 270 -22.59 3.56 -48.28
C VAL C 270 -23.22 2.52 -49.22
N ILE D 1 12.93 29.75 -35.68
CA ILE D 1 11.93 29.03 -36.47
C ILE D 1 10.57 29.72 -36.39
N GLN D 2 10.11 30.23 -37.53
CA GLN D 2 8.79 30.84 -37.62
C GLN D 2 7.86 29.88 -38.36
N ARG D 3 6.60 29.88 -37.96
CA ARG D 3 5.61 29.00 -38.56
C ARG D 3 4.49 29.83 -39.16
N THR D 4 4.19 29.58 -40.43
CA THR D 4 3.23 30.38 -41.17
C THR D 4 1.80 29.90 -40.85
N PRO D 5 0.83 30.82 -40.87
CA PRO D 5 -0.50 30.37 -40.42
C PRO D 5 -1.22 29.42 -41.39
N LYS D 6 -1.86 28.41 -40.81
CA LYS D 6 -2.90 27.64 -41.50
C LYS D 6 -4.18 28.50 -41.49
N ILE D 7 -4.87 28.52 -42.62
CA ILE D 7 -6.03 29.39 -42.78
C ILE D 7 -7.18 28.57 -43.35
N GLN D 8 -8.23 28.39 -42.58
CA GLN D 8 -9.36 27.57 -42.99
C GLN D 8 -10.64 28.39 -42.95
N VAL D 9 -11.37 28.38 -44.07
CA VAL D 9 -12.55 29.20 -44.24
C VAL D 9 -13.72 28.26 -44.49
N TYR D 10 -14.80 28.42 -43.73
CA TYR D 10 -15.87 27.41 -43.74
C TYR D 10 -17.12 27.99 -43.07
N SER D 11 -18.30 27.50 -43.45
CA SER D 11 -19.52 28.01 -42.86
C SER D 11 -19.83 27.24 -41.56
N ARG D 12 -20.57 27.88 -40.67
CA ARG D 12 -20.97 27.27 -39.42
C ARG D 12 -21.86 26.05 -39.66
N HIS D 13 -22.85 26.20 -40.54
CA HIS D 13 -23.74 25.10 -40.93
C HIS D 13 -23.49 24.77 -42.40
N PRO D 14 -23.91 23.58 -42.87
CA PRO D 14 -23.88 23.29 -44.31
C PRO D 14 -24.55 24.42 -45.13
N ALA D 15 -23.83 24.98 -46.09
CA ALA D 15 -24.27 26.18 -46.78
C ALA D 15 -25.34 25.94 -47.84
N GLU D 16 -26.28 26.88 -47.93
CA GLU D 16 -27.28 26.88 -48.98
C GLU D 16 -27.53 28.31 -49.43
N ASN D 17 -27.42 28.58 -50.73
CA ASN D 17 -27.64 29.95 -51.21
C ASN D 17 -28.99 30.50 -50.74
N GLY D 18 -28.98 31.69 -50.17
CA GLY D 18 -30.22 32.32 -49.74
C GLY D 18 -30.60 32.07 -48.30
N LYS D 19 -29.86 31.20 -47.61
CA LYS D 19 -30.15 30.96 -46.19
C LYS D 19 -29.08 31.55 -45.30
N SER D 20 -29.50 32.30 -44.29
CA SER D 20 -28.57 32.91 -43.33
C SER D 20 -27.65 31.87 -42.65
N ASN D 21 -26.41 32.26 -42.40
CA ASN D 21 -25.34 31.36 -41.94
C ASN D 21 -24.26 32.21 -41.27
N PHE D 22 -23.19 31.56 -40.82
CA PHE D 22 -22.02 32.28 -40.35
C PHE D 22 -20.78 31.82 -41.11
N LEU D 23 -19.95 32.77 -41.51
CA LEU D 23 -18.69 32.45 -42.17
C LEU D 23 -17.54 32.53 -41.17
N ASN D 24 -16.79 31.45 -41.06
CA ASN D 24 -15.67 31.37 -40.13
C ASN D 24 -14.33 31.43 -40.84
N CYS D 25 -13.35 32.03 -40.17
CA CYS D 25 -11.98 31.89 -40.59
C CYS D 25 -11.15 31.50 -39.38
N TYR D 26 -10.63 30.28 -39.40
CA TYR D 26 -9.80 29.75 -38.32
C TYR D 26 -8.34 29.82 -38.73
N VAL D 27 -7.56 30.59 -37.97
CA VAL D 27 -6.16 30.87 -38.30
C VAL D 27 -5.32 30.30 -37.17
N SER D 28 -4.45 29.35 -37.49
CA SER D 28 -3.83 28.53 -36.48
C SER D 28 -2.44 28.09 -36.83
N GLY D 29 -1.72 27.57 -35.83
CA GLY D 29 -0.41 26.98 -36.06
C GLY D 29 0.68 27.99 -36.35
N PHE D 30 0.44 29.28 -36.10
CA PHE D 30 1.46 30.27 -36.43
C PHE D 30 2.34 30.68 -35.23
N HIS D 31 3.56 31.12 -35.53
CA HIS D 31 4.49 31.66 -34.53
C HIS D 31 5.46 32.58 -35.30
N PRO D 32 5.75 33.78 -34.78
CA PRO D 32 5.33 34.42 -33.52
C PRO D 32 3.88 34.95 -33.58
N SER D 33 3.45 35.75 -32.60
CA SER D 33 2.00 35.99 -32.38
C SER D 33 1.34 37.11 -33.16
N ASP D 34 2.09 38.13 -33.58
CA ASP D 34 1.52 39.25 -34.32
C ASP D 34 0.89 38.75 -35.61
N ILE D 35 -0.38 39.12 -35.80
CA ILE D 35 -1.12 38.68 -36.96
C ILE D 35 -2.26 39.65 -37.28
N GLU D 36 -2.68 39.69 -38.54
CA GLU D 36 -3.76 40.57 -38.96
C GLU D 36 -4.74 39.73 -39.76
N VAL D 37 -6.02 39.79 -39.41
CA VAL D 37 -7.03 38.99 -40.10
C VAL D 37 -8.23 39.84 -40.49
N ASP D 38 -8.60 39.80 -41.76
CA ASP D 38 -9.82 40.43 -42.24
C ASP D 38 -10.69 39.45 -43.01
N LEU D 39 -12.02 39.62 -42.92
CA LEU D 39 -12.93 38.91 -43.81
C LEU D 39 -13.33 39.83 -44.95
N LEU D 40 -13.37 39.29 -46.16
CA LEU D 40 -13.68 40.09 -47.35
C LEU D 40 -14.93 39.59 -48.05
N LYS D 41 -15.75 40.52 -48.52
CA LYS D 41 -16.86 40.20 -49.40
C LYS D 41 -16.59 40.83 -50.75
N ASN D 42 -16.47 40.03 -51.81
CA ASN D 42 -16.14 40.55 -53.13
C ASN D 42 -14.91 41.47 -53.12
N GLY D 43 -13.90 41.11 -52.34
CA GLY D 43 -12.65 41.82 -52.30
C GLY D 43 -12.58 42.94 -51.27
N GLU D 44 -13.74 43.34 -50.72
CA GLU D 44 -13.80 44.48 -49.83
C GLU D 44 -13.95 44.03 -48.38
N ARG D 45 -13.31 44.75 -47.47
CA ARG D 45 -13.28 44.35 -46.06
C ARG D 45 -14.66 44.44 -45.41
N ILE D 46 -15.06 43.37 -44.73
CA ILE D 46 -16.33 43.33 -44.01
C ILE D 46 -16.12 43.99 -42.66
N GLU D 47 -17.02 44.90 -42.29
CA GLU D 47 -16.84 45.68 -41.07
C GLU D 47 -17.32 45.01 -39.78
N LYS D 48 -18.49 44.39 -39.84
CA LYS D 48 -19.07 43.76 -38.66
C LYS D 48 -18.56 42.32 -38.56
N VAL D 49 -17.36 42.19 -38.00
CA VAL D 49 -16.68 40.89 -37.86
C VAL D 49 -16.26 40.65 -36.41
N GLU D 50 -16.59 39.49 -35.86
CA GLU D 50 -16.17 39.19 -34.49
C GLU D 50 -14.97 38.29 -34.51
N HIS D 51 -14.24 38.25 -33.40
CA HIS D 51 -13.13 37.32 -33.27
C HIS D 51 -12.85 36.97 -31.82
N SER D 52 -12.30 35.77 -31.63
CA SER D 52 -11.78 35.33 -30.34
C SER D 52 -10.49 36.05 -30.00
N ASP D 53 -10.14 36.04 -28.72
CA ASP D 53 -8.82 36.50 -28.29
C ASP D 53 -7.76 35.54 -28.84
N LEU D 54 -6.52 36.01 -28.93
CA LEU D 54 -5.40 35.14 -29.28
C LEU D 54 -5.46 33.93 -28.35
N SER D 55 -5.25 32.74 -28.92
CA SER D 55 -5.35 31.49 -28.17
C SER D 55 -4.05 30.69 -28.24
N PHE D 56 -3.82 29.83 -27.25
CA PHE D 56 -2.53 29.11 -27.13
C PHE D 56 -2.63 27.61 -27.30
N SER D 57 -1.76 27.07 -28.15
CA SER D 57 -1.68 25.62 -28.32
C SER D 57 -0.53 25.06 -27.50
N LYS D 58 -0.66 23.77 -27.16
CA LYS D 58 0.35 23.02 -26.44
C LYS D 58 1.67 23.00 -27.21
N ASP D 59 1.61 23.12 -28.53
CA ASP D 59 2.86 23.08 -29.31
C ASP D 59 3.53 24.46 -29.44
N TRP D 60 3.02 25.42 -28.66
CA TRP D 60 3.55 26.80 -28.53
C TRP D 60 3.10 27.73 -29.64
N SER D 61 2.36 27.20 -30.61
CA SER D 61 1.82 28.03 -31.67
C SER D 61 0.51 28.69 -31.21
N PHE D 62 -0.04 29.58 -32.03
CA PHE D 62 -1.23 30.34 -31.67
C PHE D 62 -2.37 30.09 -32.63
N TYR D 63 -3.59 30.38 -32.19
CA TYR D 63 -4.73 30.29 -33.07
C TYR D 63 -5.81 31.33 -32.72
N LEU D 64 -6.66 31.65 -33.70
CA LEU D 64 -7.72 32.67 -33.61
C LEU D 64 -8.94 32.28 -34.45
N LEU D 65 -10.14 32.68 -34.05
CA LEU D 65 -11.32 32.51 -34.90
C LEU D 65 -11.97 33.87 -35.23
N TYR D 66 -12.08 34.17 -36.52
CA TYR D 66 -12.81 35.34 -37.02
C TYR D 66 -14.12 34.88 -37.68
N TYR D 67 -15.25 35.54 -37.42
CA TYR D 67 -16.48 35.14 -38.08
C TYR D 67 -17.43 36.31 -38.30
N THR D 68 -18.37 36.14 -39.22
CA THR D 68 -19.38 37.16 -39.51
C THR D 68 -20.66 36.48 -39.97
N GLU D 69 -21.78 37.14 -39.74
CA GLU D 69 -23.06 36.63 -40.22
C GLU D 69 -23.16 36.94 -41.71
N PHE D 70 -23.65 35.98 -42.50
CA PHE D 70 -23.79 36.24 -43.93
C PHE D 70 -24.86 35.35 -44.55
N THR D 71 -25.30 35.76 -45.73
CA THR D 71 -26.18 34.92 -46.51
C THR D 71 -25.49 34.66 -47.83
N PRO D 72 -24.98 33.43 -48.01
CA PRO D 72 -24.25 33.09 -49.23
C PRO D 72 -25.14 33.21 -50.46
N THR D 73 -24.58 33.75 -51.55
CA THR D 73 -25.27 33.77 -52.84
C THR D 73 -24.32 33.22 -53.89
N GLU D 74 -24.85 32.93 -55.08
CA GLU D 74 -24.00 32.38 -56.14
C GLU D 74 -23.00 33.43 -56.66
N LYS D 75 -23.37 34.71 -56.57
CA LYS D 75 -22.55 35.77 -57.15
C LYS D 75 -21.48 36.26 -56.17
N ASP D 76 -21.76 36.19 -54.88
CA ASP D 76 -20.86 36.75 -53.86
C ASP D 76 -19.67 35.84 -53.52
N GLU D 77 -18.46 36.40 -53.64
CA GLU D 77 -17.23 35.71 -53.24
C GLU D 77 -16.75 36.16 -51.86
N TYR D 78 -16.48 35.21 -50.99
CA TYR D 78 -15.98 35.54 -49.65
C TYR D 78 -14.57 35.03 -49.47
N ALA D 79 -13.80 35.74 -48.66
CA ALA D 79 -12.41 35.33 -48.43
C ALA D 79 -11.95 35.77 -47.05
N CYS D 80 -10.84 35.20 -46.64
CA CYS D 80 -10.19 35.58 -45.41
C CYS D 80 -8.82 36.06 -45.81
N ARG D 81 -8.44 37.26 -45.36
CA ARG D 81 -7.14 37.86 -45.72
C ARG D 81 -6.29 37.95 -44.46
N VAL D 82 -5.09 37.39 -44.54
CA VAL D 82 -4.24 37.22 -43.36
C VAL D 82 -2.83 37.75 -43.59
N ASN D 83 -2.29 38.47 -42.64
CA ASN D 83 -0.88 38.86 -42.74
C ASN D 83 -0.09 38.48 -41.49
N HIS D 84 1.19 38.15 -41.68
CA HIS D 84 2.01 37.56 -40.63
C HIS D 84 3.45 37.79 -41.07
N VAL D 85 4.40 37.76 -40.13
CA VAL D 85 5.78 38.09 -40.48
C VAL D 85 6.33 37.08 -41.50
N THR D 86 5.77 35.87 -41.55
CA THR D 86 6.26 34.87 -42.52
C THR D 86 5.77 35.11 -43.95
N LEU D 87 4.90 36.10 -44.13
CA LEU D 87 4.29 36.35 -45.43
C LEU D 87 4.81 37.67 -45.97
N SER D 88 5.29 37.68 -47.21
CA SER D 88 5.83 38.91 -47.77
C SER D 88 4.69 39.82 -48.20
N GLN D 89 3.51 39.24 -48.36
CA GLN D 89 2.33 40.04 -48.61
C GLN D 89 1.13 39.32 -48.03
N PRO D 90 0.06 40.07 -47.73
CA PRO D 90 -1.15 39.46 -47.21
C PRO D 90 -1.64 38.34 -48.12
N LYS D 91 -2.06 37.24 -47.51
CA LYS D 91 -2.58 36.08 -48.22
C LYS D 91 -4.10 36.10 -48.20
N ILE D 92 -4.72 36.08 -49.37
CA ILE D 92 -6.16 36.06 -49.46
C ILE D 92 -6.58 34.63 -49.73
N VAL D 93 -7.37 34.06 -48.83
CA VAL D 93 -7.76 32.66 -48.94
C VAL D 93 -9.27 32.61 -49.22
N LYS D 94 -9.65 32.07 -50.38
CA LYS D 94 -11.06 32.10 -50.76
C LYS D 94 -11.90 31.01 -50.08
N TRP D 95 -13.15 31.33 -49.75
CA TRP D 95 -14.08 30.29 -49.27
C TRP D 95 -14.39 29.35 -50.44
N ASP D 96 -14.34 28.04 -50.20
CA ASP D 96 -14.60 27.06 -51.25
C ASP D 96 -16.11 26.77 -51.41
N ARG D 97 -16.92 27.57 -50.73
CA ARG D 97 -18.40 27.52 -50.88
C ARG D 97 -18.98 26.20 -50.37
N ASP D 98 -18.31 25.60 -49.40
CA ASP D 98 -18.73 24.37 -48.74
C ASP D 98 -18.76 23.20 -49.75
N MET D 99 -17.84 23.22 -50.71
CA MET D 99 -17.72 22.14 -51.69
C MET D 99 -16.99 20.94 -51.12
N GLY E 1 -7.36 30.92 2.90
CA GLY E 1 -7.23 30.16 4.13
C GLY E 1 -8.27 30.64 5.12
N GLN E 2 -8.26 30.08 6.33
CA GLN E 2 -9.21 30.52 7.36
C GLN E 2 -8.63 30.46 8.77
N ASN E 3 -8.05 29.32 9.15
CA ASN E 3 -7.67 29.10 10.55
C ASN E 3 -6.37 28.30 10.81
N ILE E 4 -5.55 28.82 11.71
CA ILE E 4 -4.33 28.17 12.18
C ILE E 4 -4.34 28.08 13.70
N ASP E 5 -4.10 26.89 14.24
CA ASP E 5 -4.04 26.75 15.68
C ASP E 5 -2.75 26.10 16.11
N GLN E 6 -2.11 26.73 17.09
CA GLN E 6 -0.92 26.19 17.73
C GLN E 6 -1.09 26.60 19.18
N PRO E 7 -0.53 25.83 20.12
CA PRO E 7 -0.76 26.24 21.52
C PRO E 7 -0.14 27.61 21.86
N THR E 8 -0.72 28.26 22.86
CA THR E 8 -0.28 29.56 23.30
C THR E 8 1.13 29.48 23.90
N GLU E 9 1.36 28.49 24.76
CA GLU E 9 2.69 28.31 25.30
C GLU E 9 2.90 26.85 25.70
N MET E 10 4.17 26.46 25.72
CA MET E 10 4.60 25.14 26.18
C MET E 10 5.83 25.28 27.06
N THR E 11 5.97 24.40 28.02
CA THR E 11 7.09 24.42 28.93
C THR E 11 7.68 23.03 28.94
N ALA E 12 8.97 22.95 28.74
CA ALA E 12 9.67 21.67 28.78
C ALA E 12 10.96 21.84 29.56
N THR E 13 11.66 20.74 29.82
CA THR E 13 12.86 20.77 30.63
C THR E 13 14.11 20.76 29.76
N GLU E 14 15.12 21.49 30.20
CA GLU E 14 16.41 21.54 29.54
C GLU E 14 16.94 20.13 29.32
N GLY E 15 17.44 19.86 28.11
CA GLY E 15 17.99 18.56 27.78
C GLY E 15 16.97 17.59 27.20
N ALA E 16 15.68 17.91 27.32
CA ALA E 16 14.64 16.99 26.89
C ALA E 16 14.15 17.34 25.50
N ILE E 17 12.96 16.87 25.18
CA ILE E 17 12.34 17.03 23.86
C ILE E 17 11.02 17.79 23.94
N VAL E 18 10.74 18.69 22.98
CA VAL E 18 9.40 19.26 22.93
C VAL E 18 8.89 19.21 21.50
N GLN E 19 7.60 18.88 21.37
CA GLN E 19 6.92 18.87 20.07
C GLN E 19 5.84 19.95 20.03
N ILE E 20 5.98 20.91 19.10
CA ILE E 20 5.02 22.00 18.99
C ILE E 20 4.07 21.74 17.82
N ASN E 21 2.79 21.55 18.10
CA ASN E 21 1.85 21.19 17.03
C ASN E 21 1.24 22.43 16.37
N CYS E 22 0.94 22.30 15.08
CA CYS E 22 0.23 23.33 14.36
C CYS E 22 -0.80 22.69 13.44
N THR E 23 -2.08 22.96 13.67
CA THR E 23 -3.10 22.47 12.74
C THR E 23 -3.69 23.63 11.90
N TYR E 24 -4.07 23.33 10.66
CA TYR E 24 -4.60 24.37 9.76
C TYR E 24 -5.84 23.87 9.02
N GLN E 25 -6.80 24.79 8.84
CA GLN E 25 -7.91 24.63 7.92
C GLN E 25 -7.87 25.81 6.96
N THR E 26 -7.42 25.58 5.73
CA THR E 26 -7.23 26.67 4.79
C THR E 26 -7.89 26.33 3.48
N SER E 27 -8.16 27.34 2.66
CA SER E 27 -8.65 27.09 1.32
C SER E 27 -7.44 26.90 0.45
N GLY E 28 -7.01 25.64 0.36
CA GLY E 28 -5.86 25.28 -0.42
C GLY E 28 -4.61 25.27 0.42
N PHE E 29 -3.54 24.76 -0.18
CA PHE E 29 -2.32 24.57 0.56
C PHE E 29 -1.14 24.60 -0.39
N ASN E 30 -0.21 25.50 -0.12
CA ASN E 30 1.00 25.64 -0.91
C ASN E 30 2.24 25.64 -0.04
N GLY E 31 2.12 25.09 1.16
CA GLY E 31 3.24 24.89 2.06
C GLY E 31 3.06 25.48 3.46
N LEU E 32 3.81 24.93 4.40
CA LEU E 32 3.73 25.34 5.79
C LEU E 32 5.14 25.75 6.25
N PHE E 33 5.20 26.90 6.92
CA PHE E 33 6.45 27.47 7.42
C PHE E 33 6.49 27.48 8.94
N TRP E 34 7.69 27.31 9.51
CA TRP E 34 7.92 27.66 10.91
C TRP E 34 8.97 28.76 10.98
N TYR E 35 8.74 29.71 11.90
CA TYR E 35 9.66 30.81 12.19
C TYR E 35 10.00 30.80 13.68
N GLN E 36 11.23 31.15 14.03
CA GLN E 36 11.62 31.36 15.41
C GLN E 36 11.61 32.88 15.67
N GLN E 37 11.07 33.30 16.81
CA GLN E 37 11.14 34.70 17.19
C GLN E 37 11.52 34.85 18.65
N HIS E 38 12.77 35.22 18.88
CA HIS E 38 13.21 35.54 20.23
C HIS E 38 12.54 36.84 20.71
N ALA E 39 12.36 36.95 22.02
CA ALA E 39 11.71 38.11 22.61
C ALA E 39 12.40 39.41 22.17
N GLY E 40 11.62 40.34 21.65
CA GLY E 40 12.18 41.61 21.25
C GLY E 40 12.89 41.58 19.90
N GLU E 41 12.94 40.42 19.26
CA GLU E 41 13.66 40.29 17.98
C GLU E 41 12.72 40.01 16.82
N ALA E 42 13.28 39.97 15.61
CA ALA E 42 12.53 39.63 14.39
C ALA E 42 12.34 38.13 14.24
N PRO E 43 11.22 37.69 13.63
CA PRO E 43 11.11 36.28 13.26
C PRO E 43 12.20 35.90 12.25
N THR E 44 12.73 34.68 12.35
CA THR E 44 13.64 34.15 11.34
C THR E 44 13.13 32.78 10.88
N PHE E 45 13.30 32.50 9.60
CA PHE E 45 12.83 31.27 8.99
C PHE E 45 13.51 30.05 9.59
N LEU E 46 12.73 29.06 10.01
CA LEU E 46 13.24 27.78 10.51
C LEU E 46 13.09 26.64 9.51
N SER E 47 11.87 26.45 9.00
CA SER E 47 11.60 25.32 8.10
C SER E 47 10.43 25.54 7.15
N TYR E 48 10.39 24.69 6.12
CA TYR E 48 9.29 24.67 5.15
C TYR E 48 8.95 23.24 4.80
N ASN E 49 7.67 22.89 4.84
CA ASN E 49 7.22 21.57 4.37
C ASN E 49 6.07 21.76 3.42
N VAL E 50 5.99 20.95 2.38
CA VAL E 50 4.82 21.00 1.51
C VAL E 50 4.34 19.59 1.10
N LEU E 51 5.24 18.61 1.08
CA LEU E 51 4.81 17.19 0.93
C LEU E 51 4.96 16.45 2.25
N ASP E 52 4.42 15.23 2.30
CA ASP E 52 4.41 14.50 3.55
C ASP E 52 5.79 14.02 3.91
N GLY E 53 6.11 14.21 5.19
CA GLY E 53 7.31 13.63 5.79
C GLY E 53 7.97 14.53 6.82
N LEU E 54 9.16 14.12 7.20
CA LEU E 54 9.88 14.73 8.29
C LEU E 54 11.19 15.24 7.74
N GLU E 55 11.54 16.48 8.03
CA GLU E 55 12.80 17.03 7.58
C GLU E 55 13.60 17.54 8.78
N GLU E 56 14.84 17.10 8.88
CA GLU E 56 15.68 17.38 10.04
C GLU E 56 16.74 18.41 9.68
N LYS E 57 16.91 19.42 10.54
CA LYS E 57 17.96 20.44 10.41
C LYS E 57 18.60 20.63 11.79
N GLY E 58 19.66 19.90 12.06
CA GLY E 58 20.30 19.98 13.36
C GLY E 58 19.41 19.38 14.42
N ARG E 59 19.20 20.13 15.50
CA ARG E 59 18.33 19.70 16.59
C ARG E 59 16.84 19.88 16.28
N PHE E 60 16.50 20.56 15.18
CA PHE E 60 15.09 20.83 14.87
C PHE E 60 14.62 19.94 13.72
N SER E 61 13.40 19.43 13.84
CA SER E 61 12.78 18.64 12.77
C SER E 61 11.42 19.22 12.52
N SER E 62 10.97 19.16 11.26
CA SER E 62 9.65 19.61 10.92
C SER E 62 8.90 18.54 10.16
N PHE E 63 7.68 18.28 10.62
CA PHE E 63 6.85 17.21 10.08
C PHE E 63 5.59 17.77 9.47
N LEU E 64 5.12 17.15 8.38
CA LEU E 64 3.85 17.52 7.79
C LEU E 64 3.03 16.30 7.38
N SER E 65 1.76 16.36 7.71
CA SER E 65 0.77 15.43 7.18
C SER E 65 -0.30 16.24 6.48
N ARG E 66 -0.33 16.17 5.15
CA ARG E 66 -1.28 16.97 4.40
CA ARG E 66 -1.28 16.95 4.36
C ARG E 66 -2.70 16.47 4.57
N SER E 67 -2.87 15.16 4.74
CA SER E 67 -4.22 14.61 4.91
C SER E 67 -4.84 14.89 6.29
N LYS E 68 -4.00 15.05 7.31
CA LYS E 68 -4.47 15.39 8.65
C LYS E 68 -4.47 16.91 8.93
N GLY E 69 -3.93 17.69 7.99
CA GLY E 69 -3.89 19.14 8.15
C GLY E 69 -3.13 19.52 9.41
N TYR E 70 -1.91 19.02 9.48
CA TYR E 70 -1.18 19.04 10.72
C TYR E 70 0.33 19.07 10.49
N SER E 71 1.03 19.84 11.30
CA SER E 71 2.48 19.88 11.27
C SER E 71 2.99 19.90 12.71
N TYR E 72 4.22 19.42 12.92
CA TYR E 72 4.85 19.76 14.19
C TYR E 72 6.30 20.18 13.98
N LEU E 73 6.76 21.01 14.90
CA LEU E 73 8.15 21.35 15.02
C LEU E 73 8.68 20.64 16.25
N LEU E 74 9.74 19.86 16.04
CA LEU E 74 10.31 19.03 17.09
C LEU E 74 11.69 19.54 17.49
N LEU E 75 11.85 19.89 18.75
CA LEU E 75 13.15 20.32 19.22
C LEU E 75 13.76 19.27 20.14
N LYS E 76 14.93 18.74 19.79
CA LYS E 76 15.62 17.75 20.62
C LYS E 76 16.73 18.41 21.43
N GLU E 77 17.14 17.74 22.52
CA GLU E 77 18.20 18.24 23.38
C GLU E 77 18.07 19.74 23.71
N LEU E 78 16.94 20.12 24.29
CA LEU E 78 16.61 21.52 24.56
C LEU E 78 17.66 22.30 25.35
N GLN E 79 17.92 23.53 24.91
CA GLN E 79 18.81 24.44 25.60
C GLN E 79 18.03 25.67 26.03
N MET E 80 18.55 26.41 27.02
CA MET E 80 17.91 27.63 27.49
C MET E 80 17.68 28.56 26.31
N LYS E 81 18.63 28.59 25.39
CA LYS E 81 18.58 29.54 24.29
C LYS E 81 17.43 29.21 23.35
N ASP E 82 16.79 28.07 23.55
CA ASP E 82 15.63 27.70 22.73
C ASP E 82 14.35 28.42 23.16
N SER E 83 14.41 29.14 24.29
CA SER E 83 13.27 29.96 24.76
C SER E 83 12.98 31.03 23.74
N ALA E 84 11.76 31.02 23.22
CA ALA E 84 11.39 31.90 22.09
C ALA E 84 9.94 31.60 21.73
N SER E 85 9.36 32.42 20.86
CA SER E 85 8.08 32.05 20.26
C SER E 85 8.35 31.36 18.95
N TYR E 86 7.50 30.41 18.60
CA TYR E 86 7.62 29.67 17.36
C TYR E 86 6.34 29.90 16.58
N LEU E 87 6.47 30.44 15.38
CA LEU E 87 5.30 30.85 14.57
C LEU E 87 5.06 29.88 13.45
N CYS E 88 3.84 29.40 13.36
CA CYS E 88 3.40 28.52 12.27
C CYS E 88 2.66 29.37 11.21
N ALA E 89 2.96 29.18 9.93
CA ALA E 89 2.25 29.94 8.88
C ALA E 89 2.02 29.07 7.66
N VAL E 90 0.82 29.15 7.08
CA VAL E 90 0.48 28.37 5.91
C VAL E 90 0.18 29.25 4.70
N LYS E 91 0.67 28.87 3.51
CA LYS E 91 0.30 29.59 2.29
C LYS E 91 -0.95 28.99 1.68
N ASP E 92 -1.98 29.78 1.41
CA ASP E 92 -3.20 29.19 0.88
C ASP E 92 -3.19 29.06 -0.65
N SER E 93 -4.34 28.74 -1.24
CA SER E 93 -4.47 28.58 -2.69
CA SER E 93 -4.42 28.57 -2.69
C SER E 93 -4.01 29.83 -3.44
N ASN E 94 -4.15 30.98 -2.80
CA ASN E 94 -3.81 32.25 -3.45
C ASN E 94 -2.47 32.81 -2.96
N TYR E 95 -1.67 31.96 -2.33
CA TYR E 95 -0.33 32.32 -1.86
C TYR E 95 -0.34 33.37 -0.76
N GLN E 96 -1.46 33.49 -0.07
CA GLN E 96 -1.56 34.40 1.06
C GLN E 96 -1.04 33.63 2.26
N LEU E 97 -0.23 34.28 3.09
CA LEU E 97 0.23 33.65 4.34
C LEU E 97 -0.82 33.82 5.43
N ILE E 98 -1.22 32.73 6.06
CA ILE E 98 -2.11 32.76 7.23
C ILE E 98 -1.27 32.46 8.46
N TRP E 99 -1.25 33.37 9.42
CA TRP E 99 -0.37 33.20 10.58
C TRP E 99 -1.04 32.71 11.85
N GLY E 100 -0.46 31.67 12.46
CA GLY E 100 -0.89 31.27 13.78
C GLY E 100 -0.40 32.30 14.79
N ALA E 101 -1.00 32.31 15.96
CA ALA E 101 -0.71 33.32 16.97
C ALA E 101 0.61 33.09 17.71
N GLY E 102 1.32 32.01 17.38
CA GLY E 102 2.61 31.77 17.99
C GLY E 102 2.52 30.92 19.24
N THR E 103 3.56 30.12 19.47
CA THR E 103 3.72 29.35 20.70
C THR E 103 4.96 29.84 21.44
N LYS E 104 4.77 30.36 22.64
CA LYS E 104 5.91 30.73 23.49
C LYS E 104 6.47 29.46 24.18
N LEU E 105 7.73 29.15 23.91
CA LEU E 105 8.38 27.98 24.51
C LEU E 105 9.22 28.43 25.68
N ILE E 106 8.88 27.91 26.86
CA ILE E 106 9.60 28.14 28.09
C ILE E 106 10.41 26.90 28.50
N ILE E 107 11.69 27.09 28.77
CA ILE E 107 12.60 26.03 29.12
C ILE E 107 12.94 26.09 30.59
N LYS E 108 12.65 25.03 31.33
CA LYS E 108 13.07 24.90 32.72
C LYS E 108 14.48 24.33 32.87
N PRO E 109 15.37 25.08 33.52
CA PRO E 109 16.74 24.62 33.77
C PRO E 109 16.74 23.44 34.71
N ASP E 110 17.65 22.51 34.49
CA ASP E 110 17.81 21.39 35.40
C ASP E 110 18.71 21.84 36.57
N ILE E 111 18.09 22.18 37.69
CA ILE E 111 18.81 22.71 38.84
C ILE E 111 19.37 21.56 39.67
N GLN E 112 20.68 21.40 39.69
CA GLN E 112 21.31 20.23 40.31
C GLN E 112 21.31 20.31 41.84
N ASN E 113 21.57 21.51 42.36
CA ASN E 113 21.67 21.70 43.80
C ASN E 113 20.79 22.84 44.30
N PRO E 114 19.48 22.58 44.43
CA PRO E 114 18.55 23.62 44.89
C PRO E 114 18.95 24.11 46.27
N ASP E 115 18.86 25.41 46.49
CA ASP E 115 19.24 25.98 47.77
C ASP E 115 18.37 27.20 48.00
N PRO E 116 17.05 27.01 48.05
CA PRO E 116 16.09 28.11 48.04
C PRO E 116 16.33 29.08 49.18
N ALA E 117 16.23 30.38 48.88
CA ALA E 117 16.51 31.39 49.88
C ALA E 117 15.94 32.74 49.47
N VAL E 118 15.62 33.58 50.46
CA VAL E 118 15.21 34.95 50.19
C VAL E 118 16.16 35.94 50.85
N TYR E 119 16.84 36.74 50.05
CA TYR E 119 17.81 37.68 50.59
C TYR E 119 17.30 39.12 50.52
N GLN E 120 17.68 39.95 51.48
CA GLN E 120 17.38 41.37 51.42
C GLN E 120 18.58 42.18 50.93
N LEU E 121 18.43 42.82 49.77
CA LEU E 121 19.47 43.70 49.25
C LEU E 121 19.27 45.14 49.73
N ARG E 122 20.35 45.93 49.74
CA ARG E 122 20.27 47.34 50.15
C ARG E 122 20.67 48.28 49.00
N ASP E 123 19.94 49.40 48.87
CA ASP E 123 20.27 50.46 47.91
C ASP E 123 21.65 51.06 48.12
N SER E 124 22.31 51.49 47.04
CA SER E 124 23.47 52.37 47.11
C SER E 124 23.09 53.86 46.97
N VAL E 131 14.45 46.07 48.37
CA VAL E 131 14.43 44.94 47.42
C VAL E 131 14.77 43.56 48.01
N CYS E 132 13.92 42.58 47.69
CA CYS E 132 14.07 41.19 48.14
C CYS E 132 14.30 40.22 46.99
N LEU E 133 15.19 39.26 47.20
CA LEU E 133 15.56 38.31 46.16
C LEU E 133 15.29 36.88 46.58
N PHE E 134 14.29 36.25 45.95
CA PHE E 134 13.99 34.83 46.06
C PHE E 134 14.85 34.13 45.00
N THR E 135 15.72 33.23 45.41
CA THR E 135 16.68 32.66 44.46
C THR E 135 17.06 31.22 44.79
N ASP E 136 17.62 30.53 43.80
CA ASP E 136 18.25 29.20 43.95
C ASP E 136 17.25 28.08 44.23
N PHE E 137 15.98 28.32 43.95
CA PHE E 137 14.97 27.27 44.07
C PHE E 137 14.94 26.40 42.81
N ASP E 138 14.44 25.18 42.95
CA ASP E 138 14.34 24.28 41.80
C ASP E 138 13.23 24.73 40.85
N SER E 139 13.33 24.35 39.59
CA SER E 139 12.48 24.90 38.53
C SER E 139 11.01 24.53 38.66
N GLN E 140 10.69 23.63 39.57
CA GLN E 140 9.31 23.22 39.76
C GLN E 140 8.50 24.31 40.48
N THR E 141 9.20 25.18 41.19
CA THR E 141 8.58 26.29 41.92
C THR E 141 7.98 27.38 41.01
N ASN E 142 6.74 27.76 41.28
CA ASN E 142 6.13 28.90 40.58
C ASN E 142 6.04 30.12 41.48
N VAL E 143 6.32 31.29 40.91
CA VAL E 143 6.21 32.55 41.63
C VAL E 143 4.91 33.27 41.27
N SER E 144 4.07 33.49 42.26
CA SER E 144 2.78 34.13 42.03
C SER E 144 2.88 35.65 42.19
N GLN E 145 1.97 36.36 41.55
CA GLN E 145 1.90 37.82 41.65
C GLN E 145 1.41 38.24 43.04
N SER E 146 1.73 39.47 43.43
CA SER E 146 1.31 40.01 44.71
C SER E 146 -0.21 40.21 44.77
N ASP E 150 0.19 48.08 46.66
CA ASP E 150 1.20 48.20 45.61
C ASP E 150 2.56 47.64 46.05
N VAL E 151 2.67 46.32 45.99
CA VAL E 151 3.93 45.62 46.17
C VAL E 151 4.25 44.92 44.85
N TYR E 152 5.48 45.05 44.38
CA TYR E 152 5.81 44.59 43.03
C TYR E 152 6.63 43.30 43.03
N ILE E 153 6.18 42.32 42.24
CA ILE E 153 6.82 41.00 42.15
C ILE E 153 6.97 40.52 40.69
N THR E 154 8.20 40.18 40.33
CA THR E 154 8.54 39.83 38.96
C THR E 154 8.37 38.34 38.68
N ASP E 155 8.36 37.97 37.39
CA ASP E 155 8.32 36.56 37.02
C ASP E 155 9.69 35.94 37.33
N LYS E 156 9.78 34.62 37.35
CA LYS E 156 11.09 34.03 37.65
C LYS E 156 12.00 34.19 36.45
N CYS E 157 13.29 34.28 36.71
CA CYS E 157 14.28 34.58 35.69
C CYS E 157 15.45 33.59 35.80
N VAL E 158 15.94 33.06 34.69
CA VAL E 158 17.07 32.11 34.74
C VAL E 158 18.38 32.77 34.32
N LEU E 159 19.37 32.76 35.21
CA LEU E 159 20.68 33.31 34.86
C LEU E 159 21.73 32.23 34.71
N ASP E 160 22.72 32.52 33.88
CA ASP E 160 23.72 31.53 33.50
C ASP E 160 25.13 32.05 33.75
N MET E 161 25.79 31.48 34.76
CA MET E 161 27.19 31.79 34.98
C MET E 161 28.03 30.75 34.22
N ARG E 162 28.31 31.05 32.95
CA ARG E 162 28.88 30.09 32.01
C ARG E 162 30.21 29.46 32.46
N SER E 163 31.12 30.28 32.98
CA SER E 163 32.43 29.79 33.38
C SER E 163 32.39 28.86 34.60
N MET E 164 31.29 28.90 35.36
CA MET E 164 31.16 28.02 36.50
C MET E 164 30.15 26.90 36.23
N ASP E 165 29.62 26.88 35.01
CA ASP E 165 28.58 25.93 34.57
C ASP E 165 27.47 25.79 35.61
N PHE E 166 26.94 26.93 36.03
CA PHE E 166 25.95 27.01 37.08
C PHE E 166 24.78 27.90 36.62
N LYS E 167 23.56 27.37 36.66
CA LYS E 167 22.37 28.17 36.36
C LYS E 167 21.56 28.31 37.65
N SER E 168 20.77 29.36 37.75
CA SER E 168 19.89 29.51 38.91
C SER E 168 18.63 30.33 38.60
N ASN E 169 17.53 29.98 39.26
CA ASN E 169 16.28 30.74 39.20
C ASN E 169 16.28 31.90 40.21
N SER E 170 15.63 32.99 39.85
CA SER E 170 15.37 34.05 40.83
C SER E 170 14.14 34.87 40.49
N ALA E 171 13.55 35.50 41.51
CA ALA E 171 12.50 36.50 41.32
C ALA E 171 12.73 37.64 42.30
N VAL E 172 12.32 38.84 41.92
CA VAL E 172 12.58 40.02 42.75
C VAL E 172 11.25 40.60 43.25
N ALA E 173 11.26 41.07 44.50
CA ALA E 173 10.12 41.76 45.07
C ALA E 173 10.56 43.08 45.71
N TRP E 174 9.76 44.14 45.56
CA TRP E 174 10.08 45.40 46.27
C TRP E 174 8.86 46.28 46.54
N SER E 175 8.99 47.19 47.50
CA SER E 175 7.90 48.10 47.85
C SER E 175 8.36 49.29 48.68
N ASN E 176 7.49 50.30 48.76
CA ASN E 176 7.67 51.45 49.66
C ASN E 176 6.60 51.48 50.76
N ALA E 181 8.45 43.91 54.20
CA ALA E 181 9.50 43.06 54.74
C ALA E 181 9.63 41.74 53.98
N CYS E 182 10.88 41.28 53.81
CA CYS E 182 11.19 40.07 53.05
C CYS E 182 10.57 38.77 53.57
N ALA E 183 10.35 38.69 54.87
CA ALA E 183 9.76 37.48 55.45
C ALA E 183 8.39 37.16 54.86
N ASN E 184 7.71 38.18 54.37
CA ASN E 184 6.35 38.04 53.89
C ASN E 184 6.19 38.28 52.39
N ALA E 185 7.26 38.74 51.75
CA ALA E 185 7.24 39.18 50.35
C ALA E 185 6.62 38.16 49.40
N PHE E 186 6.97 36.88 49.57
CA PHE E 186 6.54 35.83 48.66
C PHE E 186 5.45 34.92 49.24
N ASN E 187 4.63 35.47 50.13
CA ASN E 187 3.63 34.67 50.82
C ASN E 187 2.41 34.30 49.96
N ASN E 188 2.31 34.90 48.78
CA ASN E 188 1.27 34.50 47.83
C ASN E 188 1.72 33.34 46.95
N SER E 189 2.98 32.95 47.11
CA SER E 189 3.56 31.83 46.37
C SER E 189 3.71 30.57 47.21
N ILE E 190 3.66 29.41 46.57
CA ILE E 190 4.01 28.16 47.23
C ILE E 190 5.52 27.97 47.17
N ILE E 191 6.22 28.31 48.24
CA ILE E 191 7.68 28.24 48.25
C ILE E 191 8.18 27.05 49.08
N PRO E 192 9.40 26.57 48.79
CA PRO E 192 9.93 25.37 49.46
C PRO E 192 9.96 25.47 50.99
N GLU E 193 9.64 24.36 51.66
CA GLU E 193 9.64 24.28 53.13
C GLU E 193 10.99 24.67 53.72
N ASP E 194 12.07 24.29 53.02
CA ASP E 194 13.43 24.48 53.50
C ASP E 194 14.05 25.81 53.03
N THR E 195 13.19 26.78 52.67
CA THR E 195 13.68 28.07 52.21
C THR E 195 14.41 28.84 53.32
N PHE E 196 15.65 29.23 53.04
CA PHE E 196 16.50 29.91 54.03
C PHE E 196 16.14 31.39 54.17
N PHE E 197 15.83 31.82 55.39
CA PHE E 197 15.52 33.22 55.69
C PHE E 197 16.47 33.82 56.72
N PRO E 198 17.49 34.55 56.24
CA PRO E 198 18.42 35.25 57.13
C PRO E 198 17.74 36.28 58.03
N GLY F 3 20.49 42.52 5.25
CA GLY F 3 19.16 41.96 5.02
C GLY F 3 18.14 43.03 4.70
N VAL F 4 17.19 43.18 5.63
CA VAL F 4 16.14 44.18 5.55
C VAL F 4 16.37 45.24 6.62
N THR F 5 16.46 46.51 6.21
CA THR F 5 16.74 47.60 7.14
C THR F 5 15.52 48.50 7.28
N GLN F 6 14.97 48.59 8.50
CA GLN F 6 13.82 49.45 8.71
C GLN F 6 14.08 50.43 9.86
N THR F 7 13.46 51.60 9.76
CA THR F 7 13.63 52.65 10.75
C THR F 7 12.31 53.38 10.95
N PRO F 8 12.09 53.95 12.15
CA PRO F 8 12.96 53.93 13.34
C PRO F 8 12.69 52.68 14.20
N LYS F 9 13.58 52.38 15.14
CA LYS F 9 13.41 51.23 16.05
C LYS F 9 12.32 51.57 17.07
N PHE F 10 12.34 52.82 17.52
CA PHE F 10 11.34 53.35 18.47
C PHE F 10 10.81 54.71 18.02
N GLN F 11 9.55 54.95 18.32
CA GLN F 11 8.94 56.24 18.05
C GLN F 11 7.75 56.47 18.98
N VAL F 12 7.72 57.62 19.66
CA VAL F 12 6.54 58.08 20.38
C VAL F 12 5.79 59.09 19.52
N LEU F 13 4.48 58.94 19.39
CA LEU F 13 3.69 59.85 18.57
C LEU F 13 2.53 60.37 19.37
N LYS F 14 2.15 61.61 19.08
CA LYS F 14 0.93 62.19 19.62
C LYS F 14 -0.21 61.85 18.67
N THR F 15 -1.39 61.58 19.20
CA THR F 15 -2.58 61.32 18.37
C THR F 15 -2.78 62.42 17.31
N GLY F 16 -3.01 62.03 16.06
CA GLY F 16 -3.22 62.99 14.98
C GLY F 16 -1.96 63.31 14.20
N GLN F 17 -0.82 62.92 14.75
CA GLN F 17 0.48 63.18 14.15
C GLN F 17 0.73 62.19 13.01
N SER F 18 1.45 62.67 11.99
CA SER F 18 1.85 61.84 10.86
C SER F 18 3.21 61.22 11.09
N MET F 19 3.42 60.07 10.46
CA MET F 19 4.61 59.28 10.63
C MET F 19 4.92 58.48 9.34
N THR F 20 6.18 58.45 8.92
CA THR F 20 6.57 57.49 7.87
C THR F 20 7.62 56.53 8.40
N LEU F 21 7.37 55.22 8.24
CA LEU F 21 8.36 54.20 8.55
C LEU F 21 9.09 53.80 7.27
N GLN F 22 10.41 53.67 7.35
CA GLN F 22 11.21 53.35 6.17
C GLN F 22 11.56 51.88 6.16
N CYS F 23 11.59 51.29 4.95
CA CYS F 23 12.13 49.96 4.79
C CYS F 23 12.89 49.84 3.47
N ALA F 24 14.09 49.29 3.54
CA ALA F 24 14.86 49.01 2.34
C ALA F 24 15.43 47.61 2.41
N GLN F 25 15.52 46.93 1.27
CA GLN F 25 16.22 45.65 1.23
C GLN F 25 17.17 45.66 0.05
N ASP F 26 18.33 45.04 0.22
CA ASP F 26 19.34 45.03 -0.82
C ASP F 26 19.62 43.61 -1.28
N MET F 27 18.59 42.78 -1.23
CA MET F 27 18.70 41.37 -1.61
C MET F 27 18.15 41.14 -3.00
N ASN F 28 17.83 42.24 -3.70
CA ASN F 28 17.21 42.19 -5.01
C ASN F 28 15.89 41.43 -4.98
N HIS F 29 15.16 41.54 -3.87
CA HIS F 29 13.85 40.93 -3.77
C HIS F 29 12.77 41.71 -4.51
N ASN F 30 11.74 41.02 -4.98
CA ASN F 30 10.67 41.70 -5.71
C ASN F 30 9.46 42.03 -4.88
N SER F 31 9.25 41.27 -3.81
CA SER F 31 8.06 41.40 -2.98
C SER F 31 8.39 42.00 -1.63
N MET F 32 7.61 42.98 -1.19
CA MET F 32 7.79 43.57 0.15
C MET F 32 6.44 43.69 0.87
N TYR F 33 6.51 43.71 2.20
CA TYR F 33 5.35 43.54 3.09
C TYR F 33 5.50 44.43 4.31
N TRP F 34 4.37 44.92 4.83
CA TRP F 34 4.34 45.55 6.14
C TRP F 34 3.32 44.85 7.02
N TYR F 35 3.81 44.39 8.20
CA TYR F 35 3.02 43.66 9.17
C TYR F 35 2.96 44.45 10.46
N ARG F 36 1.90 44.25 11.24
CA ARG F 36 1.94 44.66 12.63
C ARG F 36 1.81 43.43 13.50
N GLN F 37 2.49 43.45 14.63
CA GLN F 37 2.42 42.34 15.58
C GLN F 37 1.83 42.85 16.87
N ASP F 38 0.72 42.26 17.28
CA ASP F 38 0.06 42.60 18.51
C ASP F 38 -0.10 41.36 19.38
N PRO F 39 -0.13 41.54 20.71
CA PRO F 39 -0.23 40.39 21.62
C PRO F 39 -1.51 39.55 21.42
N GLY F 40 -1.36 38.24 21.38
CA GLY F 40 -2.52 37.34 21.32
C GLY F 40 -2.99 37.02 19.92
N MET F 41 -2.30 37.52 18.91
CA MET F 41 -2.69 37.20 17.55
C MET F 41 -1.54 37.02 16.56
N GLY F 42 -1.83 36.39 15.43
CA GLY F 42 -0.83 36.24 14.41
C GLY F 42 -0.51 37.56 13.76
N LEU F 43 0.66 37.63 13.13
CA LEU F 43 1.04 38.77 12.31
C LEU F 43 -0.12 39.13 11.40
N ARG F 44 -0.39 40.43 11.27
CA ARG F 44 -1.44 40.91 10.37
C ARG F 44 -0.82 41.83 9.33
N LEU F 45 -1.09 41.51 8.06
CA LEU F 45 -0.62 42.24 6.90
C LEU F 45 -1.37 43.56 6.73
N ILE F 46 -0.63 44.65 6.63
CA ILE F 46 -1.23 45.97 6.46
C ILE F 46 -1.37 46.28 4.98
N TYR F 47 -0.24 46.33 4.29
CA TYR F 47 -0.16 46.49 2.85
C TYR F 47 1.00 45.63 2.37
N TYR F 48 1.00 45.28 1.09
CA TYR F 48 2.13 44.61 0.47
C TYR F 48 2.36 45.08 -0.94
N SER F 49 3.48 44.64 -1.51
CA SER F 49 3.88 45.02 -2.86
C SER F 49 4.49 43.82 -3.55
N ALA F 50 3.73 43.16 -4.43
CA ALA F 50 4.20 41.89 -5.00
C ALA F 50 5.41 42.09 -5.91
N SER F 51 5.51 43.29 -6.49
CA SER F 51 6.55 43.60 -7.47
C SER F 51 6.78 45.12 -7.46
N GLU F 52 7.91 45.57 -7.99
CA GLU F 52 8.09 47.01 -8.16
C GLU F 52 6.95 47.48 -9.06
N GLY F 53 6.31 48.58 -8.68
CA GLY F 53 5.28 49.16 -9.53
C GLY F 53 3.85 48.77 -9.21
N THR F 54 3.68 47.99 -8.15
CA THR F 54 2.33 47.69 -7.70
C THR F 54 2.29 47.47 -6.20
N THR F 55 1.17 47.86 -5.60
CA THR F 55 0.93 47.66 -4.18
C THR F 55 -0.54 47.33 -4.01
N ASP F 56 -0.89 46.69 -2.90
CA ASP F 56 -2.30 46.47 -2.60
C ASP F 56 -2.52 46.29 -1.10
N LYS F 57 -3.77 46.46 -0.68
CA LYS F 57 -4.10 46.34 0.73
C LYS F 57 -3.94 44.90 1.22
N GLY F 58 -3.60 44.78 2.51
CA GLY F 58 -3.61 43.50 3.15
C GLY F 58 -4.89 43.40 3.96
N GLU F 59 -4.78 42.80 5.13
CA GLU F 59 -5.91 42.56 6.01
C GLU F 59 -6.33 43.79 6.81
N VAL F 60 -5.36 44.63 7.21
CA VAL F 60 -5.71 45.78 8.04
C VAL F 60 -5.13 47.12 7.52
N PRO F 61 -5.58 47.55 6.33
CA PRO F 61 -5.06 48.75 5.66
C PRO F 61 -5.53 50.08 6.24
N ASN F 62 -6.64 50.10 6.99
CA ASN F 62 -7.23 51.37 7.41
C ASN F 62 -6.34 52.17 8.36
N GLY F 63 -6.12 53.43 8.02
CA GLY F 63 -5.29 54.32 8.81
C GLY F 63 -3.87 54.31 8.29
N TYR F 64 -3.64 53.54 7.25
CA TYR F 64 -2.31 53.46 6.65
C TYR F 64 -2.34 53.66 5.15
N ASN F 65 -1.17 53.93 4.60
CA ASN F 65 -0.96 53.76 3.17
C ASN F 65 0.53 53.51 2.94
N VAL F 66 0.88 53.08 1.74
CA VAL F 66 2.26 52.73 1.44
C VAL F 66 2.77 53.26 0.13
N SER F 67 4.07 53.29 0.00
CA SER F 67 4.70 53.62 -1.25
C SER F 67 5.83 52.67 -1.55
N ARG F 68 5.71 51.96 -2.68
CA ARG F 68 6.81 51.21 -3.26
C ARG F 68 7.65 52.18 -4.11
N LEU F 69 8.65 52.79 -3.48
CA LEU F 69 9.41 53.88 -4.09
C LEU F 69 10.26 53.42 -5.28
N ASN F 70 10.75 52.20 -5.18
CA ASN F 70 11.61 51.59 -6.19
C ASN F 70 11.72 50.11 -5.80
N LYS F 71 12.64 49.37 -6.42
CA LYS F 71 12.72 47.94 -6.11
C LYS F 71 13.18 47.70 -4.65
N ARG F 72 14.03 48.59 -4.13
CA ARG F 72 14.60 48.43 -2.80
C ARG F 72 13.71 48.88 -1.65
N GLU F 73 12.85 49.87 -1.89
CA GLU F 73 12.22 50.57 -0.78
C GLU F 73 10.71 50.55 -0.77
N PHE F 74 10.17 50.39 0.43
CA PHE F 74 8.75 50.24 0.65
C PHE F 74 8.38 50.99 1.92
N SER F 75 7.79 52.17 1.76
CA SER F 75 7.49 53.04 2.89
C SER F 75 6.12 52.79 3.45
N LEU F 76 6.02 52.87 4.76
CA LEU F 76 4.73 52.78 5.43
C LEU F 76 4.39 54.13 6.07
N ARG F 77 3.18 54.60 5.81
CA ARG F 77 2.76 55.91 6.26
C ARG F 77 1.56 55.77 7.22
N LEU F 78 1.67 56.42 8.38
CA LEU F 78 0.54 56.62 9.29
C LEU F 78 0.06 58.04 9.07
N GLU F 79 -1.15 58.15 8.51
CA GLU F 79 -1.67 59.43 8.04
C GLU F 79 -2.07 60.35 9.18
N SER F 80 -2.88 59.81 10.09
CA SER F 80 -3.32 60.53 11.28
C SER F 80 -3.27 59.57 12.46
N ALA F 81 -2.16 59.56 13.19
CA ALA F 81 -1.91 58.46 14.14
C ALA F 81 -3.00 58.30 15.17
N ALA F 82 -3.37 57.06 15.45
CA ALA F 82 -4.37 56.77 16.46
C ALA F 82 -3.78 55.84 17.51
N PRO F 83 -4.25 55.92 18.76
CA PRO F 83 -3.73 55.06 19.82
C PRO F 83 -3.77 53.56 19.47
N SER F 84 -4.75 53.13 18.68
CA SER F 84 -4.90 51.73 18.26
C SER F 84 -3.75 51.29 17.38
N GLN F 85 -3.01 52.27 16.84
CA GLN F 85 -1.87 51.98 15.99
C GLN F 85 -0.57 51.75 16.78
N THR F 86 -0.68 51.79 18.10
CA THR F 86 0.39 51.39 18.99
C THR F 86 0.67 49.92 18.73
N SER F 87 1.86 49.63 18.24
CA SER F 87 2.15 48.27 17.83
C SER F 87 3.63 48.10 17.52
N VAL F 88 4.00 46.87 17.14
CA VAL F 88 5.33 46.60 16.63
C VAL F 88 5.17 46.30 15.14
N TYR F 89 5.86 47.08 14.31
CA TYR F 89 5.75 46.98 12.87
C TYR F 89 6.94 46.24 12.32
N PHE F 90 6.68 45.29 11.42
CA PHE F 90 7.74 44.57 10.73
C PHE F 90 7.60 44.71 9.22
N CYS F 91 8.67 45.18 8.59
CA CYS F 91 8.84 45.13 7.16
C CYS F 91 9.41 43.77 6.79
N ALA F 92 8.98 43.20 5.67
CA ALA F 92 9.55 41.95 5.22
C ALA F 92 9.63 41.95 3.71
N SER F 93 10.47 41.07 3.19
CA SER F 93 10.58 40.89 1.76
C SER F 93 10.79 39.42 1.45
N SER F 94 10.46 39.04 0.22
CA SER F 94 10.77 37.73 -0.30
C SER F 94 11.17 37.90 -1.77
N VAL F 95 11.85 36.88 -2.31
CA VAL F 95 12.35 36.92 -3.68
C VAL F 95 11.19 37.19 -4.64
N TRP F 96 10.11 36.42 -4.55
CA TRP F 96 8.91 36.69 -5.36
C TRP F 96 7.63 36.50 -4.54
N THR F 97 6.49 36.64 -5.20
CA THR F 97 5.21 36.34 -4.58
C THR F 97 4.54 35.27 -5.45
N GLY F 98 4.04 34.21 -4.81
CA GLY F 98 3.44 33.13 -5.59
C GLY F 98 4.50 32.18 -6.12
N GLU F 99 5.60 32.11 -5.39
CA GLU F 99 6.54 30.99 -5.51
C GLU F 99 6.39 30.35 -4.13
N GLY F 100 6.03 29.09 -4.09
CA GLY F 100 5.62 28.51 -2.84
C GLY F 100 6.57 28.45 -1.67
N SER F 101 7.82 28.07 -1.91
CA SER F 101 8.70 27.80 -0.80
C SER F 101 9.49 29.01 -0.39
N GLY F 102 9.24 30.15 -1.04
CA GLY F 102 10.00 31.35 -0.72
C GLY F 102 9.66 31.90 0.66
N GLU F 103 10.65 32.01 1.54
CA GLU F 103 10.40 32.49 2.89
C GLU F 103 10.48 34.00 2.94
N LEU F 104 10.06 34.54 4.08
CA LEU F 104 10.17 35.96 4.34
C LEU F 104 11.46 36.26 5.08
N PHE F 105 12.01 37.43 4.77
CA PHE F 105 13.13 38.00 5.51
C PHE F 105 12.64 39.26 6.21
N PHE F 106 12.78 39.32 7.53
CA PHE F 106 12.17 40.41 8.31
C PHE F 106 13.17 41.49 8.71
N GLY F 107 12.75 42.76 8.69
CA GLY F 107 13.51 43.80 9.32
C GLY F 107 13.48 43.64 10.84
N GLU F 108 14.21 44.49 11.54
CA GLU F 108 14.38 44.31 12.99
C GLU F 108 13.17 44.79 13.79
N GLY F 109 12.20 45.44 13.12
CA GLY F 109 11.00 45.88 13.80
C GLY F 109 11.00 47.32 14.29
N SER F 110 9.82 47.92 14.35
CA SER F 110 9.64 49.30 14.81
C SER F 110 8.55 49.39 15.85
N ARG F 111 8.94 49.78 17.06
CA ARG F 111 7.98 49.93 18.14
C ARG F 111 7.42 51.35 18.14
N LEU F 112 6.13 51.46 17.86
CA LEU F 112 5.43 52.75 17.86
C LEU F 112 4.48 52.82 19.03
N THR F 113 4.54 53.90 19.80
CA THR F 113 3.55 54.14 20.82
C THR F 113 2.86 55.46 20.52
N VAL F 114 1.54 55.42 20.40
CA VAL F 114 0.77 56.62 20.11
C VAL F 114 0.00 57.02 21.33
N LEU F 115 0.21 58.26 21.78
CA LEU F 115 -0.39 58.81 23.00
C LEU F 115 -1.19 60.08 22.73
N GLU F 116 -2.25 60.30 23.50
CA GLU F 116 -3.06 61.50 23.36
C GLU F 116 -2.26 62.77 23.67
N ASP F 117 -1.40 62.68 24.67
CA ASP F 117 -0.57 63.80 25.08
C ASP F 117 0.77 63.21 25.48
N LEU F 118 1.84 63.99 25.38
CA LEU F 118 3.15 63.47 25.73
C LEU F 118 3.49 63.71 27.20
N LYS F 119 2.50 64.17 27.96
CA LYS F 119 2.73 64.58 29.35
C LYS F 119 2.92 63.42 30.36
N ASN F 120 2.60 62.19 29.97
CA ASN F 120 2.90 61.05 30.85
C ASN F 120 4.21 60.35 30.47
N VAL F 121 4.99 60.93 29.58
CA VAL F 121 6.23 60.29 29.22
C VAL F 121 7.33 60.60 30.24
N PHE F 122 7.92 59.55 30.80
CA PHE F 122 8.98 59.66 31.79
C PHE F 122 10.14 58.67 31.50
N PRO F 123 11.38 59.15 31.64
CA PRO F 123 12.53 58.24 31.61
C PRO F 123 12.57 57.41 32.90
N PRO F 124 13.35 56.34 32.93
CA PRO F 124 13.39 55.57 34.18
C PRO F 124 14.24 56.22 35.25
N GLU F 125 13.86 55.98 36.49
CA GLU F 125 14.79 56.10 37.61
C GLU F 125 15.50 54.75 37.69
N VAL F 126 16.82 54.76 37.89
CA VAL F 126 17.59 53.52 37.92
C VAL F 126 18.32 53.38 39.24
N ALA F 127 18.23 52.22 39.86
CA ALA F 127 19.01 52.02 41.08
C ALA F 127 19.58 50.59 41.16
N VAL F 128 20.73 50.49 41.79
CA VAL F 128 21.46 49.24 41.91
C VAL F 128 21.46 48.86 43.37
N PHE F 129 21.20 47.59 43.62
CA PHE F 129 21.16 47.08 44.97
C PHE F 129 22.27 46.05 45.12
N GLU F 130 23.11 46.29 46.12
CA GLU F 130 24.31 45.50 46.34
C GLU F 130 23.99 44.12 46.94
N PRO F 131 24.83 43.12 46.65
CA PRO F 131 24.51 41.77 47.13
C PRO F 131 24.49 41.67 48.66
N SER F 132 23.55 40.86 49.15
CA SER F 132 23.40 40.61 50.57
C SER F 132 24.58 39.82 51.10
N GLU F 133 25.10 40.22 52.25
CA GLU F 133 26.19 39.51 52.89
C GLU F 133 25.80 38.07 53.19
N ALA F 134 24.51 37.85 53.46
CA ALA F 134 24.03 36.50 53.74
C ALA F 134 24.19 35.56 52.55
N GLU F 135 23.94 36.06 51.34
CA GLU F 135 24.11 35.26 50.12
C GLU F 135 25.57 34.86 49.93
N ILE F 136 26.46 35.83 50.15
CA ILE F 136 27.89 35.62 50.02
C ILE F 136 28.34 34.53 50.99
N SER F 137 27.80 34.56 52.21
CA SER F 137 28.19 33.61 53.24
C SER F 137 27.57 32.23 52.99
N HIS F 138 26.37 32.22 52.42
CA HIS F 138 25.64 30.98 52.20
C HIS F 138 26.03 30.28 50.90
N THR F 139 26.43 31.04 49.88
CA THR F 139 26.66 30.45 48.55
C THR F 139 28.02 30.77 47.92
N GLN F 140 28.72 31.78 48.44
CA GLN F 140 29.95 32.28 47.80
C GLN F 140 29.65 32.84 46.41
N LYS F 141 28.41 33.22 46.20
CA LYS F 141 28.03 33.93 44.99
C LYS F 141 27.39 35.23 45.47
N ALA F 142 27.36 36.20 44.58
CA ALA F 142 26.88 37.52 44.96
C ALA F 142 26.05 38.07 43.83
N THR F 143 24.79 38.33 44.13
CA THR F 143 23.83 38.80 43.13
C THR F 143 23.55 40.29 43.29
N LEU F 144 23.90 41.06 42.26
CA LEU F 144 23.50 42.47 42.17
C LEU F 144 22.12 42.56 41.49
N VAL F 145 21.30 43.52 41.91
CA VAL F 145 20.00 43.74 41.28
C VAL F 145 19.84 45.19 40.79
N CYS F 146 19.32 45.35 39.59
CA CYS F 146 19.02 46.66 39.06
C CYS F 146 17.51 46.88 38.89
N LEU F 147 17.01 48.04 39.33
CA LEU F 147 15.61 48.41 39.11
C LEU F 147 15.49 49.67 38.27
N ALA F 148 14.77 49.57 37.16
CA ALA F 148 14.42 50.75 36.38
C ALA F 148 12.94 50.95 36.60
N THR F 149 12.58 52.10 37.15
CA THR F 149 11.21 52.34 37.60
C THR F 149 10.61 53.66 37.13
N GLY F 150 9.29 53.72 37.14
CA GLY F 150 8.51 54.92 36.86
C GLY F 150 8.53 55.35 35.40
N PHE F 151 8.92 54.48 34.48
CA PHE F 151 9.07 54.94 33.11
C PHE F 151 7.84 54.68 32.25
N TYR F 152 7.74 55.46 31.18
CA TYR F 152 6.62 55.42 30.24
C TYR F 152 6.98 56.18 28.97
N PRO F 153 6.72 55.58 27.79
CA PRO F 153 6.18 54.24 27.56
C PRO F 153 7.20 53.14 27.84
N ASP F 154 6.83 51.90 27.49
CA ASP F 154 7.67 50.73 27.66
C ASP F 154 8.71 50.67 26.53
N HIS F 155 9.67 51.58 26.56
CA HIS F 155 10.68 51.70 25.52
C HIS F 155 12.08 51.67 26.14
N VAL F 156 12.51 50.55 26.70
CA VAL F 156 13.81 50.52 27.36
C VAL F 156 14.67 49.33 26.95
N GLU F 157 15.98 49.49 27.07
CA GLU F 157 16.88 48.37 26.90
C GLU F 157 17.89 48.42 28.04
N LEU F 158 17.88 47.40 28.87
CA LEU F 158 18.76 47.37 30.02
C LEU F 158 19.99 46.51 29.70
N SER F 159 21.16 46.95 30.17
CA SER F 159 22.40 46.18 30.02
C SER F 159 23.31 46.39 31.24
N TRP F 160 24.20 45.44 31.48
CA TRP F 160 25.18 45.53 32.57
C TRP F 160 26.61 45.77 32.08
N TRP F 161 27.36 46.60 32.79
CA TRP F 161 28.73 46.93 32.40
C TRP F 161 29.69 46.78 33.57
N VAL F 162 30.70 45.92 33.40
CA VAL F 162 31.70 45.67 34.45
C VAL F 162 33.07 46.15 33.98
N ASN F 163 33.61 47.13 34.70
CA ASN F 163 34.90 47.75 34.38
C ASN F 163 34.95 48.26 32.94
N GLY F 164 33.82 48.81 32.50
CA GLY F 164 33.73 49.49 31.22
C GLY F 164 33.35 48.64 30.03
N LYS F 165 33.19 47.34 30.24
CA LYS F 165 32.81 46.44 29.16
C LYS F 165 31.48 45.75 29.51
N GLU F 166 30.55 45.71 28.56
CA GLU F 166 29.26 45.07 28.77
C GLU F 166 29.44 43.57 28.98
N VAL F 167 28.64 43.00 29.88
CA VAL F 167 28.68 41.57 30.16
C VAL F 167 27.32 40.89 29.93
N HIS F 168 27.35 39.59 29.70
CA HIS F 168 26.13 38.85 29.44
C HIS F 168 26.03 37.64 30.34
N SER F 169 27.16 37.05 30.67
CA SER F 169 27.21 35.91 31.58
C SER F 169 26.80 36.33 33.00
N GLY F 170 25.88 35.57 33.60
CA GLY F 170 25.44 35.82 34.97
C GLY F 170 24.31 36.82 35.04
N VAL F 171 23.79 37.20 33.89
CA VAL F 171 22.74 38.21 33.80
C VAL F 171 21.39 37.60 33.44
N CYS F 172 20.34 38.08 34.10
CA CYS F 172 18.98 37.81 33.66
C CYS F 172 18.10 39.05 33.86
N THR F 173 17.50 39.53 32.79
CA THR F 173 16.64 40.71 32.82
C THR F 173 15.20 40.30 32.52
N ASP F 174 14.24 40.81 33.28
CA ASP F 174 12.83 40.48 33.01
C ASP F 174 12.54 40.73 31.54
N PRO F 175 11.89 39.75 30.88
CA PRO F 175 11.58 39.93 29.46
C PRO F 175 10.50 40.99 29.26
N GLN F 176 9.62 41.17 30.23
CA GLN F 176 8.57 42.17 30.14
C GLN F 176 8.48 43.00 31.42
N PRO F 177 8.30 44.31 31.27
CA PRO F 177 8.16 45.19 32.45
C PRO F 177 6.83 44.93 33.14
N LEU F 178 6.73 45.25 34.42
CA LEU F 178 5.45 45.17 35.11
C LEU F 178 4.81 46.57 35.23
N LYS F 179 3.48 46.61 35.25
CA LYS F 179 2.73 47.86 35.41
C LYS F 179 2.66 48.30 36.86
N GLU F 180 3.18 49.50 37.14
CA GLU F 180 3.21 50.01 38.49
C GLU F 180 1.81 50.39 38.98
N GLN F 181 0.89 50.63 38.06
CA GLN F 181 -0.49 50.91 38.45
C GLN F 181 -1.40 50.10 37.51
N PRO F 182 -1.51 48.78 37.77
CA PRO F 182 -2.17 47.77 36.91
C PRO F 182 -3.55 48.19 36.45
N ALA F 183 -4.25 48.95 37.27
CA ALA F 183 -5.61 49.37 37.00
C ALA F 183 -5.68 50.48 35.94
N LEU F 184 -4.70 51.37 35.94
CA LEU F 184 -4.69 52.54 35.04
C LEU F 184 -4.34 52.18 33.60
N ASN F 185 -5.02 52.81 32.65
CA ASN F 185 -4.74 52.50 31.25
C ASN F 185 -3.37 53.05 30.83
N ASP F 186 -2.87 54.08 31.51
CA ASP F 186 -1.56 54.63 31.16
C ASP F 186 -0.52 54.40 32.27
N SER F 187 -0.60 53.25 32.94
CA SER F 187 0.37 52.89 33.98
C SER F 187 1.83 53.07 33.55
N ARG F 188 2.65 53.58 34.46
CA ARG F 188 4.07 53.59 34.21
C ARG F 188 4.64 52.20 34.52
N TYR F 189 5.92 51.98 34.18
CA TYR F 189 6.49 50.63 34.23
C TYR F 189 7.69 50.47 35.16
N ALA F 190 7.95 49.23 35.57
CA ALA F 190 9.17 48.88 36.27
C ALA F 190 9.83 47.65 35.62
N LEU F 191 11.16 47.59 35.68
CA LEU F 191 11.93 46.49 35.11
C LEU F 191 13.09 46.15 36.03
N SER F 192 13.31 44.85 36.27
CA SER F 192 14.40 44.42 37.14
C SER F 192 15.39 43.53 36.40
N SER F 193 16.63 43.52 36.88
CA SER F 193 17.65 42.67 36.29
C SER F 193 18.56 42.22 37.40
N ARG F 194 19.19 41.07 37.23
CA ARG F 194 20.16 40.58 38.20
C ARG F 194 21.51 40.35 37.52
N LEU F 195 22.60 40.67 38.21
CA LEU F 195 23.91 40.23 37.76
C LEU F 195 24.56 39.40 38.87
N ARG F 196 24.85 38.13 38.57
CA ARG F 196 25.44 37.28 39.60
C ARG F 196 26.90 36.98 39.27
N VAL F 197 27.76 37.22 40.25
CA VAL F 197 29.19 37.03 40.09
C VAL F 197 29.72 36.22 41.27
N SER F 198 30.96 35.77 41.19
CA SER F 198 31.56 35.06 42.31
C SER F 198 31.74 36.03 43.46
N ALA F 199 31.70 35.51 44.68
CA ALA F 199 31.95 36.32 45.86
C ALA F 199 33.31 37.01 45.78
N THR F 200 34.29 36.24 45.33
CA THR F 200 35.63 36.78 45.09
C THR F 200 35.61 38.00 44.18
N PHE F 201 34.82 37.94 43.11
CA PHE F 201 34.80 39.02 42.13
C PHE F 201 34.15 40.25 42.73
N TRP F 202 33.05 40.06 43.46
CA TRP F 202 32.36 41.17 44.11
C TRP F 202 33.21 41.84 45.19
N GLN F 203 34.05 41.07 45.86
CA GLN F 203 34.76 41.57 47.01
C GLN F 203 36.02 42.34 46.60
N ASN F 204 36.32 42.31 45.30
CA ASN F 204 37.42 43.09 44.74
C ASN F 204 37.00 44.54 44.53
N PRO F 205 37.60 45.47 45.30
CA PRO F 205 37.27 46.91 45.29
C PRO F 205 37.65 47.61 43.99
N ARG F 206 38.39 46.92 43.14
CA ARG F 206 38.86 47.53 41.89
C ARG F 206 37.89 47.21 40.75
N ASN F 207 36.92 46.36 41.05
CA ASN F 207 35.81 46.09 40.13
C ASN F 207 34.66 47.10 40.24
N HIS F 208 34.23 47.60 39.08
CA HIS F 208 33.16 48.59 39.01
C HIS F 208 31.99 47.99 38.23
N PHE F 209 30.78 48.14 38.78
CA PHE F 209 29.57 47.59 38.15
C PHE F 209 28.59 48.73 37.86
N ARG F 210 28.03 48.76 36.65
CA ARG F 210 27.06 49.79 36.32
C ARG F 210 25.85 49.18 35.63
N CYS F 211 24.66 49.58 36.07
CA CYS F 211 23.43 49.20 35.40
C CYS F 211 23.03 50.35 34.48
N GLN F 212 22.86 50.05 33.20
CA GLN F 212 22.58 51.07 32.21
C GLN F 212 21.26 50.80 31.53
N VAL F 213 20.43 51.83 31.46
CA VAL F 213 19.14 51.74 30.80
C VAL F 213 19.04 52.79 29.72
N GLN F 214 18.96 52.34 28.47
CA GLN F 214 18.68 53.20 27.33
C GLN F 214 17.18 53.38 27.29
N PHE F 215 16.72 54.63 27.33
CA PHE F 215 15.29 54.95 27.26
C PHE F 215 14.99 55.62 25.94
N TYR F 216 13.94 55.18 25.27
CA TYR F 216 13.54 55.83 24.03
C TYR F 216 12.27 56.63 24.29
N GLY F 217 12.36 57.95 24.11
CA GLY F 217 11.29 58.85 24.50
C GLY F 217 11.05 59.90 23.42
N LEU F 218 11.03 61.16 23.83
CA LEU F 218 10.75 62.24 22.90
C LEU F 218 12.02 62.62 22.12
N SER F 219 11.83 63.28 20.99
CA SER F 219 12.97 63.68 20.18
C SER F 219 13.11 65.20 20.17
N GLU F 220 14.13 65.70 19.49
CA GLU F 220 14.44 67.14 19.46
C GLU F 220 13.24 67.97 19.04
N ASN F 221 12.55 67.52 17.99
CA ASN F 221 11.46 68.31 17.39
C ASN F 221 10.21 68.43 18.28
N ASP F 222 10.01 67.46 19.17
CA ASP F 222 8.87 67.48 20.08
C ASP F 222 8.88 68.71 20.98
N GLU F 223 7.76 69.43 21.01
CA GLU F 223 7.64 70.61 21.86
C GLU F 223 7.42 70.20 23.31
N TRP F 224 8.11 70.87 24.23
CA TRP F 224 7.93 70.63 25.65
C TRP F 224 7.84 71.97 26.41
N THR F 225 6.82 72.11 27.25
CA THR F 225 6.60 73.34 28.00
C THR F 225 6.45 73.10 29.51
N GLN F 226 6.59 71.86 29.94
CA GLN F 226 6.44 71.50 31.35
C GLN F 226 7.65 71.96 32.16
N ASP F 227 7.46 72.07 33.47
CA ASP F 227 8.55 72.52 34.34
C ASP F 227 9.62 71.44 34.50
N ARG F 228 9.21 70.18 34.49
CA ARG F 228 10.20 69.11 34.59
C ARG F 228 10.95 69.01 33.27
N ALA F 229 12.10 68.35 33.31
CA ALA F 229 12.96 68.21 32.15
C ALA F 229 12.25 67.48 31.01
N LYS F 230 12.55 67.87 29.78
CA LYS F 230 12.01 67.19 28.59
C LYS F 230 12.40 65.72 28.58
N PRO F 231 11.40 64.81 28.52
CA PRO F 231 11.69 63.37 28.62
C PRO F 231 12.21 62.80 27.31
N VAL F 232 13.41 63.23 26.93
CA VAL F 232 14.02 62.84 25.67
C VAL F 232 14.60 61.45 25.76
N THR F 233 14.88 60.86 24.60
CA THR F 233 15.65 59.64 24.55
C THR F 233 16.97 59.88 25.30
N GLN F 234 17.33 58.95 26.17
CA GLN F 234 18.46 59.17 27.07
C GLN F 234 18.89 57.88 27.76
N ILE F 235 20.08 57.91 28.33
CA ILE F 235 20.59 56.80 29.12
C ILE F 235 20.61 57.20 30.58
N VAL F 236 20.08 56.33 31.43
CA VAL F 236 20.11 56.53 32.87
C VAL F 236 20.82 55.36 33.52
N SER F 237 21.77 55.64 34.40
CA SER F 237 22.53 54.57 35.04
C SER F 237 22.56 54.70 36.56
N ALA F 238 22.97 53.60 37.18
CA ALA F 238 23.32 53.57 38.59
C ALA F 238 24.48 52.58 38.74
N GLU F 239 25.29 52.75 39.77
CA GLU F 239 26.51 51.96 39.87
C GLU F 239 26.83 51.53 41.28
N ALA F 240 27.81 50.63 41.41
CA ALA F 240 28.35 50.22 42.69
C ALA F 240 29.79 49.72 42.54
N TRP F 241 30.56 49.86 43.60
CA TRP F 241 31.93 49.35 43.64
C TRP F 241 31.96 48.13 44.53
N GLY F 242 32.94 47.25 44.31
CA GLY F 242 33.07 46.04 45.10
C GLY F 242 33.20 46.28 46.60
N GLY G 1 7.89 -38.04 2.29
CA GLY G 1 8.21 -36.65 2.39
C GLY G 1 9.70 -36.36 2.36
N GLN G 2 10.33 -36.37 1.17
CA GLN G 2 11.74 -36.01 1.12
C GLN G 2 12.19 -35.24 -0.13
N ASN G 3 11.96 -35.76 -1.34
CA ASN G 3 12.55 -35.11 -2.51
C ASN G 3 11.73 -35.18 -3.83
N ILE G 4 11.59 -34.05 -4.50
CA ILE G 4 10.94 -33.96 -5.81
C ILE G 4 11.84 -33.25 -6.79
N ASP G 5 12.04 -33.80 -7.97
CA ASP G 5 12.88 -33.15 -8.97
C ASP G 5 12.19 -33.00 -10.32
N GLN G 6 12.31 -31.80 -10.86
CA GLN G 6 11.83 -31.50 -12.19
C GLN G 6 12.80 -30.48 -12.80
N PRO G 7 12.95 -30.50 -14.12
CA PRO G 7 13.93 -29.58 -14.71
C PRO G 7 13.50 -28.12 -14.46
N THR G 8 14.47 -27.21 -14.43
CA THR G 8 14.19 -25.80 -14.16
C THR G 8 13.43 -25.13 -15.29
N GLU G 9 13.83 -25.41 -16.51
CA GLU G 9 13.21 -24.77 -17.65
C GLU G 9 13.25 -25.69 -18.87
N MET G 10 12.25 -25.54 -19.73
CA MET G 10 12.21 -26.22 -21.02
C MET G 10 11.71 -25.24 -22.09
N THR G 11 12.19 -25.40 -23.33
CA THR G 11 11.79 -24.55 -24.44
C THR G 11 11.43 -25.41 -25.64
N ALA G 12 10.23 -25.23 -26.18
CA ALA G 12 9.79 -25.95 -27.37
C ALA G 12 9.06 -25.00 -28.31
N THR G 13 8.74 -25.50 -29.49
CA THR G 13 8.19 -24.68 -30.54
C THR G 13 6.67 -24.83 -30.61
N GLU G 14 5.99 -23.74 -30.93
CA GLU G 14 4.56 -23.71 -31.13
C GLU G 14 4.14 -24.82 -32.09
N GLY G 15 3.08 -25.56 -31.73
CA GLY G 15 2.62 -26.64 -32.56
C GLY G 15 3.24 -28.00 -32.20
N ALA G 16 4.30 -28.02 -31.40
CA ALA G 16 4.97 -29.28 -31.17
C ALA G 16 4.51 -29.95 -29.86
N ILE G 17 5.29 -30.91 -29.37
CA ILE G 17 4.92 -31.69 -28.16
C ILE G 17 6.04 -31.54 -27.14
N VAL G 18 5.71 -31.38 -25.87
CA VAL G 18 6.71 -31.36 -24.81
C VAL G 18 6.31 -32.28 -23.66
N GLN G 19 7.31 -32.97 -23.11
CA GLN G 19 7.13 -33.90 -22.00
C GLN G 19 7.87 -33.32 -20.80
N ILE G 20 7.14 -32.98 -19.76
CA ILE G 20 7.76 -32.39 -18.59
C ILE G 20 7.89 -33.48 -17.52
N ASN G 21 9.11 -33.80 -17.14
CA ASN G 21 9.37 -34.91 -16.20
C ASN G 21 9.36 -34.50 -14.74
N CYS G 22 8.88 -35.41 -13.88
CA CYS G 22 8.94 -35.22 -12.44
C CYS G 22 9.32 -36.54 -11.75
N THR G 23 10.43 -36.58 -11.04
CA THR G 23 10.78 -37.76 -10.23
C THR G 23 10.68 -37.46 -8.75
N TYR G 24 10.24 -38.43 -7.95
CA TYR G 24 10.06 -38.19 -6.54
C TYR G 24 10.65 -39.34 -5.70
N GLN G 25 11.21 -38.98 -4.55
CA GLN G 25 11.54 -39.94 -3.50
C GLN G 25 10.85 -39.50 -2.23
N THR G 26 9.82 -40.25 -1.86
CA THR G 26 9.00 -39.82 -0.73
C THR G 26 8.78 -40.95 0.26
N SER G 27 8.41 -40.59 1.48
CA SER G 27 8.03 -41.59 2.45
C SER G 27 6.57 -41.91 2.23
N GLY G 28 6.32 -42.87 1.34
CA GLY G 28 4.96 -43.32 1.05
C GLY G 28 4.39 -42.54 -0.11
N PHE G 29 3.23 -42.96 -0.60
CA PHE G 29 2.71 -42.33 -1.79
C PHE G 29 1.19 -42.40 -1.82
N ASN G 30 0.60 -41.21 -1.91
CA ASN G 30 -0.84 -41.08 -1.97
C ASN G 30 -1.32 -40.26 -3.17
N GLY G 31 -0.47 -40.17 -4.18
CA GLY G 31 -0.86 -39.53 -5.42
C GLY G 31 0.04 -38.39 -5.82
N LEU G 32 0.03 -38.09 -7.12
CA LEU G 32 0.89 -37.08 -7.70
C LEU G 32 0.01 -36.10 -8.47
N PHE G 33 0.26 -34.82 -8.22
CA PHE G 33 -0.52 -33.76 -8.85
C PHE G 33 0.33 -32.94 -9.81
N TRP G 34 -0.29 -32.42 -10.87
CA TRP G 34 0.33 -31.34 -11.63
C TRP G 34 -0.52 -30.08 -11.55
N TYR G 35 0.15 -28.92 -11.42
CA TYR G 35 -0.51 -27.61 -11.40
C TYR G 35 0.13 -26.71 -12.46
N GLN G 36 -0.68 -25.85 -13.07
CA GLN G 36 -0.16 -24.82 -13.98
C GLN G 36 -0.13 -23.48 -13.25
N GLN G 37 0.94 -22.73 -13.44
CA GLN G 37 1.02 -21.42 -12.86
C GLN G 37 1.58 -20.43 -13.85
N HIS G 38 0.70 -19.57 -14.40
CA HIS G 38 1.14 -18.48 -15.25
C HIS G 38 1.89 -17.46 -14.41
N ALA G 39 2.86 -16.79 -15.03
CA ALA G 39 3.66 -15.79 -14.33
C ALA G 39 2.78 -14.75 -13.67
N GLY G 40 2.97 -14.55 -12.37
CA GLY G 40 2.22 -13.58 -11.60
C GLY G 40 0.84 -14.04 -11.16
N GLU G 41 0.47 -15.29 -11.47
CA GLU G 41 -0.87 -15.77 -11.16
C GLU G 41 -0.86 -16.95 -10.15
N ALA G 42 -2.04 -17.41 -9.76
CA ALA G 42 -2.15 -18.57 -8.86
C ALA G 42 -1.92 -19.87 -9.57
N PRO G 43 -1.32 -20.85 -8.88
CA PRO G 43 -1.29 -22.20 -9.45
C PRO G 43 -2.72 -22.69 -9.63
N THR G 44 -3.02 -23.43 -10.70
CA THR G 44 -4.34 -24.06 -10.83
C THR G 44 -4.18 -25.54 -11.12
N PHE G 45 -5.07 -26.35 -10.56
CA PHE G 45 -4.99 -27.80 -10.71
C PHE G 45 -5.08 -28.27 -12.16
N LEU G 46 -4.14 -29.11 -12.59
CA LEU G 46 -4.19 -29.69 -13.93
C LEU G 46 -4.56 -31.18 -13.94
N SER G 47 -3.86 -31.99 -13.15
CA SER G 47 -4.08 -33.45 -13.19
C SER G 47 -3.69 -34.15 -11.90
N TYR G 48 -4.18 -35.37 -11.75
CA TYR G 48 -3.90 -36.26 -10.63
C TYR G 48 -3.71 -37.68 -11.16
N ASN G 49 -2.64 -38.35 -10.71
CA ASN G 49 -2.41 -39.77 -10.98
C ASN G 49 -2.10 -40.48 -9.65
N VAL G 50 -2.58 -41.71 -9.47
CA VAL G 50 -2.26 -42.44 -8.25
C VAL G 50 -2.01 -43.93 -8.56
N LEU G 51 -2.58 -44.44 -9.66
CA LEU G 51 -2.21 -45.79 -10.14
C LEU G 51 -1.35 -45.63 -11.38
N ASP G 52 -0.74 -46.71 -11.82
CA ASP G 52 0.17 -46.67 -12.96
C ASP G 52 -0.57 -46.45 -14.28
N GLY G 53 -0.02 -45.63 -15.17
CA GLY G 53 -0.57 -45.53 -16.50
C GLY G 53 -0.68 -44.09 -17.00
N LEU G 54 -1.39 -43.93 -18.11
CA LEU G 54 -1.46 -42.67 -18.81
C LEU G 54 -2.90 -42.21 -18.75
N GLU G 55 -3.12 -40.95 -18.36
CA GLU G 55 -4.46 -40.37 -18.31
C GLU G 55 -4.54 -39.11 -19.17
N GLU G 56 -5.55 -39.06 -20.03
CA GLU G 56 -5.66 -37.97 -20.98
C GLU G 56 -6.78 -36.98 -20.65
N LYS G 57 -6.48 -35.69 -20.75
CA LYS G 57 -7.44 -34.60 -20.60
C LYS G 57 -7.21 -33.51 -21.66
N GLY G 58 -7.90 -33.57 -22.79
CA GLY G 58 -7.71 -32.59 -23.85
C GLY G 58 -6.33 -32.71 -24.48
N ARG G 59 -5.62 -31.60 -24.62
CA ARG G 59 -4.27 -31.60 -25.21
C ARG G 59 -3.20 -32.07 -24.23
N PHE G 60 -3.57 -32.25 -22.96
CA PHE G 60 -2.65 -32.64 -21.88
C PHE G 60 -2.88 -34.08 -21.44
N SER G 61 -1.78 -34.77 -21.19
CA SER G 61 -1.79 -36.11 -20.64
C SER G 61 -0.85 -36.17 -19.47
N SER G 62 -1.16 -36.99 -18.47
CA SER G 62 -0.23 -37.19 -17.37
C SER G 62 -0.06 -38.69 -17.11
N PHE G 63 1.19 -39.09 -16.96
CA PHE G 63 1.63 -40.50 -16.82
C PHE G 63 2.25 -40.73 -15.44
N LEU G 64 2.05 -41.91 -14.85
CA LEU G 64 2.69 -42.25 -13.60
C LEU G 64 3.20 -43.70 -13.61
N SER G 65 4.43 -43.87 -13.14
CA SER G 65 4.98 -45.18 -12.76
C SER G 65 5.36 -45.10 -11.30
N ARG G 66 4.61 -45.78 -10.42
CA ARG G 66 4.92 -45.74 -8.99
C ARG G 66 6.25 -46.46 -8.68
N SER G 67 6.55 -47.53 -9.41
CA SER G 67 7.73 -48.34 -9.07
C SER G 67 9.01 -47.59 -9.46
N LYS G 68 8.92 -46.75 -10.49
CA LYS G 68 10.06 -45.96 -10.92
C LYS G 68 10.08 -44.59 -10.25
N GLY G 69 9.00 -44.26 -9.54
CA GLY G 69 8.89 -42.98 -8.85
C GLY G 69 8.99 -41.83 -9.85
N TYR G 70 8.11 -41.86 -10.85
CA TYR G 70 8.26 -40.99 -12.01
C TYR G 70 6.92 -40.62 -12.64
N SER G 71 6.77 -39.36 -13.06
CA SER G 71 5.59 -38.92 -13.74
C SER G 71 6.00 -37.99 -14.88
N TYR G 72 5.20 -37.88 -15.92
CA TYR G 72 5.41 -36.78 -16.86
C TYR G 72 4.09 -36.17 -17.20
N LEU G 73 4.15 -34.87 -17.50
CA LEU G 73 3.04 -34.14 -18.02
C LEU G 73 3.35 -33.89 -19.51
N LEU G 74 2.46 -34.33 -20.38
CA LEU G 74 2.68 -34.28 -21.82
C LEU G 74 1.73 -33.21 -22.41
N LEU G 75 2.27 -32.20 -23.07
CA LEU G 75 1.44 -31.17 -23.74
C LEU G 75 1.61 -31.29 -25.22
N LYS G 76 0.50 -31.51 -25.94
CA LYS G 76 0.53 -31.61 -27.40
C LYS G 76 0.05 -30.31 -28.06
N GLU G 77 0.40 -30.14 -29.33
CA GLU G 77 0.00 -28.96 -30.11
C GLU G 77 0.17 -27.69 -29.31
N LEU G 78 1.40 -27.43 -28.89
CA LEU G 78 1.68 -26.32 -27.99
C LEU G 78 1.15 -24.99 -28.54
N GLN G 79 0.58 -24.16 -27.68
CA GLN G 79 0.17 -22.82 -28.07
C GLN G 79 0.91 -21.84 -27.17
N MET G 80 1.00 -20.57 -27.57
CA MET G 80 1.65 -19.56 -26.74
C MET G 80 1.06 -19.52 -25.32
N LYS G 81 -0.25 -19.74 -25.19
CA LYS G 81 -0.89 -19.61 -23.88
C LYS G 81 -0.44 -20.72 -22.92
N ASP G 82 0.27 -21.73 -23.45
CA ASP G 82 0.83 -22.81 -22.63
C ASP G 82 2.11 -22.34 -21.90
N SER G 83 2.60 -21.15 -22.25
CA SER G 83 3.77 -20.61 -21.56
C SER G 83 3.42 -20.36 -20.13
N ALA G 84 4.12 -21.04 -19.22
CA ALA G 84 3.75 -21.04 -17.82
C ALA G 84 4.75 -21.89 -17.04
N SER G 85 4.66 -21.83 -15.71
CA SER G 85 5.36 -22.85 -14.92
C SER G 85 4.44 -24.02 -14.60
N TYR G 86 5.04 -25.21 -14.54
CA TYR G 86 4.28 -26.44 -14.28
C TYR G 86 4.89 -27.05 -13.03
N LEU G 87 4.06 -27.19 -11.99
CA LEU G 87 4.53 -27.61 -10.68
C LEU G 87 4.11 -29.05 -10.45
N CYS G 88 5.07 -29.88 -10.04
CA CYS G 88 4.81 -31.27 -9.66
C CYS G 88 4.66 -31.36 -8.13
N ALA G 89 3.66 -32.10 -7.63
CA ALA G 89 3.54 -32.29 -6.18
C ALA G 89 3.08 -33.69 -5.81
N VAL G 90 3.69 -34.24 -4.78
CA VAL G 90 3.36 -35.58 -4.29
C VAL G 90 2.83 -35.57 -2.84
N LYS G 91 1.77 -36.36 -2.60
CA LYS G 91 1.25 -36.56 -1.24
C LYS G 91 1.95 -37.75 -0.61
N ASP G 92 2.57 -37.59 0.57
CA ASP G 92 3.34 -38.67 1.20
C ASP G 92 2.41 -39.53 2.07
N SER G 93 2.98 -40.41 2.87
CA SER G 93 2.19 -41.31 3.71
C SER G 93 1.30 -40.59 4.71
N ASN G 94 1.68 -39.36 5.08
CA ASN G 94 0.93 -38.61 6.08
C ASN G 94 0.08 -37.51 5.42
N TYR G 95 -0.10 -37.66 4.13
CA TYR G 95 -1.00 -36.86 3.28
C TYR G 95 -0.45 -35.42 3.22
N GLN G 96 0.85 -35.27 3.46
CA GLN G 96 1.51 -33.96 3.30
C GLN G 96 2.01 -33.80 1.88
N LEU G 97 1.81 -32.61 1.33
CA LEU G 97 2.23 -32.30 -0.04
C LEU G 97 3.69 -31.93 -0.13
N ILE G 98 4.40 -32.62 -1.00
CA ILE G 98 5.79 -32.25 -1.27
C ILE G 98 5.84 -31.67 -2.68
N TRP G 99 6.27 -30.41 -2.78
CA TRP G 99 6.27 -29.64 -4.04
C TRP G 99 7.60 -29.59 -4.77
N GLY G 100 7.58 -29.88 -6.06
CA GLY G 100 8.75 -29.65 -6.90
C GLY G 100 8.94 -28.16 -7.14
N ALA G 101 10.14 -27.77 -7.56
CA ALA G 101 10.47 -26.36 -7.71
C ALA G 101 9.87 -25.76 -8.99
N GLY G 102 9.25 -26.59 -9.82
CA GLY G 102 8.58 -26.08 -10.99
C GLY G 102 9.45 -26.08 -12.23
N THR G 103 8.81 -26.31 -13.36
CA THR G 103 9.46 -26.19 -14.65
C THR G 103 8.84 -25.03 -15.43
N LYS G 104 9.66 -24.07 -15.80
CA LYS G 104 9.21 -22.99 -16.66
C LYS G 104 9.19 -23.41 -18.15
N LEU G 105 8.02 -23.40 -18.78
CA LEU G 105 7.90 -23.78 -20.19
C LEU G 105 7.86 -22.56 -21.08
N ILE G 106 8.85 -22.43 -21.95
CA ILE G 106 8.93 -21.31 -22.89
C ILE G 106 8.56 -21.82 -24.28
N ILE G 107 7.63 -21.12 -24.93
CA ILE G 107 7.18 -21.51 -26.26
C ILE G 107 7.73 -20.53 -27.33
N LYS G 108 8.43 -21.05 -28.33
CA LYS G 108 8.87 -20.26 -29.47
C LYS G 108 7.74 -20.16 -30.51
N PRO G 109 7.28 -18.92 -30.80
CA PRO G 109 6.23 -18.80 -31.83
C PRO G 109 6.75 -19.22 -33.19
N ASP G 110 5.89 -19.78 -34.02
CA ASP G 110 6.20 -20.09 -35.39
C ASP G 110 6.03 -18.82 -36.24
N ILE G 111 7.14 -18.17 -36.57
CA ILE G 111 7.11 -16.91 -37.34
C ILE G 111 7.09 -17.20 -38.85
N GLN G 112 5.96 -16.87 -39.49
CA GLN G 112 5.73 -17.24 -40.89
C GLN G 112 6.55 -16.43 -41.88
N ASN G 113 6.65 -15.14 -41.64
CA ASN G 113 7.39 -14.29 -42.56
C ASN G 113 8.33 -13.38 -41.79
N PRO G 114 9.48 -13.93 -41.37
CA PRO G 114 10.46 -13.14 -40.61
C PRO G 114 10.92 -11.92 -41.41
N ASP G 115 11.06 -10.80 -40.72
CA ASP G 115 11.44 -9.54 -41.37
C ASP G 115 12.28 -8.77 -40.35
N PRO G 116 13.40 -9.37 -39.91
CA PRO G 116 14.15 -8.75 -38.80
C PRO G 116 14.59 -7.31 -39.14
N ALA G 117 14.50 -6.43 -38.15
CA ALA G 117 14.80 -5.03 -38.36
C ALA G 117 15.05 -4.41 -37.00
N VAL G 118 15.86 -3.34 -37.00
CA VAL G 118 16.07 -2.53 -35.81
C VAL G 118 15.60 -1.12 -36.12
N TYR G 119 14.58 -0.68 -35.41
CA TYR G 119 14.01 0.63 -35.64
C TYR G 119 14.34 1.59 -34.51
N GLN G 120 14.45 2.84 -34.89
CA GLN G 120 14.62 3.92 -33.95
C GLN G 120 13.26 4.52 -33.66
N LEU G 121 12.81 4.47 -32.42
CA LEU G 121 11.53 5.07 -32.09
C LEU G 121 11.71 6.57 -31.94
N ARG G 122 10.61 7.32 -31.94
CA ARG G 122 10.74 8.78 -31.83
C ARG G 122 11.04 9.15 -30.38
N ASP G 123 11.91 10.12 -30.19
CA ASP G 123 12.25 10.66 -28.88
C ASP G 123 10.98 11.14 -28.17
N SER G 124 10.94 11.00 -26.84
CA SER G 124 9.91 11.70 -26.06
C SER G 124 10.41 13.06 -25.57
N LYS G 125 9.56 14.08 -25.74
CA LYS G 125 9.68 15.40 -25.12
C LYS G 125 10.10 15.34 -23.64
N SER G 126 9.55 14.36 -22.92
CA SER G 126 9.71 14.26 -21.46
C SER G 126 10.82 13.30 -21.03
N SER G 127 11.62 12.83 -21.97
CA SER G 127 12.65 11.84 -21.62
C SER G 127 13.97 12.09 -22.35
N ASP G 128 15.09 11.91 -21.63
CA ASP G 128 16.42 12.02 -22.25
C ASP G 128 16.88 10.73 -22.96
N LYS G 129 16.02 9.73 -23.03
CA LYS G 129 16.41 8.42 -23.59
C LYS G 129 16.26 8.31 -25.10
N SER G 130 17.18 7.65 -25.77
CA SER G 130 16.91 7.15 -27.12
C SER G 130 16.51 5.68 -27.04
N VAL G 131 15.57 5.25 -27.87
CA VAL G 131 14.96 3.92 -27.77
C VAL G 131 14.98 3.20 -29.12
N CYS G 132 15.46 1.97 -29.10
CA CYS G 132 15.62 1.12 -30.28
C CYS G 132 14.76 -0.15 -30.14
N LEU G 133 14.15 -0.57 -31.22
CA LEU G 133 13.27 -1.74 -31.23
C LEU G 133 13.78 -2.77 -32.24
N PHE G 134 14.29 -3.89 -31.75
CA PHE G 134 14.64 -5.06 -32.57
C PHE G 134 13.39 -5.91 -32.73
N THR G 135 12.91 -6.12 -33.93
CA THR G 135 11.61 -6.77 -34.07
C THR G 135 11.51 -7.63 -35.32
N ASP G 136 10.53 -8.54 -35.30
CA ASP G 136 10.07 -9.34 -36.44
C ASP G 136 11.09 -10.39 -36.84
N PHE G 137 12.01 -10.71 -35.93
CA PHE G 137 12.96 -11.79 -36.18
C PHE G 137 12.38 -13.17 -35.82
N ASP G 138 12.99 -14.18 -36.42
CA ASP G 138 12.59 -15.57 -36.24
C ASP G 138 12.92 -16.01 -34.84
N SER G 139 12.21 -17.00 -34.33
CA SER G 139 12.35 -17.40 -32.93
C SER G 139 13.69 -18.04 -32.57
N GLN G 140 14.52 -18.39 -33.54
CA GLN G 140 15.80 -19.01 -33.21
C GLN G 140 16.77 -17.97 -32.69
N THR G 141 16.50 -16.71 -32.99
CA THR G 141 17.34 -15.60 -32.56
C THR G 141 17.26 -15.38 -31.04
N ASN G 142 18.42 -15.25 -30.41
CA ASN G 142 18.52 -14.92 -29.00
C ASN G 142 18.97 -13.48 -28.82
N VAL G 143 18.37 -12.80 -27.85
CA VAL G 143 18.77 -11.45 -27.51
C VAL G 143 19.62 -11.46 -26.24
N SER G 144 20.87 -11.00 -26.32
CA SER G 144 21.71 -11.01 -25.14
C SER G 144 21.65 -9.67 -24.42
N GLN G 145 21.99 -9.67 -23.13
CA GLN G 145 22.01 -8.46 -22.32
C GLN G 145 23.11 -7.49 -22.79
N SER G 146 22.96 -6.21 -22.50
CA SER G 146 23.99 -5.25 -22.90
C SER G 146 25.27 -5.51 -22.12
N LYS G 147 26.39 -5.03 -22.65
CA LYS G 147 27.64 -5.11 -21.92
C LYS G 147 28.17 -3.72 -21.57
N ASP G 148 27.39 -2.70 -21.95
CA ASP G 148 27.62 -1.32 -21.52
C ASP G 148 26.65 -1.03 -20.36
N SER G 149 27.19 -0.59 -19.23
CA SER G 149 26.38 -0.36 -18.04
C SER G 149 25.30 0.73 -18.24
N ASP G 150 25.50 1.68 -19.15
CA ASP G 150 24.44 2.67 -19.37
C ASP G 150 23.57 2.40 -20.60
N VAL G 151 23.59 1.15 -21.07
CA VAL G 151 22.65 0.66 -22.07
C VAL G 151 21.80 -0.48 -21.50
N TYR G 152 20.49 -0.36 -21.67
CA TYR G 152 19.54 -1.31 -21.12
C TYR G 152 18.87 -2.05 -22.26
N ILE G 153 18.84 -3.38 -22.15
CA ILE G 153 18.28 -4.22 -23.20
C ILE G 153 17.36 -5.29 -22.60
N THR G 154 16.10 -5.29 -23.00
CA THR G 154 15.17 -6.24 -22.45
C THR G 154 15.18 -7.49 -23.30
N ASP G 155 14.73 -8.60 -22.73
CA ASP G 155 14.67 -9.86 -23.46
C ASP G 155 13.54 -9.85 -24.46
N LYS G 156 13.52 -10.84 -25.35
CA LYS G 156 12.47 -10.87 -26.36
C LYS G 156 11.13 -11.19 -25.73
N CYS G 157 10.11 -10.62 -26.34
CA CYS G 157 8.72 -10.64 -25.90
C CYS G 157 7.92 -11.03 -27.16
N VAL G 158 6.94 -11.89 -27.03
CA VAL G 158 6.08 -12.29 -28.15
C VAL G 158 4.75 -11.53 -28.08
N LEU G 159 4.42 -10.72 -29.09
CA LEU G 159 3.11 -10.09 -29.07
C LEU G 159 2.23 -10.66 -30.18
N ASP G 160 0.93 -10.58 -29.94
CA ASP G 160 -0.10 -11.22 -30.74
C ASP G 160 -1.11 -10.18 -31.15
N MET G 161 -1.11 -9.81 -32.43
CA MET G 161 -2.15 -8.94 -32.97
C MET G 161 -3.29 -9.82 -33.47
N ARG G 162 -4.23 -10.09 -32.57
CA ARG G 162 -5.27 -11.09 -32.79
C ARG G 162 -6.07 -10.84 -34.05
N SER G 163 -6.42 -9.58 -34.29
CA SER G 163 -7.24 -9.21 -35.43
C SER G 163 -6.54 -9.47 -36.78
N MET G 164 -5.22 -9.59 -36.75
CA MET G 164 -4.47 -9.93 -37.96
C MET G 164 -3.90 -11.36 -37.87
N ASP G 165 -4.22 -12.04 -36.77
CA ASP G 165 -3.67 -13.37 -36.50
C ASP G 165 -2.16 -13.35 -36.77
N PHE G 166 -1.50 -12.37 -36.17
CA PHE G 166 -0.11 -12.08 -36.46
C PHE G 166 0.70 -12.00 -35.16
N LYS G 167 1.76 -12.80 -35.06
CA LYS G 167 2.63 -12.77 -33.89
C LYS G 167 4.00 -12.23 -34.27
N SER G 168 4.69 -11.60 -33.33
CA SER G 168 6.05 -11.14 -33.62
C SER G 168 6.88 -11.03 -32.36
N ASN G 169 8.17 -11.35 -32.50
CA ASN G 169 9.16 -11.15 -31.45
C ASN G 169 9.70 -9.72 -31.44
N SER G 170 9.99 -9.19 -30.26
CA SER G 170 10.75 -7.94 -30.20
C SER G 170 11.50 -7.81 -28.88
N ALA G 171 12.54 -6.99 -28.90
CA ALA G 171 13.27 -6.62 -27.71
C ALA G 171 13.56 -5.14 -27.80
N VAL G 172 13.68 -4.48 -26.66
CA VAL G 172 13.88 -3.03 -26.63
C VAL G 172 15.24 -2.70 -26.03
N ALA G 173 15.90 -1.69 -26.60
CA ALA G 173 17.16 -1.18 -26.06
C ALA G 173 17.06 0.33 -25.87
N TRP G 174 17.63 0.85 -24.78
CA TRP G 174 17.65 2.30 -24.61
C TRP G 174 18.85 2.79 -23.80
N SER G 175 19.13 4.07 -23.97
CA SER G 175 20.24 4.71 -23.26
C SER G 175 20.07 6.22 -23.33
N ASN G 176 20.74 6.95 -22.46
CA ASN G 176 20.75 8.40 -22.61
C ASN G 176 22.15 8.90 -22.97
N LYS G 177 23.03 7.97 -23.36
CA LYS G 177 24.42 8.32 -23.69
C LYS G 177 24.50 9.02 -25.05
N SER G 178 25.43 9.97 -25.17
CA SER G 178 25.61 10.68 -26.42
C SER G 178 26.03 9.70 -27.54
N ASP G 179 26.88 8.74 -27.18
CA ASP G 179 27.20 7.61 -28.05
C ASP G 179 25.98 7.03 -28.77
N PHE G 180 25.13 6.42 -27.96
CA PHE G 180 24.09 5.48 -28.37
C PHE G 180 23.48 5.67 -29.75
N ALA G 181 23.53 4.59 -30.54
CA ALA G 181 22.91 4.54 -31.85
C ALA G 181 22.25 3.18 -32.02
N CYS G 182 21.07 3.16 -32.65
CA CYS G 182 20.35 1.93 -32.86
C CYS G 182 21.19 0.99 -33.72
N ALA G 183 22.03 1.55 -34.57
CA ALA G 183 22.91 0.74 -35.43
C ALA G 183 23.83 -0.16 -34.62
N ASN G 184 24.14 0.23 -33.38
CA ASN G 184 25.08 -0.54 -32.56
C ASN G 184 24.44 -1.16 -31.31
N ALA G 185 23.20 -0.80 -31.02
CA ALA G 185 22.52 -1.17 -29.78
C ALA G 185 22.57 -2.68 -29.51
N PHE G 186 22.30 -3.49 -30.52
CA PHE G 186 22.23 -4.94 -30.33
C PHE G 186 23.45 -5.69 -30.87
N ASN G 187 24.60 -5.04 -31.00
CA ASN G 187 25.69 -5.75 -31.65
C ASN G 187 26.40 -6.72 -30.70
N ASN G 188 26.00 -6.75 -29.43
CA ASN G 188 26.45 -7.82 -28.55
C ASN G 188 25.58 -9.07 -28.74
N SER G 189 24.54 -8.98 -29.59
CA SER G 189 23.71 -10.13 -29.93
C SER G 189 24.10 -10.76 -31.26
N ILE G 190 23.82 -12.06 -31.41
CA ILE G 190 23.89 -12.71 -32.73
C ILE G 190 22.60 -12.39 -33.47
N ILE G 191 22.62 -11.44 -34.39
CA ILE G 191 21.38 -11.09 -35.09
C ILE G 191 21.41 -11.55 -36.56
N PRO G 192 20.24 -11.73 -37.19
CA PRO G 192 20.22 -12.23 -38.57
C PRO G 192 21.02 -11.35 -39.53
N GLU G 193 21.69 -12.00 -40.48
CA GLU G 193 22.50 -11.33 -41.50
C GLU G 193 21.74 -10.26 -42.26
N ASP G 194 20.46 -10.53 -42.52
CA ASP G 194 19.63 -9.66 -43.34
C ASP G 194 18.79 -8.68 -42.53
N THR G 195 19.21 -8.39 -41.31
CA THR G 195 18.47 -7.47 -40.45
C THR G 195 18.47 -6.09 -41.11
N PHE G 196 17.28 -5.51 -41.22
CA PHE G 196 17.08 -4.21 -41.86
C PHE G 196 17.41 -3.11 -40.85
N PHE G 197 18.32 -2.23 -41.24
CA PHE G 197 18.69 -1.06 -40.45
C PHE G 197 18.36 0.19 -41.29
N PRO G 198 17.17 0.77 -41.07
CA PRO G 198 16.85 2.00 -41.81
C PRO G 198 17.80 3.15 -41.50
N SER G 199 17.97 4.05 -42.45
CA SER G 199 18.89 5.18 -42.28
C SER G 199 18.45 6.18 -41.21
N PRO G 200 19.43 6.78 -40.52
CA PRO G 200 19.27 7.91 -39.60
C PRO G 200 18.45 9.06 -40.17
N ASN H 1 -18.84 -17.35 -4.98
CA ASN H 1 -18.42 -17.68 -6.32
C ASN H 1 -17.07 -17.06 -6.65
N ALA H 2 -16.44 -16.45 -5.66
CA ALA H 2 -15.16 -15.77 -5.88
C ALA H 2 -13.98 -16.73 -5.74
N GLY H 3 -14.22 -17.87 -5.09
CA GLY H 3 -13.17 -18.85 -4.83
C GLY H 3 -12.36 -18.46 -3.60
N VAL H 4 -11.08 -18.20 -3.78
CA VAL H 4 -10.21 -17.82 -2.67
C VAL H 4 -9.75 -16.37 -2.85
N THR H 5 -10.06 -15.52 -1.88
CA THR H 5 -9.78 -14.09 -1.95
C THR H 5 -8.75 -13.72 -0.91
N GLN H 6 -7.58 -13.27 -1.32
CA GLN H 6 -6.58 -12.89 -0.32
C GLN H 6 -6.10 -11.46 -0.58
N THR H 7 -5.72 -10.78 0.50
CA THR H 7 -5.29 -9.38 0.42
C THR H 7 -4.15 -9.18 1.42
N PRO H 8 -3.26 -8.22 1.16
CA PRO H 8 -3.20 -7.35 -0.02
C PRO H 8 -2.41 -8.00 -1.16
N LYS H 9 -2.52 -7.45 -2.36
CA LYS H 9 -1.81 -7.97 -3.52
C LYS H 9 -0.31 -7.66 -3.43
N PHE H 10 0.01 -6.45 -2.96
CA PHE H 10 1.40 -6.02 -2.75
C PHE H 10 1.55 -5.33 -1.40
N GLN H 11 2.71 -5.46 -0.77
CA GLN H 11 2.99 -4.70 0.44
C GLN H 11 4.48 -4.53 0.66
N VAL H 12 4.88 -3.28 0.91
CA VAL H 12 6.22 -2.93 1.37
C VAL H 12 6.26 -2.78 2.89
N LEU H 13 7.26 -3.37 3.53
CA LEU H 13 7.38 -3.32 4.99
C LEU H 13 8.79 -2.97 5.43
N LYS H 14 8.90 -2.28 6.55
CA LYS H 14 10.19 -2.02 7.14
C LYS H 14 10.50 -3.16 8.13
N THR H 15 11.76 -3.54 8.28
CA THR H 15 12.17 -4.55 9.27
C THR H 15 11.58 -4.22 10.65
N GLY H 16 10.93 -5.20 11.27
CA GLY H 16 10.33 -4.98 12.57
C GLY H 16 8.85 -4.63 12.52
N GLN H 17 8.34 -4.32 11.32
CA GLN H 17 6.93 -3.94 11.17
C GLN H 17 5.97 -5.13 11.21
N SER H 18 4.76 -4.90 11.69
CA SER H 18 3.71 -5.92 11.74
C SER H 18 2.89 -5.92 10.46
N MET H 19 2.38 -7.08 10.09
CA MET H 19 1.58 -7.20 8.88
C MET H 19 0.62 -8.36 9.08
N THR H 20 -0.64 -8.15 8.71
CA THR H 20 -1.58 -9.25 8.60
C THR H 20 -2.07 -9.42 7.16
N LEU H 21 -1.99 -10.66 6.65
CA LEU H 21 -2.58 -11.01 5.36
C LEU H 21 -3.93 -11.70 5.59
N GLN H 22 -4.93 -11.29 4.81
CA GLN H 22 -6.29 -11.84 4.93
C GLN H 22 -6.54 -12.89 3.88
N CYS H 23 -7.29 -13.92 4.23
CA CYS H 23 -7.73 -14.90 3.25
C CYS H 23 -9.13 -15.42 3.56
N ALA H 24 -10.00 -15.42 2.56
CA ALA H 24 -11.34 -15.98 2.72
C ALA H 24 -11.65 -16.90 1.54
N GLN H 25 -12.41 -17.95 1.79
CA GLN H 25 -12.88 -18.80 0.70
C GLN H 25 -14.39 -18.99 0.87
N ASP H 26 -15.08 -19.02 -0.27
CA ASP H 26 -16.54 -19.11 -0.28
C ASP H 26 -16.99 -20.40 -0.94
N MET H 27 -16.12 -21.40 -0.87
CA MET H 27 -16.42 -22.67 -1.51
C MET H 27 -16.92 -23.69 -0.49
N ASN H 28 -17.12 -23.22 0.74
CA ASN H 28 -17.51 -24.06 1.89
C ASN H 28 -16.52 -25.19 2.15
N HIS H 29 -15.25 -24.88 1.91
CA HIS H 29 -14.15 -25.80 2.17
C HIS H 29 -13.84 -25.89 3.67
N ASN H 30 -13.24 -27.00 4.11
CA ASN H 30 -12.87 -27.15 5.52
C ASN H 30 -11.41 -26.88 5.81
N SER H 31 -10.56 -27.09 4.80
CA SER H 31 -9.10 -27.02 5.00
C SER H 31 -8.51 -25.78 4.37
N MET H 32 -7.67 -25.06 5.11
CA MET H 32 -7.01 -23.86 4.59
C MET H 32 -5.51 -23.88 4.92
N TYR H 33 -4.74 -23.18 4.09
CA TYR H 33 -3.29 -23.28 4.09
C TYR H 33 -2.67 -21.92 3.79
N TRP H 34 -1.48 -21.67 4.35
CA TRP H 34 -0.66 -20.53 3.90
C TRP H 34 0.71 -21.03 3.41
N TYR H 35 1.07 -20.67 2.20
CA TYR H 35 2.35 -21.07 1.57
C TYR H 35 3.22 -19.85 1.30
N ARG H 36 4.55 -20.06 1.25
CA ARG H 36 5.40 -19.06 0.58
C ARG H 36 6.09 -19.67 -0.63
N GLN H 37 6.24 -18.85 -1.66
CA GLN H 37 6.90 -19.25 -2.88
C GLN H 37 8.10 -18.35 -3.12
N ASP H 38 9.27 -18.97 -3.19
CA ASP H 38 10.54 -18.27 -3.40
C ASP H 38 11.25 -18.86 -4.61
N PRO H 39 12.11 -18.07 -5.27
CA PRO H 39 12.83 -18.58 -6.46
C PRO H 39 13.70 -19.80 -6.15
N GLY H 40 13.65 -20.79 -7.03
CA GLY H 40 14.52 -21.92 -6.95
C GLY H 40 14.03 -23.05 -6.05
N MET H 41 12.85 -22.89 -5.45
CA MET H 41 12.34 -23.96 -4.60
C MET H 41 10.83 -24.16 -4.71
N GLY H 42 10.39 -25.32 -4.22
CA GLY H 42 8.98 -25.64 -4.17
C GLY H 42 8.26 -24.85 -3.11
N LEU H 43 6.94 -24.74 -3.27
CA LEU H 43 6.09 -24.12 -2.27
C LEU H 43 6.41 -24.71 -0.89
N ARG H 44 6.45 -23.86 0.14
CA ARG H 44 6.67 -24.35 1.49
C ARG H 44 5.50 -23.91 2.36
N LEU H 45 4.91 -24.88 3.06
CA LEU H 45 3.77 -24.66 3.96
C LEU H 45 4.24 -23.93 5.20
N ILE H 46 3.55 -22.83 5.52
CA ILE H 46 3.88 -22.05 6.71
C ILE H 46 3.07 -22.56 7.91
N TYR H 47 1.73 -22.49 7.79
CA TYR H 47 0.77 -23.02 8.76
C TYR H 47 -0.42 -23.57 8.01
N TYR H 48 -1.20 -24.43 8.63
CA TYR H 48 -2.43 -24.89 7.99
C TYR H 48 -3.56 -25.12 8.99
N SER H 49 -4.76 -25.35 8.47
CA SER H 49 -5.93 -25.53 9.32
C SER H 49 -6.78 -26.62 8.69
N ALA H 50 -6.68 -27.85 9.24
CA ALA H 50 -7.31 -29.00 8.59
C ALA H 50 -8.80 -28.86 8.64
N SER H 51 -9.28 -28.16 9.67
CA SER H 51 -10.70 -28.03 9.88
C SER H 51 -10.96 -26.77 10.68
N GLU H 52 -12.19 -26.26 10.69
CA GLU H 52 -12.50 -25.10 11.53
C GLU H 52 -12.18 -25.45 12.97
N GLY H 53 -11.54 -24.58 13.71
CA GLY H 53 -11.32 -24.90 15.12
C GLY H 53 -10.00 -25.59 15.42
N THR H 54 -9.15 -25.78 14.42
CA THR H 54 -7.80 -26.29 14.66
C THR H 54 -6.78 -25.76 13.65
N THR H 55 -5.57 -25.56 14.14
CA THR H 55 -4.49 -25.10 13.28
C THR H 55 -3.19 -25.76 13.70
N ASP H 56 -2.22 -25.83 12.80
CA ASP H 56 -0.92 -26.36 13.21
C ASP H 56 0.17 -25.82 12.30
N LYS H 57 1.41 -25.91 12.75
CA LYS H 57 2.55 -25.47 11.97
C LYS H 57 2.77 -26.28 10.72
N GLY H 58 3.32 -25.66 9.68
CA GLY H 58 3.79 -26.40 8.52
C GLY H 58 5.31 -26.60 8.63
N GLU H 59 6.00 -26.49 7.50
CA GLU H 59 7.45 -26.66 7.43
C GLU H 59 8.21 -25.40 7.91
N VAL H 60 7.67 -24.20 7.65
CA VAL H 60 8.38 -22.96 8.03
C VAL H 60 7.55 -21.95 8.85
N PRO H 61 7.17 -22.35 10.07
CA PRO H 61 6.32 -21.52 10.92
C PRO H 61 6.99 -20.34 11.62
N ASN H 62 8.32 -20.35 11.77
CA ASN H 62 8.96 -19.32 12.59
C ASN H 62 8.84 -17.93 11.97
N GLY H 63 8.37 -16.98 12.78
CA GLY H 63 8.20 -15.59 12.38
C GLY H 63 6.80 -15.31 11.91
N TYR H 64 5.96 -16.33 11.96
CA TYR H 64 4.57 -16.20 11.56
C TYR H 64 3.63 -16.74 12.62
N ASN H 65 2.36 -16.36 12.50
CA ASN H 65 1.30 -17.06 13.20
C ASN H 65 -0.01 -16.94 12.43
N VAL H 66 -1.00 -17.73 12.78
CA VAL H 66 -2.26 -17.71 12.03
C VAL H 66 -3.49 -17.72 12.93
N SER H 67 -4.61 -17.33 12.34
CA SER H 67 -5.89 -17.46 13.00
C SER H 67 -6.90 -18.01 12.02
N ARG H 68 -7.48 -19.17 12.35
CA ARG H 68 -8.63 -19.67 11.63
C ARG H 68 -9.80 -18.99 12.28
N LEU H 69 -10.18 -17.83 11.75
CA LEU H 69 -11.16 -16.99 12.41
C LEU H 69 -12.53 -17.64 12.42
N ASN H 70 -12.82 -18.39 11.37
CA ASN H 70 -14.12 -19.09 11.23
C ASN H 70 -13.96 -20.06 10.05
N LYS H 71 -15.04 -20.65 9.54
CA LYS H 71 -14.88 -21.63 8.46
C LYS H 71 -14.31 -20.99 7.17
N ARG H 72 -14.66 -19.72 6.95
CA ARG H 72 -14.26 -19.04 5.71
C ARG H 72 -12.87 -18.38 5.72
N GLU H 73 -12.39 -17.97 6.90
CA GLU H 73 -11.24 -17.07 6.95
C GLU H 73 -10.05 -17.60 7.72
N PHE H 74 -8.87 -17.36 7.16
CA PHE H 74 -7.61 -17.88 7.68
C PHE H 74 -6.54 -16.80 7.51
N SER H 75 -6.26 -16.04 8.57
CA SER H 75 -5.34 -14.92 8.43
C SER H 75 -3.90 -15.33 8.79
N LEU H 76 -2.94 -14.71 8.11
CA LEU H 76 -1.54 -14.90 8.39
C LEU H 76 -0.94 -13.63 8.98
N ARG H 77 -0.22 -13.79 10.08
CA ARG H 77 0.33 -12.68 10.83
C ARG H 77 1.85 -12.75 10.81
N LEU H 78 2.46 -11.65 10.38
CA LEU H 78 3.89 -11.42 10.53
C LEU H 78 4.03 -10.42 11.67
N GLU H 79 4.45 -10.85 12.84
CA GLU H 79 4.45 -9.90 13.93
C GLU H 79 5.60 -8.93 13.82
N SER H 80 6.79 -9.42 13.46
CA SER H 80 7.98 -8.56 13.33
C SER H 80 8.74 -8.85 12.02
N ALA H 81 8.41 -8.11 10.96
CA ALA H 81 8.86 -8.49 9.61
C ALA H 81 10.38 -8.59 9.51
N ALA H 82 10.86 -9.58 8.79
CA ALA H 82 12.31 -9.71 8.51
C ALA H 82 12.52 -9.76 7.01
N PRO H 83 13.68 -9.27 6.53
CA PRO H 83 13.97 -9.33 5.09
C PRO H 83 13.83 -10.73 4.48
N SER H 84 14.10 -11.77 5.26
CA SER H 84 13.98 -13.13 4.75
C SER H 84 12.52 -13.50 4.48
N GLN H 85 11.58 -12.71 5.01
CA GLN H 85 10.16 -12.97 4.76
C GLN H 85 9.71 -12.26 3.46
N THR H 86 10.65 -11.62 2.77
CA THR H 86 10.38 -11.09 1.43
C THR H 86 10.05 -12.31 0.60
N SER H 87 8.83 -12.34 0.07
CA SER H 87 8.36 -13.54 -0.60
C SER H 87 7.04 -13.27 -1.27
N VAL H 88 6.52 -14.28 -1.96
CA VAL H 88 5.15 -14.22 -2.43
C VAL H 88 4.34 -15.23 -1.64
N TYR H 89 3.29 -14.77 -0.97
CA TYR H 89 2.50 -15.62 -0.11
C TYR H 89 1.21 -16.06 -0.80
N PHE H 90 0.90 -17.35 -0.68
CA PHE H 90 -0.31 -17.90 -1.26
C PHE H 90 -1.18 -18.57 -0.23
N CYS H 91 -2.44 -18.13 -0.17
CA CYS H 91 -3.49 -18.80 0.57
C CYS H 91 -4.09 -19.88 -0.32
N ALA H 92 -4.46 -21.02 0.27
CA ALA H 92 -5.16 -22.06 -0.49
C ALA H 92 -6.17 -22.82 0.38
N SER H 93 -7.11 -23.49 -0.27
CA SER H 93 -8.08 -24.28 0.46
C SER H 93 -8.39 -25.59 -0.26
N SER H 94 -8.89 -26.57 0.50
CA SER H 94 -9.38 -27.82 -0.07
C SER H 94 -10.60 -28.27 0.71
N VAL H 95 -11.39 -29.14 0.11
CA VAL H 95 -12.61 -29.58 0.75
C VAL H 95 -12.28 -30.21 2.12
N TRP H 96 -11.34 -31.15 2.12
CA TRP H 96 -10.86 -31.75 3.37
C TRP H 96 -9.33 -31.93 3.35
N THR H 97 -8.80 -32.53 4.40
CA THR H 97 -7.37 -32.84 4.44
C THR H 97 -7.18 -34.32 4.69
N GLY H 98 -6.36 -34.98 3.86
CA GLY H 98 -6.04 -36.38 4.06
C GLY H 98 -7.22 -37.24 3.70
N GLU H 99 -8.13 -36.69 2.91
CA GLU H 99 -9.18 -37.48 2.30
C GLU H 99 -9.11 -37.47 0.79
N GLY H 100 -8.95 -38.67 0.24
CA GLY H 100 -8.75 -38.88 -1.18
C GLY H 100 -7.82 -37.98 -1.98
N SER H 101 -8.28 -37.73 -3.21
CA SER H 101 -7.55 -37.10 -4.31
C SER H 101 -7.76 -35.60 -4.46
N GLY H 102 -8.31 -34.96 -3.44
CA GLY H 102 -8.70 -33.57 -3.52
C GLY H 102 -7.60 -32.55 -3.75
N GLU H 103 -7.78 -31.69 -4.75
CA GLU H 103 -6.77 -30.68 -5.10
C GLU H 103 -6.86 -29.40 -4.25
N LEU H 104 -5.87 -28.52 -4.41
CA LEU H 104 -5.89 -27.22 -3.72
C LEU H 104 -6.46 -26.18 -4.68
N PHE H 105 -7.14 -25.19 -4.12
CA PHE H 105 -7.61 -24.02 -4.84
C PHE H 105 -6.84 -22.82 -4.28
N PHE H 106 -6.15 -22.06 -5.13
CA PHE H 106 -5.25 -21.01 -4.64
C PHE H 106 -5.79 -19.59 -4.76
N GLY H 107 -5.44 -18.74 -3.79
CA GLY H 107 -5.63 -17.31 -3.91
C GLY H 107 -4.66 -16.70 -4.90
N GLU H 108 -4.86 -15.41 -5.13
CA GLU H 108 -4.16 -14.68 -6.16
C GLU H 108 -2.73 -14.38 -5.75
N GLY H 109 -2.38 -14.60 -4.47
CA GLY H 109 -1.02 -14.33 -4.02
C GLY H 109 -0.79 -12.92 -3.47
N SER H 110 0.17 -12.77 -2.56
CA SER H 110 0.51 -11.49 -1.93
C SER H 110 2.00 -11.31 -1.97
N ARG H 111 2.47 -10.27 -2.66
CA ARG H 111 3.90 -10.02 -2.72
C ARG H 111 4.37 -9.08 -1.64
N LEU H 112 5.22 -9.59 -0.77
CA LEU H 112 5.80 -8.82 0.34
C LEU H 112 7.26 -8.58 0.10
N THR H 113 7.69 -7.33 0.27
CA THR H 113 9.10 -7.00 0.29
C THR H 113 9.40 -6.33 1.62
N VAL H 114 10.37 -6.87 2.33
CA VAL H 114 10.76 -6.32 3.63
C VAL H 114 12.15 -5.70 3.54
N LEU H 115 12.25 -4.43 3.93
CA LEU H 115 13.48 -3.65 3.81
C LEU H 115 13.96 -3.10 5.15
N GLU H 116 15.28 -3.03 5.34
CA GLU H 116 15.85 -2.45 6.56
C GLU H 116 15.48 -0.96 6.66
N ASP H 117 15.44 -0.33 5.49
CA ASP H 117 15.23 1.12 5.38
C ASP H 117 14.34 1.39 4.16
N LEU H 118 13.46 2.38 4.23
CA LEU H 118 12.59 2.62 3.08
C LEU H 118 13.21 3.64 2.12
N LYS H 119 14.46 4.02 2.37
CA LYS H 119 15.04 5.07 1.53
C LYS H 119 15.39 4.58 0.11
N ASN H 120 15.33 3.27 -0.14
CA ASN H 120 15.55 2.84 -1.51
C ASN H 120 14.25 2.58 -2.25
N VAL H 121 13.11 2.98 -1.71
CA VAL H 121 11.82 2.83 -2.40
C VAL H 121 11.62 3.99 -3.40
N PHE H 122 11.38 3.66 -4.67
CA PHE H 122 11.17 4.68 -5.74
C PHE H 122 10.00 4.29 -6.63
N PRO H 123 9.15 5.26 -7.01
CA PRO H 123 8.13 5.03 -8.05
C PRO H 123 8.80 4.97 -9.43
N PRO H 124 8.09 4.47 -10.46
CA PRO H 124 8.68 4.45 -11.80
C PRO H 124 8.62 5.83 -12.44
N GLU H 125 9.60 6.16 -13.26
CA GLU H 125 9.43 7.22 -14.25
C GLU H 125 8.79 6.53 -15.46
N VAL H 126 7.77 7.13 -16.07
CA VAL H 126 7.12 6.47 -17.20
C VAL H 126 7.20 7.34 -18.44
N ALA H 127 7.64 6.76 -19.57
CA ALA H 127 7.73 7.52 -20.82
C ALA H 127 7.26 6.65 -21.96
N VAL H 128 6.65 7.29 -22.96
CA VAL H 128 6.09 6.62 -24.13
C VAL H 128 6.82 7.12 -25.36
N PHE H 129 7.18 6.19 -26.24
CA PHE H 129 7.91 6.53 -27.45
C PHE H 129 7.12 6.18 -28.70
N GLU H 130 6.92 7.16 -29.57
CA GLU H 130 6.10 6.99 -30.75
C GLU H 130 6.82 6.14 -31.79
N PRO H 131 6.05 5.41 -32.61
CA PRO H 131 6.58 4.46 -33.60
C PRO H 131 7.48 5.08 -34.66
N SER H 132 8.43 4.28 -35.12
CA SER H 132 9.31 4.64 -36.20
C SER H 132 8.56 4.75 -37.54
N GLU H 133 8.78 5.82 -38.27
CA GLU H 133 8.18 5.95 -39.61
C GLU H 133 8.75 4.89 -40.55
N ALA H 134 10.00 4.50 -40.34
CA ALA H 134 10.59 3.44 -41.15
C ALA H 134 9.82 2.13 -40.92
N GLU H 135 9.45 1.86 -39.68
CA GLU H 135 8.65 0.65 -39.40
C GLU H 135 7.29 0.74 -40.10
N ILE H 136 6.66 1.91 -40.00
CA ILE H 136 5.36 2.10 -40.61
C ILE H 136 5.44 1.85 -42.11
N SER H 137 6.47 2.39 -42.74
CA SER H 137 6.61 2.30 -44.19
C SER H 137 7.05 0.89 -44.64
N HIS H 138 7.84 0.22 -43.81
CA HIS H 138 8.31 -1.13 -44.16
C HIS H 138 7.29 -2.23 -43.85
N THR H 139 6.44 -2.03 -42.86
CA THR H 139 5.59 -3.13 -42.39
C THR H 139 4.09 -2.85 -42.34
N GLN H 140 3.70 -1.58 -42.48
CA GLN H 140 2.31 -1.16 -42.35
C GLN H 140 1.81 -1.42 -40.93
N LYS H 141 2.74 -1.52 -39.99
CA LYS H 141 2.45 -1.63 -38.57
C LYS H 141 3.22 -0.57 -37.79
N ALA H 142 2.79 -0.32 -36.57
CA ALA H 142 3.36 0.74 -35.77
C ALA H 142 3.44 0.30 -34.33
N THR H 143 4.65 0.25 -33.79
CA THR H 143 4.89 -0.21 -32.45
C THR H 143 5.19 0.97 -31.53
N LEU H 144 4.32 1.20 -30.55
CA LEU H 144 4.66 2.11 -29.45
C LEU H 144 5.43 1.39 -28.35
N VAL H 145 6.33 2.11 -27.69
CA VAL H 145 7.03 1.53 -26.54
C VAL H 145 6.81 2.37 -25.29
N CYS H 146 6.51 1.70 -24.18
CA CYS H 146 6.43 2.31 -22.87
C CYS H 146 7.62 1.80 -22.04
N LEU H 147 8.33 2.72 -21.40
CA LEU H 147 9.41 2.37 -20.48
C LEU H 147 9.08 2.86 -19.08
N ALA H 148 9.05 1.94 -18.12
CA ALA H 148 8.92 2.31 -16.71
C ALA H 148 10.26 2.01 -16.07
N THR H 149 10.93 3.03 -15.54
CA THR H 149 12.33 2.87 -15.12
C THR H 149 12.62 3.42 -13.73
N GLY H 150 13.66 2.89 -13.10
CA GLY H 150 14.12 3.38 -11.80
C GLY H 150 13.25 3.05 -10.60
N PHE H 151 12.34 2.07 -10.70
CA PHE H 151 11.43 1.81 -9.58
C PHE H 151 11.96 0.71 -8.65
N TYR H 152 11.48 0.72 -7.41
CA TYR H 152 11.89 -0.25 -6.41
C TYR H 152 10.93 -0.18 -5.24
N PRO H 153 10.45 -1.32 -4.74
CA PRO H 153 10.67 -2.71 -5.18
C PRO H 153 9.90 -2.99 -6.47
N ASP H 154 9.91 -4.25 -6.92
CA ASP H 154 9.20 -4.68 -8.14
C ASP H 154 7.71 -4.91 -7.86
N HIS H 155 6.99 -3.81 -7.61
CA HIS H 155 5.58 -3.85 -7.23
C HIS H 155 4.81 -2.96 -8.21
N VAL H 156 4.68 -3.39 -9.47
CA VAL H 156 4.04 -2.52 -10.47
C VAL H 156 3.05 -3.28 -11.33
N GLU H 157 2.08 -2.56 -11.87
CA GLU H 157 1.17 -3.11 -12.86
C GLU H 157 1.10 -2.11 -14.00
N LEU H 158 1.58 -2.52 -15.16
CA LEU H 158 1.59 -1.65 -16.30
C LEU H 158 0.37 -2.01 -17.19
N SER H 159 -0.29 -1.00 -17.73
CA SER H 159 -1.38 -1.25 -18.68
C SER H 159 -1.40 -0.18 -19.75
N TRP H 160 -1.98 -0.53 -20.90
CA TRP H 160 -2.15 0.36 -22.03
C TRP H 160 -3.63 0.76 -22.13
N TRP H 161 -3.87 2.01 -22.48
CA TRP H 161 -5.25 2.52 -22.62
C TRP H 161 -5.34 3.21 -23.95
N VAL H 162 -6.26 2.74 -24.78
CA VAL H 162 -6.47 3.29 -26.10
C VAL H 162 -7.87 3.90 -26.18
N ASN H 163 -7.91 5.21 -26.41
CA ASN H 163 -9.18 5.93 -26.43
C ASN H 163 -9.98 5.70 -25.15
N GLY H 164 -9.29 5.64 -24.02
CA GLY H 164 -9.94 5.60 -22.71
C GLY H 164 -10.29 4.21 -22.20
N LYS H 165 -10.00 3.20 -23.00
CA LYS H 165 -10.31 1.84 -22.62
C LYS H 165 -9.03 0.99 -22.58
N GLU H 166 -8.89 0.17 -21.55
CA GLU H 166 -7.72 -0.68 -21.42
C GLU H 166 -7.67 -1.70 -22.57
N VAL H 167 -6.49 -1.95 -23.12
CA VAL H 167 -6.34 -2.98 -24.17
C VAL H 167 -5.29 -4.00 -23.81
N HIS H 168 -5.42 -5.18 -24.42
CA HIS H 168 -4.51 -6.30 -24.18
C HIS H 168 -4.04 -6.87 -25.49
N SER H 169 -4.90 -6.82 -26.49
CA SER H 169 -4.51 -7.27 -27.83
C SER H 169 -3.45 -6.34 -28.41
N GLY H 170 -2.36 -6.94 -28.90
CA GLY H 170 -1.27 -6.21 -29.50
C GLY H 170 -0.23 -5.73 -28.49
N VAL H 171 -0.39 -6.17 -27.24
CA VAL H 171 0.48 -5.73 -26.15
C VAL H 171 1.50 -6.80 -25.75
N CYS H 172 2.74 -6.43 -25.52
CA CYS H 172 3.63 -7.38 -24.85
C CYS H 172 4.44 -6.64 -23.82
N THR H 173 4.30 -7.05 -22.56
CA THR H 173 5.02 -6.45 -21.45
C THR H 173 6.01 -7.49 -20.95
N ASP H 174 7.26 -7.10 -20.73
CA ASP H 174 8.29 -8.06 -20.21
C ASP H 174 7.73 -8.82 -19.00
N PRO H 175 7.88 -10.16 -18.99
CA PRO H 175 7.35 -10.87 -17.81
C PRO H 175 8.19 -10.61 -16.54
N GLN H 176 9.44 -10.21 -16.73
CA GLN H 176 10.35 -9.94 -15.62
C GLN H 176 11.01 -8.57 -15.79
N PRO H 177 11.18 -7.83 -14.69
CA PRO H 177 11.84 -6.51 -14.76
C PRO H 177 13.32 -6.67 -15.00
N LEU H 178 13.96 -5.65 -15.53
CA LEU H 178 15.39 -5.64 -15.69
C LEU H 178 16.03 -4.95 -14.48
N LYS H 179 17.09 -5.52 -13.93
CA LYS H 179 17.83 -4.83 -12.87
C LYS H 179 18.71 -3.81 -13.55
N GLU H 180 18.54 -2.55 -13.21
CA GLU H 180 19.30 -1.51 -13.85
C GLU H 180 20.78 -1.62 -13.51
N GLN H 181 21.06 -2.25 -12.36
CA GLN H 181 22.44 -2.55 -11.95
C GLN H 181 22.53 -3.97 -11.36
N PRO H 182 22.61 -4.97 -12.23
CA PRO H 182 22.52 -6.41 -11.91
C PRO H 182 23.37 -6.83 -10.71
N ALA H 183 24.50 -6.16 -10.48
CA ALA H 183 25.40 -6.55 -9.38
C ALA H 183 24.89 -6.14 -8.00
N LEU H 184 24.20 -4.99 -7.91
CA LEU H 184 23.71 -4.52 -6.61
C LEU H 184 22.48 -5.30 -6.17
N ASN H 185 22.43 -5.64 -4.87
CA ASN H 185 21.35 -6.46 -4.36
C ASN H 185 20.00 -5.75 -4.36
N ASP H 186 20.02 -4.44 -4.20
CA ASP H 186 18.80 -3.65 -4.17
C ASP H 186 18.69 -2.69 -5.36
N SER H 187 19.22 -3.16 -6.50
CA SER H 187 19.13 -2.43 -7.76
C SER H 187 17.71 -1.96 -8.06
N ARG H 188 17.56 -0.76 -8.60
CA ARG H 188 16.24 -0.34 -9.04
C ARG H 188 15.95 -1.09 -10.34
N TYR H 189 14.70 -1.05 -10.79
CA TYR H 189 14.23 -1.90 -11.89
C TYR H 189 13.78 -1.14 -13.10
N ALA H 190 13.81 -1.81 -14.24
CA ALA H 190 13.22 -1.25 -15.45
C ALA H 190 12.29 -2.28 -16.07
N LEU H 191 11.25 -1.79 -16.73
CA LEU H 191 10.25 -2.63 -17.38
C LEU H 191 9.81 -2.00 -18.71
N SER H 192 9.79 -2.79 -19.79
CA SER H 192 9.35 -2.27 -21.06
C SER H 192 8.11 -3.00 -21.52
N SER H 193 7.32 -2.30 -22.30
CA SER H 193 6.12 -2.84 -22.90
C SER H 193 6.00 -2.27 -24.31
N ARG H 194 5.38 -3.05 -25.19
CA ARG H 194 5.09 -2.61 -26.55
C ARG H 194 3.60 -2.72 -26.80
N LEU H 195 3.07 -1.78 -27.58
CA LEU H 195 1.73 -1.89 -28.12
C LEU H 195 1.86 -1.76 -29.64
N ARG H 196 1.46 -2.79 -30.38
CA ARG H 196 1.59 -2.71 -31.83
C ARG H 196 0.21 -2.61 -32.49
N VAL H 197 0.04 -1.63 -33.36
CA VAL H 197 -1.23 -1.47 -34.03
C VAL H 197 -1.00 -1.35 -35.55
N SER H 198 -2.06 -1.39 -36.34
CA SER H 198 -1.89 -1.17 -37.78
C SER H 198 -1.45 0.29 -38.03
N ALA H 199 -0.73 0.52 -39.12
CA ALA H 199 -0.35 1.88 -39.50
C ALA H 199 -1.60 2.76 -39.66
N THR H 200 -2.65 2.22 -40.27
CA THR H 200 -3.93 2.92 -40.37
C THR H 200 -4.46 3.41 -39.01
N PHE H 201 -4.36 2.59 -37.97
CA PHE H 201 -4.85 2.99 -36.65
C PHE H 201 -3.93 4.06 -36.08
N TRP H 202 -2.62 3.91 -36.24
CA TRP H 202 -1.69 4.91 -35.71
C TRP H 202 -1.91 6.24 -36.39
N GLN H 203 -2.28 6.21 -37.67
CA GLN H 203 -2.34 7.43 -38.48
C GLN H 203 -3.63 8.25 -38.36
N ASN H 204 -4.59 7.75 -37.60
CA ASN H 204 -5.77 8.51 -37.25
C ASN H 204 -5.42 9.48 -36.12
N PRO H 205 -5.47 10.80 -36.40
CA PRO H 205 -5.01 11.82 -35.45
C PRO H 205 -5.84 11.88 -34.19
N ARG H 206 -7.02 11.28 -34.20
CA ARG H 206 -7.82 11.35 -33.00
C ARG H 206 -7.73 10.08 -32.13
N ASN H 207 -6.87 9.13 -32.49
CA ASN H 207 -6.61 8.03 -31.57
C ASN H 207 -5.60 8.43 -30.49
N HIS H 208 -5.93 8.09 -29.24
CA HIS H 208 -5.15 8.50 -28.07
C HIS H 208 -4.61 7.25 -27.37
N PHE H 209 -3.32 7.26 -27.04
CA PHE H 209 -2.67 6.12 -26.43
C PHE H 209 -2.07 6.48 -25.08
N ARG H 210 -2.28 5.65 -24.06
CA ARG H 210 -1.64 5.93 -22.78
C ARG H 210 -1.05 4.68 -22.13
N CYS H 211 0.18 4.81 -21.63
CA CYS H 211 0.81 3.78 -20.82
C CYS H 211 0.64 4.17 -19.36
N GLN H 212 0.03 3.30 -18.54
CA GLN H 212 -0.22 3.63 -17.16
C GLN H 212 0.47 2.60 -16.24
N VAL H 213 1.18 3.07 -15.23
CA VAL H 213 1.81 2.15 -14.29
C VAL H 213 1.33 2.44 -12.87
N GLN H 214 0.68 1.45 -12.28
CA GLN H 214 0.32 1.48 -10.88
C GLN H 214 1.53 1.04 -10.07
N PHE H 215 1.97 1.89 -9.14
CA PHE H 215 3.09 1.53 -8.27
C PHE H 215 2.57 1.33 -6.87
N TYR H 216 2.97 0.25 -6.19
CA TYR H 216 2.56 0.01 -4.81
C TYR H 216 3.74 0.30 -3.92
N GLY H 217 3.59 1.31 -3.06
CA GLY H 217 4.71 1.85 -2.32
C GLY H 217 4.32 2.12 -0.88
N LEU H 218 4.65 3.31 -0.39
CA LEU H 218 4.38 3.64 1.00
C LEU H 218 2.96 4.17 1.24
N SER H 219 2.50 4.12 2.48
CA SER H 219 1.21 4.70 2.87
C SER H 219 1.42 5.76 3.95
N GLU H 220 0.33 6.36 4.44
CA GLU H 220 0.42 7.47 5.39
C GLU H 220 1.27 7.18 6.63
N ASN H 221 1.08 6.03 7.23
CA ASN H 221 1.77 5.70 8.47
C ASN H 221 3.26 5.43 8.30
N ASP H 222 3.68 5.02 7.11
CA ASP H 222 5.10 4.83 6.86
C ASP H 222 5.85 6.13 7.11
N GLU H 223 6.91 6.05 7.92
CA GLU H 223 7.73 7.22 8.20
C GLU H 223 8.62 7.58 7.01
N TRP H 224 8.72 8.87 6.72
CA TRP H 224 9.59 9.31 5.64
C TRP H 224 10.50 10.46 6.12
N THR H 225 11.81 10.34 5.87
CA THR H 225 12.78 11.31 6.37
C THR H 225 13.69 11.81 5.25
N GLN H 226 13.54 11.31 4.04
CA GLN H 226 14.39 11.74 2.93
C GLN H 226 14.01 13.10 2.33
N ASP H 227 14.95 13.69 1.59
CA ASP H 227 14.77 14.99 0.95
C ASP H 227 13.82 14.94 -0.23
N ARG H 228 13.85 13.82 -0.94
CA ARG H 228 12.99 13.61 -2.09
C ARG H 228 11.56 13.30 -1.62
N ALA H 229 10.62 13.33 -2.56
CA ALA H 229 9.23 13.07 -2.28
C ALA H 229 8.99 11.66 -1.73
N LYS H 230 8.06 11.54 -0.80
CA LYS H 230 7.69 10.23 -0.25
C LYS H 230 7.10 9.32 -1.34
N PRO H 231 7.68 8.11 -1.53
CA PRO H 231 7.28 7.21 -2.62
C PRO H 231 6.01 6.44 -2.31
N VAL H 232 4.88 7.14 -2.27
CA VAL H 232 3.61 6.55 -1.90
C VAL H 232 3.07 5.75 -3.09
N THR H 233 2.12 4.87 -2.81
CA THR H 233 1.35 4.17 -3.83
C THR H 233 0.74 5.20 -4.77
N GLN H 234 0.85 4.98 -6.07
CA GLN H 234 0.49 6.02 -7.02
C GLN H 234 0.46 5.46 -8.40
N ILE H 235 -0.19 6.21 -9.29
CA ILE H 235 -0.24 5.88 -10.70
C ILE H 235 0.58 6.92 -11.46
N VAL H 236 1.49 6.46 -12.30
CA VAL H 236 2.32 7.33 -13.13
C VAL H 236 2.04 6.95 -14.58
N SER H 237 1.77 7.94 -15.46
CA SER H 237 1.42 7.65 -16.84
CA SER H 237 1.46 7.60 -16.85
C SER H 237 2.12 8.55 -17.84
N ALA H 238 2.12 8.15 -19.10
CA ALA H 238 2.60 9.00 -20.19
C ALA H 238 1.72 8.69 -21.39
N GLU H 239 1.60 9.63 -22.34
CA GLU H 239 0.63 9.41 -23.39
C GLU H 239 1.18 9.79 -24.76
N ALA H 240 0.44 9.43 -25.80
CA ALA H 240 0.73 9.85 -27.16
C ALA H 240 -0.57 9.88 -27.97
N TRP H 241 -0.61 10.71 -29.00
CA TRP H 241 -1.71 10.74 -29.94
C TRP H 241 -1.24 10.26 -31.30
N GLY H 242 -2.17 9.72 -32.09
CA GLY H 242 -1.91 9.32 -33.46
C GLY H 242 -1.43 10.53 -34.25
N ARG H 243 -0.85 10.28 -35.42
CA ARG H 243 -0.20 11.32 -36.19
C ARG H 243 -0.54 11.15 -37.65
#